data_4RWC
# 
_entry.id   4RWC 
# 
_audit_conform.dict_name       mmcif_pdbx.dic 
_audit_conform.dict_version    5.398 
_audit_conform.dict_location   http://mmcif.pdb.org/dictionaries/ascii/mmcif_pdbx.dic 
# 
loop_
_database_2.database_id 
_database_2.database_code 
_database_2.pdbx_database_accession 
_database_2.pdbx_DOI 
PDB   4RWC         pdb_00004rwc 10.2210/pdb4rwc/pdb 
RCSB  RCSB087876   ?            ?                   
WWPDB D_1000087876 ?            ?                   
# 
loop_
_pdbx_audit_revision_history.ordinal 
_pdbx_audit_revision_history.data_content_type 
_pdbx_audit_revision_history.major_revision 
_pdbx_audit_revision_history.minor_revision 
_pdbx_audit_revision_history.revision_date 
1 'Structure model' 1 0 2015-10-14 
2 'Structure model' 1 1 2015-11-11 
3 'Structure model' 1 2 2020-07-29 
4 'Structure model' 1 3 2024-11-06 
# 
loop_
_pdbx_audit_revision_details.ordinal 
_pdbx_audit_revision_details.revision_ordinal 
_pdbx_audit_revision_details.data_content_type 
_pdbx_audit_revision_details.provider 
_pdbx_audit_revision_details.type 
_pdbx_audit_revision_details.description 
_pdbx_audit_revision_details.details 
1 1 'Structure model' repository 'Initial release' ?                          ? 
2 3 'Structure model' repository Remediation       'Carbohydrate remediation' ? 
# 
loop_
_pdbx_audit_revision_group.ordinal 
_pdbx_audit_revision_group.revision_ordinal 
_pdbx_audit_revision_group.data_content_type 
_pdbx_audit_revision_group.group 
1 2 'Structure model' 'Database references'  
2 3 'Structure model' 'Data collection'      
3 3 'Structure model' 'Database references'  
4 3 'Structure model' 'Derived calculations' 
5 3 'Structure model' 'Structure summary'    
6 4 'Structure model' 'Data collection'      
7 4 'Structure model' 'Database references'  
8 4 'Structure model' 'Structure summary'    
# 
loop_
_pdbx_audit_revision_category.ordinal 
_pdbx_audit_revision_category.revision_ordinal 
_pdbx_audit_revision_category.data_content_type 
_pdbx_audit_revision_category.category 
1  3 'Structure model' chem_comp                 
2  3 'Structure model' entity                    
3  3 'Structure model' pdbx_chem_comp_identifier 
4  3 'Structure model' pdbx_entity_nonpoly       
5  3 'Structure model' struct_conn               
6  3 'Structure model' struct_ref_seq_dif        
7  3 'Structure model' struct_site               
8  3 'Structure model' struct_site_gen           
9  4 'Structure model' chem_comp                 
10 4 'Structure model' chem_comp_atom            
11 4 'Structure model' chem_comp_bond            
12 4 'Structure model' database_2                
13 4 'Structure model' pdbx_entry_details        
14 4 'Structure model' pdbx_modification_feature 
# 
loop_
_pdbx_audit_revision_item.ordinal 
_pdbx_audit_revision_item.revision_ordinal 
_pdbx_audit_revision_item.data_content_type 
_pdbx_audit_revision_item.item 
1  3 'Structure model' '_chem_comp.mon_nstd_flag'            
2  3 'Structure model' '_chem_comp.name'                     
3  3 'Structure model' '_chem_comp.type'                     
4  3 'Structure model' '_entity.pdbx_description'            
5  3 'Structure model' '_pdbx_entity_nonpoly.name'           
6  3 'Structure model' '_struct_conn.pdbx_leaving_atom_flag' 
7  3 'Structure model' '_struct_ref_seq_dif.details'         
8  4 'Structure model' '_chem_comp.pdbx_synonyms'            
9  4 'Structure model' '_database_2.pdbx_DOI'                
10 4 'Structure model' '_database_2.pdbx_database_accession' 
# 
_pdbx_database_status.entry_id                        4RWC 
_pdbx_database_status.status_code                     REL 
_pdbx_database_status.deposit_site                    RCSB 
_pdbx_database_status.process_site                    RCSB 
_pdbx_database_status.recvd_initial_deposition_date   2014-12-02 
_pdbx_database_status.status_code_sf                  REL 
_pdbx_database_status.status_code_mr                  ? 
_pdbx_database_status.SG_entry                        ? 
_pdbx_database_status.status_code_cs                  ? 
_pdbx_database_status.methods_development_category    ? 
_pdbx_database_status.pdb_format_compatible           Y 
_pdbx_database_status.status_code_nmr_data            ? 
# 
_pdbx_database_related.db_name        PDB 
_pdbx_database_related.db_id          4RWB 
_pdbx_database_related.details        . 
_pdbx_database_related.content_type   unspecified 
# 
loop_
_audit_author.name 
_audit_author.pdbx_ordinal 
'Mortenson, D.E.'   1 
'Steinkruger, J.D.' 2 
'Kreitler, D.F.'    3 
'Gellman, S.H.'     4 
'Forest, K.T.'      5 
# 
_citation.id                        primary 
_citation.title                     'High-resolution structures of a heterochiral coiled coil.' 
_citation.journal_abbrev            Proc.Natl.Acad.Sci.USA 
_citation.journal_volume            112 
_citation.page_first                13144 
_citation.page_last                 13149 
_citation.year                      2015 
_citation.journal_id_ASTM           PNASA6 
_citation.country                   US 
_citation.journal_id_ISSN           0027-8424 
_citation.journal_id_CSD            0040 
_citation.book_publisher            ? 
_citation.pdbx_database_id_PubMed   26460035 
_citation.pdbx_database_id_DOI      10.1073/pnas.1507918112 
# 
loop_
_citation_author.citation_id 
_citation_author.name 
_citation_author.ordinal 
_citation_author.identifier_ORCID 
primary 'Mortenson, D.E.'   1  ? 
primary 'Steinkruger, J.D.' 2  ? 
primary 'Kreitler, D.F.'    3  ? 
primary 'Perroni, D.V.'     4  ? 
primary 'Sorenson, G.P.'    5  ? 
primary 'Huang, L.'         6  ? 
primary 'Mittal, R.'        7  ? 
primary 'Yun, H.G.'         8  ? 
primary 'Travis, B.R.'      9  ? 
primary 'Mahanthappa, M.K.' 10 ? 
primary 'Forest, K.T.'      11 ? 
primary 'Gellman, S.H.'     12 ? 
# 
loop_
_entity.id 
_entity.type 
_entity.src_method 
_entity.pdbx_description 
_entity.formula_weight 
_entity.pdbx_number_of_molecules 
_entity.pdbx_ec 
_entity.pdbx_mutation 
_entity.pdbx_fragment 
_entity.details 
1 polymer     syn 'Matrix protein 2'             2479.123 1  ? G34A 'transmembrane domain' ? 
2 non-polymer man 'octyl beta-D-glucopyranoside' 292.369  3  ? ?    ?                      ? 
3 water       nat water                          18.015   28 ? ?    ?                      ? 
# 
_entity_name_com.entity_id   1 
_entity_name_com.name        'Proton channel protein M2' 
# 
_entity_poly.entity_id                      1 
_entity_poly.type                           'polypeptide(L)' 
_entity_poly.nstd_linkage                   no 
_entity_poly.nstd_monomer                   yes 
_entity_poly.pdbx_seq_one_letter_code       '(ACE)PLVVAASIIAILHLILWILDRL(NH2)' 
_entity_poly.pdbx_seq_one_letter_code_can   XPLVVAASIIAILHLILWILDRLX 
_entity_poly.pdbx_strand_id                 A 
_entity_poly.pdbx_target_identifier         ? 
# 
loop_
_pdbx_entity_nonpoly.entity_id 
_pdbx_entity_nonpoly.name 
_pdbx_entity_nonpoly.comp_id 
2 'octyl beta-D-glucopyranoside' BOG 
3 water                          HOH 
# 
loop_
_entity_poly_seq.entity_id 
_entity_poly_seq.num 
_entity_poly_seq.mon_id 
_entity_poly_seq.hetero 
1 1  ACE n 
1 2  PRO n 
1 3  LEU n 
1 4  VAL n 
1 5  VAL n 
1 6  ALA n 
1 7  ALA n 
1 8  SER n 
1 9  ILE n 
1 10 ILE n 
1 11 ALA n 
1 12 ILE n 
1 13 LEU n 
1 14 HIS n 
1 15 LEU n 
1 16 ILE n 
1 17 LEU n 
1 18 TRP n 
1 19 ILE n 
1 20 LEU n 
1 21 ASP n 
1 22 ARG n 
1 23 LEU n 
1 24 NH2 n 
# 
_pdbx_entity_src_syn.entity_id              1 
_pdbx_entity_src_syn.pdbx_src_id            1 
_pdbx_entity_src_syn.pdbx_alt_source_flag   sample 
_pdbx_entity_src_syn.pdbx_beg_seq_num       ? 
_pdbx_entity_src_syn.pdbx_end_seq_num       ? 
_pdbx_entity_src_syn.organism_scientific    'Influenza A virus' 
_pdbx_entity_src_syn.organism_common_name   ? 
_pdbx_entity_src_syn.ncbi_taxonomy_id       130763 
_pdbx_entity_src_syn.details                'Generated via solid-phase peptide synthesis.' 
# 
loop_
_chem_comp.id 
_chem_comp.type 
_chem_comp.mon_nstd_flag 
_chem_comp.name 
_chem_comp.pdbx_synonyms 
_chem_comp.formula 
_chem_comp.formula_weight 
ACE non-polymer         . 'ACETYL GROUP'                 ? 'C2 H4 O'        44.053  
ALA 'L-peptide linking' y ALANINE                        ? 'C3 H7 N O2'     89.093  
ARG 'L-peptide linking' y ARGININE                       ? 'C6 H15 N4 O2 1' 175.209 
ASP 'L-peptide linking' y 'ASPARTIC ACID'                ? 'C4 H7 N O4'     133.103 
BOG D-saccharide        n 'octyl beta-D-glucopyranoside' 
'Beta-Octylglucoside; octyl beta-D-glucoside; octyl D-glucoside; octyl glucoside' 'C14 H28 O6'     292.369 
GLY 'peptide linking'   y GLYCINE                        ? 'C2 H5 N O2'     75.067  
HIS 'L-peptide linking' y HISTIDINE                      ? 'C6 H10 N3 O2 1' 156.162 
HOH non-polymer         . WATER                          ? 'H2 O'           18.015  
ILE 'L-peptide linking' y ISOLEUCINE                     ? 'C6 H13 N O2'    131.173 
LEU 'L-peptide linking' y LEUCINE                        ? 'C6 H13 N O2'    131.173 
NH2 non-polymer         . 'AMINO GROUP'                  ? 'H2 N'           16.023  
PRO 'L-peptide linking' y PROLINE                        ? 'C5 H9 N O2'     115.130 
SER 'L-peptide linking' y SERINE                         ? 'C3 H7 N O3'     105.093 
TRP 'L-peptide linking' y TRYPTOPHAN                     ? 'C11 H12 N2 O2'  204.225 
VAL 'L-peptide linking' y VALINE                         ? 'C5 H11 N O2'    117.146 
# 
_pdbx_chem_comp_identifier.comp_id           BOG 
_pdbx_chem_comp_identifier.type              'IUPAC CARBOHYDRATE SYMBOL' 
_pdbx_chem_comp_identifier.program           PDB-CARE 
_pdbx_chem_comp_identifier.program_version   1.0 
_pdbx_chem_comp_identifier.identifier        b-octylglucoside 
# 
loop_
_pdbx_poly_seq_scheme.asym_id 
_pdbx_poly_seq_scheme.entity_id 
_pdbx_poly_seq_scheme.seq_id 
_pdbx_poly_seq_scheme.mon_id 
_pdbx_poly_seq_scheme.ndb_seq_num 
_pdbx_poly_seq_scheme.pdb_seq_num 
_pdbx_poly_seq_scheme.auth_seq_num 
_pdbx_poly_seq_scheme.pdb_mon_id 
_pdbx_poly_seq_scheme.auth_mon_id 
_pdbx_poly_seq_scheme.pdb_strand_id 
_pdbx_poly_seq_scheme.pdb_ins_code 
_pdbx_poly_seq_scheme.hetero 
A 1 1  ACE 1  24 24 ACE ACE A . n 
A 1 2  PRO 2  25 25 PRO PRO A . n 
A 1 3  LEU 3  26 26 LEU LEU A . n 
A 1 4  VAL 4  27 27 VAL VAL A . n 
A 1 5  VAL 5  28 28 VAL VAL A . n 
A 1 6  ALA 6  29 29 ALA ALA A . n 
A 1 7  ALA 7  30 30 ALA ALA A . n 
A 1 8  SER 8  31 31 SER SER A . n 
A 1 9  ILE 9  32 32 ILE ILE A . n 
A 1 10 ILE 10 33 33 ILE ILE A . n 
A 1 11 ALA 11 34 34 ALA ALA A . n 
A 1 12 ILE 12 35 35 ILE ILE A . n 
A 1 13 LEU 13 36 36 LEU LEU A . n 
A 1 14 HIS 14 37 37 HIS HIS A . n 
A 1 15 LEU 15 38 38 LEU LEU A . n 
A 1 16 ILE 16 39 39 ILE ILE A . n 
A 1 17 LEU 17 40 40 LEU LEU A . n 
A 1 18 TRP 18 41 41 TRP TRP A . n 
A 1 19 ILE 19 42 42 ILE ILE A . n 
A 1 20 LEU 20 43 43 LEU LEU A . n 
A 1 21 ASP 21 44 44 ASP ASP A . n 
A 1 22 ARG 22 45 45 ARG ARG A . n 
A 1 23 LEU 23 46 46 LEU LEU A . n 
A 1 24 NH2 24 47 47 NH2 NH2 A . n 
# 
loop_
_pdbx_nonpoly_scheme.asym_id 
_pdbx_nonpoly_scheme.entity_id 
_pdbx_nonpoly_scheme.mon_id 
_pdbx_nonpoly_scheme.ndb_seq_num 
_pdbx_nonpoly_scheme.pdb_seq_num 
_pdbx_nonpoly_scheme.auth_seq_num 
_pdbx_nonpoly_scheme.pdb_mon_id 
_pdbx_nonpoly_scheme.auth_mon_id 
_pdbx_nonpoly_scheme.pdb_strand_id 
_pdbx_nonpoly_scheme.pdb_ins_code 
B 2 BOG 1  101 1  BOG BOG A . 
C 2 BOG 1  102 2  BOG BOG A . 
D 2 BOG 1  103 3  BOG BOG A . 
E 3 HOH 1  201 1  HOH HOH A . 
E 3 HOH 2  202 2  HOH HOH A . 
E 3 HOH 3  203 3  HOH HOH A . 
E 3 HOH 4  204 4  HOH HOH A . 
E 3 HOH 5  205 5  HOH HOH A . 
E 3 HOH 6  206 6  HOH HOH A . 
E 3 HOH 7  207 7  HOH HOH A . 
E 3 HOH 8  208 8  HOH HOH A . 
E 3 HOH 9  209 9  HOH HOH A . 
E 3 HOH 10 210 10 HOH HOH A . 
E 3 HOH 11 211 11 HOH HOH A . 
E 3 HOH 12 212 12 HOH HOH A . 
E 3 HOH 13 213 13 HOH HOH A . 
E 3 HOH 14 214 14 HOH HOH A . 
E 3 HOH 15 215 15 HOH HOH A . 
E 3 HOH 16 216 16 HOH HOH A . 
E 3 HOH 17 217 17 HOH HOH A . 
E 3 HOH 18 218 18 HOH HOH A . 
E 3 HOH 19 219 19 HOH HOH A . 
E 3 HOH 20 220 20 HOH HOH A . 
E 3 HOH 21 221 21 HOH HOH A . 
E 3 HOH 22 222 22 HOH HOH A . 
E 3 HOH 23 223 23 HOH HOH A . 
E 3 HOH 24 224 24 HOH HOH A . 
E 3 HOH 25 225 25 HOH HOH A . 
E 3 HOH 26 226 26 HOH HOH A . 
E 3 HOH 27 227 27 HOH HOH A . 
E 3 HOH 28 228 28 HOH HOH A . 
# 
loop_
_pdbx_unobs_or_zero_occ_atoms.id 
_pdbx_unobs_or_zero_occ_atoms.PDB_model_num 
_pdbx_unobs_or_zero_occ_atoms.polymer_flag 
_pdbx_unobs_or_zero_occ_atoms.occupancy_flag 
_pdbx_unobs_or_zero_occ_atoms.auth_asym_id 
_pdbx_unobs_or_zero_occ_atoms.auth_comp_id 
_pdbx_unobs_or_zero_occ_atoms.auth_seq_id 
_pdbx_unobs_or_zero_occ_atoms.PDB_ins_code 
_pdbx_unobs_or_zero_occ_atoms.auth_atom_id 
_pdbx_unobs_or_zero_occ_atoms.label_alt_id 
_pdbx_unobs_or_zero_occ_atoms.label_asym_id 
_pdbx_unobs_or_zero_occ_atoms.label_comp_id 
_pdbx_unobs_or_zero_occ_atoms.label_seq_id 
_pdbx_unobs_or_zero_occ_atoms.label_atom_id 
1  1 N 1 A BOG 102 ? C1 ? C BOG 1 C1 
2  1 N 1 A BOG 102 ? O1 ? C BOG 1 O1 
3  1 N 1 A BOG 102 ? C2 ? C BOG 1 C2 
4  1 N 1 A BOG 102 ? O2 ? C BOG 1 O2 
5  1 N 1 A BOG 102 ? C3 ? C BOG 1 C3 
6  1 N 1 A BOG 102 ? O3 ? C BOG 1 O3 
7  1 N 1 A BOG 102 ? C4 ? C BOG 1 C4 
8  1 N 1 A BOG 102 ? O4 ? C BOG 1 O4 
9  1 N 1 A BOG 102 ? C5 ? C BOG 1 C5 
10 1 N 1 A BOG 102 ? O5 ? C BOG 1 O5 
11 1 N 1 A BOG 102 ? C6 ? C BOG 1 C6 
12 1 N 1 A BOG 102 ? O6 ? C BOG 1 O6 
13 1 N 1 A BOG 103 ? C1 ? D BOG 1 C1 
14 1 N 1 A BOG 103 ? O1 ? D BOG 1 O1 
15 1 N 1 A BOG 103 ? C2 ? D BOG 1 C2 
16 1 N 1 A BOG 103 ? O2 ? D BOG 1 O2 
17 1 N 1 A BOG 103 ? C3 ? D BOG 1 C3 
18 1 N 1 A BOG 103 ? O3 ? D BOG 1 O3 
19 1 N 1 A BOG 103 ? C4 ? D BOG 1 C4 
20 1 N 1 A BOG 103 ? O4 ? D BOG 1 O4 
21 1 N 1 A BOG 103 ? C5 ? D BOG 1 C5 
22 1 N 1 A BOG 103 ? O5 ? D BOG 1 O5 
23 1 N 1 A BOG 103 ? C6 ? D BOG 1 C6 
24 1 N 1 A BOG 103 ? O6 ? D BOG 1 O6 
# 
loop_
_software.pdbx_ordinal 
_software.name 
_software.version 
_software.date 
_software.type 
_software.contact_author 
_software.contact_author_email 
_software.classification 
_software.location 
_software.language 
_software.citation_id 
1 XPREP       '2008/2 for Windows' ?                program 'George Sheldrick'   demolicense@rt.bruker-axs.nl 'data reduction'  
http://shelx.uni-ac.gwdg.de/SHELX/           ?          ? 
2 REFMAC      5.7.0029             ?                program 'Garib N. Murshudov' garib@ysbl.york.ac.uk        refinement        
http://www.ccp4.ac.uk/dist/html/refmac5.html Fortran_77 ? 
3 PDB_EXTRACT 3.15                 'July. 29, 2014' package PDB                  deposit@deposit.rcsb.org     'data extraction' 
http://sw-tools.pdb.org/apps/PDB_EXTRACT/    C++        ? 
4 EMBL        'MD-2 software'      ?                ?       ?                    ?                            'data collection' ? 
?          ? 
5 XDS         .                    ?                ?       ?                    ?                            'data reduction'  ? 
?          ? 
6 XSCALE      .                    ?                ?       ?                    ?                            'data scaling'    ? 
?          ? 
7 PHASER      .                    ?                ?       ?                    ?                            phasing           ? 
?          ? 
# 
_cell.length_a           15.350 
_cell.length_b           25.880 
_cell.length_c           26.970 
_cell.angle_alpha        90.010 
_cell.angle_beta         99.490 
_cell.angle_gamma        99.910 
_cell.entry_id           4RWC 
_cell.pdbx_unique_axis   ? 
_cell.Z_PDB              2 
_cell.length_a_esd       ? 
_cell.length_b_esd       ? 
_cell.length_c_esd       ? 
_cell.angle_alpha_esd    ? 
_cell.angle_beta_esd     ? 
_cell.angle_gamma_esd    ? 
# 
_symmetry.space_group_name_H-M             'P -1' 
_symmetry.entry_id                         4RWC 
_symmetry.pdbx_full_space_group_name_H-M   ? 
_symmetry.Int_Tables_number                2 
_symmetry.cell_setting                     ? 
_symmetry.space_group_name_Hall            ? 
# 
_exptl.crystals_number   2 
_exptl.entry_id          4RWC 
_exptl.method            'X-RAY DIFFRACTION' 
# 
_exptl_crystal.id                    1 
_exptl_crystal.density_Matthews      2.10 
_exptl_crystal.density_meas          ? 
_exptl_crystal.density_percent_sol   41.39 
_exptl_crystal.description           ? 
_exptl_crystal.F_000                 ? 
_exptl_crystal.preparation           ? 
# 
_exptl_crystal_grow.crystal_id      1 
_exptl_crystal_grow.method          'VAPOR DIFFUSION, HANGING DROP' 
_exptl_crystal_grow.pH              6.5 
_exptl_crystal_grow.temp            298 
_exptl_crystal_grow.temp_details    ? 
_exptl_crystal_grow.pdbx_details    
;Racemic M2-TM dissolved at ~3 mg/mL in 2% solution (w/v) racemic OG. Hanging drops of 1 uL peptide stock combined with 1 uL of precipitant containing 0.1 M ADA pH 6.5, 1.0 M ammonium sulfate were equilibrated with 500 uL reservoir volumes of precipitant., VAPOR DIFFUSION, HANGING DROP, temperature 298K
;
_exptl_crystal_grow.pdbx_pH_range   ? 
# 
_diffrn.id                     1 
_diffrn.ambient_temp           100 
_diffrn.ambient_temp_details   ? 
_diffrn.crystal_id             1 
# 
_diffrn_detector.diffrn_id              1 
_diffrn_detector.detector               CCD 
_diffrn_detector.type                   'MARMOSAIC 225 mm CCD' 
_diffrn_detector.pdbx_collection_date   2014-06-09 
_diffrn_detector.details                ? 
# 
_diffrn_radiation.diffrn_id                        1 
_diffrn_radiation.wavelength_id                    1 
_diffrn_radiation.pdbx_diffrn_protocol             'SINGLE WAVELENGTH' 
_diffrn_radiation.monochromator                    'C(111)' 
_diffrn_radiation.pdbx_monochromatic_or_laue_m_l   M 
_diffrn_radiation.pdbx_scattering_type             x-ray 
# 
_diffrn_radiation_wavelength.id           1 
_diffrn_radiation_wavelength.wavelength   0.97872 
_diffrn_radiation_wavelength.wt           1.0 
# 
_diffrn_source.diffrn_id                   1 
_diffrn_source.source                      SYNCHROTRON 
_diffrn_source.type                        'APS BEAMLINE 21-ID-F' 
_diffrn_source.pdbx_wavelength             ? 
_diffrn_source.pdbx_wavelength_list        0.97872 
_diffrn_source.pdbx_synchrotron_site       APS 
_diffrn_source.pdbx_synchrotron_beamline   21-ID-F 
# 
_reflns.d_resolution_high            1.050 
_reflns.d_resolution_low             26.590 
_reflns.number_obs                   17458 
_reflns.pdbx_Rmerge_I_obs            0.072 
_reflns.pdbx_netI_over_sigmaI        12.890 
_reflns.pdbx_redundancy              6.010 
_reflns.percent_possible_obs         92.600 
_reflns.entry_id                     4RWC 
_reflns.observed_criterion_sigma_F   ? 
_reflns.observed_criterion_sigma_I   ? 
_reflns.number_all                   ? 
_reflns.pdbx_Rsym_value              ? 
_reflns.B_iso_Wilson_estimate        5.3 
_reflns.R_free_details               ? 
_reflns.limit_h_max                  ? 
_reflns.limit_h_min                  ? 
_reflns.limit_k_max                  ? 
_reflns.limit_k_min                  ? 
_reflns.limit_l_max                  ? 
_reflns.limit_l_min                  ? 
_reflns.observed_criterion_F_max     ? 
_reflns.observed_criterion_F_min     ? 
_reflns.pdbx_chi_squared             ? 
_reflns.pdbx_scaling_rejects         ? 
_reflns.pdbx_ordinal                 1 
_reflns.pdbx_diffrn_id               1 
# 
loop_
_reflns_shell.d_res_high 
_reflns_shell.d_res_low 
_reflns_shell.number_measured_obs 
_reflns_shell.number_measured_all 
_reflns_shell.number_unique_obs 
_reflns_shell.Rmerge_I_obs 
_reflns_shell.meanI_over_sigI_obs 
_reflns_shell.pdbx_Rsym_value 
_reflns_shell.pdbx_chi_squared 
_reflns_shell.pdbx_redundancy 
_reflns_shell.percent_possible_obs 
_reflns_shell.number_unique_all 
_reflns_shell.percent_possible_all 
_reflns_shell.pdbx_ordinal 
_reflns_shell.pdbx_diffrn_id 
1.050 1.080  ? ? 702  0.381 2.54 ? ? 2.540 ? ? 65.900 1  1 
1.080 1.110  ? ? 1224 0.310 3.33 ? ? 3.330 ? ? 85.200 2  1 
1.110 1.140  ? ? 1126 0.266 3.64 ? ? 3.640 ? ? 91.400 3  1 
1.140 1.170  ? ? 1024 0.184 3.53 ? ? 3.530 ? ? 89.200 4  1 
1.170 1.200  ? ? 934  0.188 3.54 ? ? 3.540 ? ? 89.400 5  1 
1.200 1.240  ? ? 1136 0.305 6.31 ? ? 6.310 ? ? 94.300 6  1 
1.240 1.280  ? ? 1006 0.285 7.15 ? ? 7.150 ? ? 93.400 7  1 
1.280 1.330  ? ? 1100 0.241 7.39 ? ? 7.390 ? ? 95.200 8  1 
1.330 1.380  ? ? 948  0.212 7.31 ? ? 7.310 ? ? 94.400 9  1 
1.380 1.440  ? ? 983  0.194 7.40 ? ? 7.400 ? ? 96.000 10 1 
1.440 1.510  ? ? 963  0.131 7.43 ? ? 7.430 ? ? 95.700 11 1 
1.510 1.590  ? ? 894  0.119 7.42 ? ? 7.420 ? ? 96.500 12 1 
1.590 1.690  ? ? 908  0.090 7.49 ? ? 7.490 ? ? 97.000 13 1 
1.690 1.830  ? ? 948  0.082 7.51 ? ? 7.510 ? ? 97.600 14 1 
1.830 2.020  ? ? 904  0.064 7.44 ? ? 7.440 ? ? 98.000 15 1 
2.020 2.310  ? ? 886  0.051 7.33 ? ? 7.330 ? ? 98.400 16 1 
2.310 2.910  ? ? 895  0.044 7.28 ? ? 7.280 ? ? 99.100 17 1 
2.910 26.590 ? ? 877  0.037 6.79 ? ? 6.790 ? ? 98.100 18 1 
# 
_refine.entry_id                                 4RWC 
_refine.ls_d_res_high                            1.0500 
_refine.ls_d_res_low                             26.5900 
_refine.pdbx_ls_sigma_F                          0.000 
_refine.pdbx_data_cutoff_high_absF               ? 
_refine.pdbx_data_cutoff_low_absF                ? 
_refine.ls_percent_reflns_obs                    91.8300 
_refine.ls_number_reflns_obs                     17310 
_refine.ls_number_reflns_all                     ? 
_refine.pdbx_ls_cross_valid_method               THROUGHOUT 
_refine.pdbx_R_Free_selection_details            RANDOM 
_refine.details                                  
'HYDROGENS HAVE BEEN USED IF PRESENT IN THE INPUT U VALUES      : REFINED INDIVIDUALLY' 
_refine.ls_R_factor_all                          ? 
_refine.ls_R_factor_obs                          0.1392 
_refine.ls_R_factor_R_work                       0.1383 
_refine.ls_wR_factor_R_work                      ? 
_refine.ls_R_factor_R_free                       0.1556 
_refine.ls_wR_factor_R_free                      ? 
_refine.ls_percent_reflns_R_free                 5.0000 
_refine.ls_number_reflns_R_free                  867 
_refine.ls_R_factor_R_free_error                 ? 
_refine.B_iso_mean                               14.0150 
_refine.solvent_model_param_bsol                 ? 
_refine.solvent_model_param_ksol                 ? 
_refine.pdbx_isotropic_thermal_model             ? 
_refine.aniso_B[1][1]                            -0.2500 
_refine.aniso_B[2][2]                            0.6700 
_refine.aniso_B[3][3]                            -0.5300 
_refine.aniso_B[1][2]                            0.4900 
_refine.aniso_B[1][3]                            -0.3500 
_refine.aniso_B[2][3]                            1.3600 
_refine.correlation_coeff_Fo_to_Fc               0.9870 
_refine.correlation_coeff_Fo_to_Fc_free          0.9830 
_refine.overall_SU_R_Cruickshank_DPI             ? 
_refine.overall_SU_R_free                        ? 
_refine.pdbx_overall_ESU_R                       0.0210 
_refine.pdbx_overall_ESU_R_Free                  0.0220 
_refine.overall_SU_ML                            0.0120 
_refine.overall_SU_B                             0.5530 
_refine.solvent_model_details                    MASK 
_refine.pdbx_solvent_vdw_probe_radii             1.2000 
_refine.pdbx_solvent_ion_probe_radii             0.8000 
_refine.pdbx_solvent_shrinkage_radii             0.8000 
_refine.ls_number_parameters                     ? 
_refine.ls_number_restraints                     ? 
_refine.pdbx_starting_model                      ? 
_refine.pdbx_method_to_determine_struct          'MOLECULAR REPLACEMENT' 
_refine.pdbx_stereochemistry_target_values       'MAXIMUM LIKELIHOOD' 
_refine.pdbx_stereochem_target_val_spec_case     ? 
_refine.overall_FOM_work_R_set                   ? 
_refine.B_iso_max                                83.120 
_refine.B_iso_min                                5.350 
_refine.pdbx_overall_phase_error                 ? 
_refine.occupancy_max                            ? 
_refine.occupancy_min                            ? 
_refine.pdbx_ls_sigma_I                          ? 
_refine.ls_redundancy_reflns_obs                 ? 
_refine.ls_R_factor_R_free_error_details         ? 
_refine.pdbx_data_cutoff_high_rms_absF           ? 
_refine.overall_FOM_free_R_set                   ? 
_refine.pdbx_diffrn_id                           1 
_refine.pdbx_refine_id                           'X-RAY DIFFRACTION' 
_refine.pdbx_TLS_residual_ADP_flag               ? 
_refine.pdbx_overall_SU_R_free_Cruickshank_DPI   ? 
_refine.pdbx_overall_SU_R_Blow_DPI               ? 
_refine.pdbx_overall_SU_R_free_Blow_DPI          ? 
# 
_refine_analyze.entry_id                        4RWC 
_refine_analyze.Luzzati_coordinate_error_obs    0.021 
_refine_analyze.Luzzati_sigma_a_obs             ? 
_refine_analyze.Luzzati_d_res_low_obs           ? 
_refine_analyze.Luzzati_coordinate_error_free   ? 
_refine_analyze.Luzzati_sigma_a_free            ? 
_refine_analyze.Luzzati_d_res_low_free          ? 
_refine_analyze.number_disordered_residues      ? 
_refine_analyze.occupancy_sum_non_hydrogen      ? 
_refine_analyze.occupancy_sum_hydrogen          ? 
_refine_analyze.pdbx_Luzzati_d_res_high_obs     ? 
_refine_analyze.pdbx_refine_id                  'X-RAY DIFFRACTION' 
# 
_refine_hist.pdbx_refine_id                   'X-RAY DIFFRACTION' 
_refine_hist.cycle_id                         LAST 
_refine_hist.pdbx_number_atoms_protein        177 
_refine_hist.pdbx_number_atoms_nucleic_acid   0 
_refine_hist.pdbx_number_atoms_ligand         36 
_refine_hist.number_atoms_solvent             28 
_refine_hist.number_atoms_total               241 
_refine_hist.d_res_high                       1.0500 
_refine_hist.d_res_low                        26.5900 
# 
loop_
_refine_ls_restr.type 
_refine_ls_restr.number 
_refine_ls_restr.dev_ideal 
_refine_ls_restr.dev_ideal_target 
_refine_ls_restr.weight 
_refine_ls_restr.pdbx_restraint_function 
_refine_ls_restr.pdbx_refine_id 
r_bond_refined_d       244 0.010  0.019  ? ? 'X-RAY DIFFRACTION' 
r_bond_other_d         307 0.001  0.020  ? ? 'X-RAY DIFFRACTION' 
r_angle_refined_deg    329 1.551  2.143  ? ? 'X-RAY DIFFRACTION' 
r_angle_other_deg      710 0.751  3.000  ? ? 'X-RAY DIFFRACTION' 
r_dihedral_angle_1_deg 29  3.961  5.000  ? ? 'X-RAY DIFFRACTION' 
r_dihedral_angle_2_deg 4   16.953 20.000 ? ? 'X-RAY DIFFRACTION' 
r_dihedral_angle_3_deg 39  12.270 15.000 ? ? 'X-RAY DIFFRACTION' 
r_dihedral_angle_4_deg 1   1.048  15.000 ? ? 'X-RAY DIFFRACTION' 
r_chiral_restr         49  0.080  0.200  ? ? 'X-RAY DIFFRACTION' 
r_gen_planes_refined   204 0.007  0.020  ? ? 'X-RAY DIFFRACTION' 
r_gen_planes_other     39  0.001  0.020  ? ? 'X-RAY DIFFRACTION' 
r_rigid_bond_restr     551 2.090  3.000  ? ? 'X-RAY DIFFRACTION' 
r_sphericity_free      4   29.373 5.000  ? ? 'X-RAY DIFFRACTION' 
r_sphericity_bonded    572 20.614 5.000  ? ? 'X-RAY DIFFRACTION' 
# 
_refine_ls_shell.d_res_high                       1.0500 
_refine_ls_shell.d_res_low                        1.0770 
_refine_ls_shell.pdbx_total_number_of_bins_used   20 
_refine_ls_shell.percent_reflns_obs               69.3800 
_refine_ls_shell.number_reflns_R_work             922 
_refine_ls_shell.R_factor_all                     ? 
_refine_ls_shell.R_factor_R_work                  0.2420 
_refine_ls_shell.R_factor_R_free                  0.2010 
_refine_ls_shell.percent_reflns_R_free            ? 
_refine_ls_shell.number_reflns_R_free             57 
_refine_ls_shell.R_factor_R_free_error            ? 
_refine_ls_shell.number_reflns_all                979 
_refine_ls_shell.number_reflns_obs                979 
_refine_ls_shell.redundancy_reflns_obs            ? 
_refine_ls_shell.pdbx_refine_id                   'X-RAY DIFFRACTION' 
# 
_struct.entry_id                  4RWC 
_struct.title                     'Racemic M2-TM crystallized from racemic detergent' 
_struct.pdbx_model_details        ? 
_struct.pdbx_CASP_flag            ? 
_struct.pdbx_model_type_details   ? 
# 
_struct_keywords.entry_id        4RWC 
_struct_keywords.pdbx_keywords   'MEMBRANE PROTEIN' 
_struct_keywords.text            'transmembrane peptide, proton channel, membrane, MEMBRANE PROTEIN' 
# 
loop_
_struct_asym.id 
_struct_asym.pdbx_blank_PDB_chainid_flag 
_struct_asym.pdbx_modified 
_struct_asym.entity_id 
_struct_asym.details 
A N N 1 ? 
B N N 2 ? 
C N N 2 ? 
D N N 2 ? 
E N N 3 ? 
# 
_struct_ref.id                         1 
_struct_ref.db_name                    UNP 
_struct_ref.db_code                    M2_I97A1 
_struct_ref.pdbx_db_accession          O70632 
_struct_ref.entity_id                  1 
_struct_ref.pdbx_seq_one_letter_code   PLVVAASIIGILHLILWILDRL 
_struct_ref.pdbx_align_begin           25 
_struct_ref.pdbx_db_isoform            ? 
# 
_struct_ref_seq.align_id                      1 
_struct_ref_seq.ref_id                        1 
_struct_ref_seq.pdbx_PDB_id_code              4RWC 
_struct_ref_seq.pdbx_strand_id                A 
_struct_ref_seq.seq_align_beg                 2 
_struct_ref_seq.pdbx_seq_align_beg_ins_code   ? 
_struct_ref_seq.seq_align_end                 23 
_struct_ref_seq.pdbx_seq_align_end_ins_code   ? 
_struct_ref_seq.pdbx_db_accession             O70632 
_struct_ref_seq.db_align_beg                  25 
_struct_ref_seq.pdbx_db_align_beg_ins_code    ? 
_struct_ref_seq.db_align_end                  46 
_struct_ref_seq.pdbx_db_align_end_ins_code    ? 
_struct_ref_seq.pdbx_auth_seq_align_beg       25 
_struct_ref_seq.pdbx_auth_seq_align_end       46 
# 
loop_
_struct_ref_seq_dif.align_id 
_struct_ref_seq_dif.pdbx_pdb_id_code 
_struct_ref_seq_dif.mon_id 
_struct_ref_seq_dif.pdbx_pdb_strand_id 
_struct_ref_seq_dif.seq_num 
_struct_ref_seq_dif.pdbx_pdb_ins_code 
_struct_ref_seq_dif.pdbx_seq_db_name 
_struct_ref_seq_dif.pdbx_seq_db_accession_code 
_struct_ref_seq_dif.db_mon_id 
_struct_ref_seq_dif.pdbx_seq_db_seq_num 
_struct_ref_seq_dif.details 
_struct_ref_seq_dif.pdbx_auth_seq_num 
_struct_ref_seq_dif.pdbx_ordinal 
1 4RWC ACE A 1  ? UNP O70632 ?   ?  acetylation           24 1 
1 4RWC ALA A 11 ? UNP O70632 GLY 34 'engineered mutation' 34 2 
1 4RWC NH2 A 24 ? UNP O70632 ?   ?  amidation             47 3 
# 
_pdbx_struct_assembly.id                   1 
_pdbx_struct_assembly.details              author_defined_assembly 
_pdbx_struct_assembly.method_details       ? 
_pdbx_struct_assembly.oligomeric_details   monomeric 
_pdbx_struct_assembly.oligomeric_count     1 
# 
_pdbx_struct_assembly_gen.assembly_id       1 
_pdbx_struct_assembly_gen.oper_expression   1 
_pdbx_struct_assembly_gen.asym_id_list      A,B,C,D,E 
# 
_pdbx_struct_oper_list.id                   1 
_pdbx_struct_oper_list.type                 'identity operation' 
_pdbx_struct_oper_list.name                 1_555 
_pdbx_struct_oper_list.symmetry_operation   x,y,z 
_pdbx_struct_oper_list.matrix[1][1]         1.0000000000 
_pdbx_struct_oper_list.matrix[1][2]         0.0000000000 
_pdbx_struct_oper_list.matrix[1][3]         0.0000000000 
_pdbx_struct_oper_list.vector[1]            0.0000000000 
_pdbx_struct_oper_list.matrix[2][1]         0.0000000000 
_pdbx_struct_oper_list.matrix[2][2]         1.0000000000 
_pdbx_struct_oper_list.matrix[2][3]         0.0000000000 
_pdbx_struct_oper_list.vector[2]            0.0000000000 
_pdbx_struct_oper_list.matrix[3][1]         0.0000000000 
_pdbx_struct_oper_list.matrix[3][2]         0.0000000000 
_pdbx_struct_oper_list.matrix[3][3]         1.0000000000 
_pdbx_struct_oper_list.vector[3]            0.0000000000 
# 
_struct_biol.id        1 
_struct_biol.details   ? 
# 
_struct_conf.conf_type_id            HELX_P 
_struct_conf.id                      HELX_P1 
_struct_conf.pdbx_PDB_helix_id       1 
_struct_conf.beg_label_comp_id       PRO 
_struct_conf.beg_label_asym_id       A 
_struct_conf.beg_label_seq_id        2 
_struct_conf.pdbx_beg_PDB_ins_code   ? 
_struct_conf.end_label_comp_id       LEU 
_struct_conf.end_label_asym_id       A 
_struct_conf.end_label_seq_id        23 
_struct_conf.pdbx_end_PDB_ins_code   ? 
_struct_conf.beg_auth_comp_id        PRO 
_struct_conf.beg_auth_asym_id        A 
_struct_conf.beg_auth_seq_id         25 
_struct_conf.end_auth_comp_id        LEU 
_struct_conf.end_auth_asym_id        A 
_struct_conf.end_auth_seq_id         46 
_struct_conf.pdbx_PDB_helix_class    1 
_struct_conf.details                 ? 
_struct_conf.pdbx_PDB_helix_length   22 
# 
_struct_conf_type.id          HELX_P 
_struct_conf_type.criteria    ? 
_struct_conf_type.reference   ? 
# 
loop_
_struct_conn.id 
_struct_conn.conn_type_id 
_struct_conn.pdbx_leaving_atom_flag 
_struct_conn.pdbx_PDB_id 
_struct_conn.ptnr1_label_asym_id 
_struct_conn.ptnr1_label_comp_id 
_struct_conn.ptnr1_label_seq_id 
_struct_conn.ptnr1_label_atom_id 
_struct_conn.pdbx_ptnr1_label_alt_id 
_struct_conn.pdbx_ptnr1_PDB_ins_code 
_struct_conn.pdbx_ptnr1_standard_comp_id 
_struct_conn.ptnr1_symmetry 
_struct_conn.ptnr2_label_asym_id 
_struct_conn.ptnr2_label_comp_id 
_struct_conn.ptnr2_label_seq_id 
_struct_conn.ptnr2_label_atom_id 
_struct_conn.pdbx_ptnr2_label_alt_id 
_struct_conn.pdbx_ptnr2_PDB_ins_code 
_struct_conn.ptnr1_auth_asym_id 
_struct_conn.ptnr1_auth_comp_id 
_struct_conn.ptnr1_auth_seq_id 
_struct_conn.ptnr2_auth_asym_id 
_struct_conn.ptnr2_auth_comp_id 
_struct_conn.ptnr2_auth_seq_id 
_struct_conn.ptnr2_symmetry 
_struct_conn.pdbx_ptnr3_label_atom_id 
_struct_conn.pdbx_ptnr3_label_seq_id 
_struct_conn.pdbx_ptnr3_label_comp_id 
_struct_conn.pdbx_ptnr3_label_asym_id 
_struct_conn.pdbx_ptnr3_label_alt_id 
_struct_conn.pdbx_ptnr3_PDB_ins_code 
_struct_conn.details 
_struct_conn.pdbx_dist_value 
_struct_conn.pdbx_value_order 
_struct_conn.pdbx_role 
covale1 covale both ? A ACE 1  C ? ? ? 1_555 A PRO 2  N ? ? A ACE 24 A PRO 25 1_555 ? ? ? ? ? ? ? 1.393 ? ? 
covale2 covale both ? A LEU 23 C A ? ? 1_555 A NH2 24 N A ? A LEU 46 A NH2 47 1_555 ? ? ? ? ? ? ? 1.387 ? ? 
covale3 covale both ? A LEU 23 C B ? ? 1_555 A NH2 24 N B ? A LEU 46 A NH2 47 1_555 ? ? ? ? ? ? ? 1.287 ? ? 
# 
_struct_conn_type.id          covale 
_struct_conn_type.criteria    ? 
_struct_conn_type.reference   ? 
# 
loop_
_pdbx_modification_feature.ordinal 
_pdbx_modification_feature.label_comp_id 
_pdbx_modification_feature.label_asym_id 
_pdbx_modification_feature.label_seq_id 
_pdbx_modification_feature.label_alt_id 
_pdbx_modification_feature.modified_residue_label_comp_id 
_pdbx_modification_feature.modified_residue_label_asym_id 
_pdbx_modification_feature.modified_residue_label_seq_id 
_pdbx_modification_feature.modified_residue_label_alt_id 
_pdbx_modification_feature.auth_comp_id 
_pdbx_modification_feature.auth_asym_id 
_pdbx_modification_feature.auth_seq_id 
_pdbx_modification_feature.PDB_ins_code 
_pdbx_modification_feature.symmetry 
_pdbx_modification_feature.modified_residue_auth_comp_id 
_pdbx_modification_feature.modified_residue_auth_asym_id 
_pdbx_modification_feature.modified_residue_auth_seq_id 
_pdbx_modification_feature.modified_residue_PDB_ins_code 
_pdbx_modification_feature.modified_residue_symmetry 
_pdbx_modification_feature.comp_id_linking_atom 
_pdbx_modification_feature.modified_residue_id_linking_atom 
_pdbx_modification_feature.modified_residue_id 
_pdbx_modification_feature.ref_pcm_id 
_pdbx_modification_feature.ref_comp_id 
_pdbx_modification_feature.type 
_pdbx_modification_feature.category 
1 ACE A 1  ? PRO A 2  ? ACE A 24 ? 1_555 PRO A 25 ? 1_555 . . PRO 13 ACE None 'Terminal acetylation' 
2 NH2 A 24 A LEU A 23 A NH2 A 47 ? 1_555 LEU A 46 ? 1_555 . . LEU 14 NH2 None 'Terminal amidation'   
3 NH2 A 24 B LEU A 23 B NH2 A 47 ? 1_555 LEU A 46 ? 1_555 . . LEU 14 NH2 None 'Terminal amidation'   
# 
_pdbx_entry_details.entry_id                   4RWC 
_pdbx_entry_details.compound_details           ? 
_pdbx_entry_details.source_details             ? 
_pdbx_entry_details.nonpolymer_details         ? 
_pdbx_entry_details.sequence_details           ? 
_pdbx_entry_details.has_ligand_of_interest     ? 
_pdbx_entry_details.has_protein_modification   Y 
# 
loop_
_chem_comp_atom.comp_id 
_chem_comp_atom.atom_id 
_chem_comp_atom.type_symbol 
_chem_comp_atom.pdbx_aromatic_flag 
_chem_comp_atom.pdbx_stereo_config 
_chem_comp_atom.pdbx_ordinal 
ACE C      C N N 1   
ACE O      O N N 2   
ACE CH3    C N N 3   
ACE H      H N N 4   
ACE H1     H N N 5   
ACE H2     H N N 6   
ACE H3     H N N 7   
ALA N      N N N 8   
ALA CA     C N S 9   
ALA C      C N N 10  
ALA O      O N N 11  
ALA CB     C N N 12  
ALA OXT    O N N 13  
ALA H      H N N 14  
ALA H2     H N N 15  
ALA HA     H N N 16  
ALA HB1    H N N 17  
ALA HB2    H N N 18  
ALA HB3    H N N 19  
ALA HXT    H N N 20  
ARG N      N N N 21  
ARG CA     C N S 22  
ARG C      C N N 23  
ARG O      O N N 24  
ARG CB     C N N 25  
ARG CG     C N N 26  
ARG CD     C N N 27  
ARG NE     N N N 28  
ARG CZ     C N N 29  
ARG NH1    N N N 30  
ARG NH2    N N N 31  
ARG OXT    O N N 32  
ARG H      H N N 33  
ARG H2     H N N 34  
ARG HA     H N N 35  
ARG HB2    H N N 36  
ARG HB3    H N N 37  
ARG HG2    H N N 38  
ARG HG3    H N N 39  
ARG HD2    H N N 40  
ARG HD3    H N N 41  
ARG HE     H N N 42  
ARG HH11   H N N 43  
ARG HH12   H N N 44  
ARG HH21   H N N 45  
ARG HH22   H N N 46  
ARG HXT    H N N 47  
ASP N      N N N 48  
ASP CA     C N S 49  
ASP C      C N N 50  
ASP O      O N N 51  
ASP CB     C N N 52  
ASP CG     C N N 53  
ASP OD1    O N N 54  
ASP OD2    O N N 55  
ASP OXT    O N N 56  
ASP H      H N N 57  
ASP H2     H N N 58  
ASP HA     H N N 59  
ASP HB2    H N N 60  
ASP HB3    H N N 61  
ASP HD2    H N N 62  
ASP HXT    H N N 63  
BOG C1     C N R 64  
BOG O1     O N N 65  
BOG C2     C N R 66  
BOG O2     O N N 67  
BOG C3     C N S 68  
BOG O3     O N N 69  
BOG C4     C N S 70  
BOG O4     O N N 71  
BOG C5     C N R 72  
BOG O5     O N N 73  
BOG C6     C N N 74  
BOG O6     O N N 75  
BOG "C1'"  C N N 76  
BOG "C2'"  C N N 77  
BOG "C3'"  C N N 78  
BOG "C4'"  C N N 79  
BOG "C5'"  C N N 80  
BOG "C6'"  C N N 81  
BOG "C7'"  C N N 82  
BOG "C8'"  C N N 83  
BOG H1     H N N 84  
BOG H2     H N N 85  
BOG HO2    H N N 86  
BOG H3     H N N 87  
BOG HO3    H N N 88  
BOG H4     H N N 89  
BOG HO4    H N N 90  
BOG H5     H N N 91  
BOG H61    H N N 92  
BOG H62    H N N 93  
BOG HO6    H N N 94  
BOG "H1'1" H N N 95  
BOG "H1'2" H N N 96  
BOG "H2'1" H N N 97  
BOG "H2'2" H N N 98  
BOG "H3'1" H N N 99  
BOG "H3'2" H N N 100 
BOG "H4'1" H N N 101 
BOG "H4'2" H N N 102 
BOG "H5'1" H N N 103 
BOG "H5'2" H N N 104 
BOG "H6'1" H N N 105 
BOG "H6'2" H N N 106 
BOG "H7'1" H N N 107 
BOG "H7'2" H N N 108 
BOG "H8'1" H N N 109 
BOG "H8'2" H N N 110 
BOG "H8'3" H N N 111 
GLY N      N N N 112 
GLY CA     C N N 113 
GLY C      C N N 114 
GLY O      O N N 115 
GLY OXT    O N N 116 
GLY H      H N N 117 
GLY H2     H N N 118 
GLY HA2    H N N 119 
GLY HA3    H N N 120 
GLY HXT    H N N 121 
HIS N      N N N 122 
HIS CA     C N S 123 
HIS C      C N N 124 
HIS O      O N N 125 
HIS CB     C N N 126 
HIS CG     C Y N 127 
HIS ND1    N Y N 128 
HIS CD2    C Y N 129 
HIS CE1    C Y N 130 
HIS NE2    N Y N 131 
HIS OXT    O N N 132 
HIS H      H N N 133 
HIS H2     H N N 134 
HIS HA     H N N 135 
HIS HB2    H N N 136 
HIS HB3    H N N 137 
HIS HD1    H N N 138 
HIS HD2    H N N 139 
HIS HE1    H N N 140 
HIS HE2    H N N 141 
HIS HXT    H N N 142 
HOH O      O N N 143 
HOH H1     H N N 144 
HOH H2     H N N 145 
ILE N      N N N 146 
ILE CA     C N S 147 
ILE C      C N N 148 
ILE O      O N N 149 
ILE CB     C N S 150 
ILE CG1    C N N 151 
ILE CG2    C N N 152 
ILE CD1    C N N 153 
ILE OXT    O N N 154 
ILE H      H N N 155 
ILE H2     H N N 156 
ILE HA     H N N 157 
ILE HB     H N N 158 
ILE HG12   H N N 159 
ILE HG13   H N N 160 
ILE HG21   H N N 161 
ILE HG22   H N N 162 
ILE HG23   H N N 163 
ILE HD11   H N N 164 
ILE HD12   H N N 165 
ILE HD13   H N N 166 
ILE HXT    H N N 167 
LEU N      N N N 168 
LEU CA     C N S 169 
LEU C      C N N 170 
LEU O      O N N 171 
LEU CB     C N N 172 
LEU CG     C N N 173 
LEU CD1    C N N 174 
LEU CD2    C N N 175 
LEU OXT    O N N 176 
LEU H      H N N 177 
LEU H2     H N N 178 
LEU HA     H N N 179 
LEU HB2    H N N 180 
LEU HB3    H N N 181 
LEU HG     H N N 182 
LEU HD11   H N N 183 
LEU HD12   H N N 184 
LEU HD13   H N N 185 
LEU HD21   H N N 186 
LEU HD22   H N N 187 
LEU HD23   H N N 188 
LEU HXT    H N N 189 
NH2 N      N N N 190 
NH2 HN1    H N N 191 
NH2 HN2    H N N 192 
PRO N      N N N 193 
PRO CA     C N S 194 
PRO C      C N N 195 
PRO O      O N N 196 
PRO CB     C N N 197 
PRO CG     C N N 198 
PRO CD     C N N 199 
PRO OXT    O N N 200 
PRO H      H N N 201 
PRO HA     H N N 202 
PRO HB2    H N N 203 
PRO HB3    H N N 204 
PRO HG2    H N N 205 
PRO HG3    H N N 206 
PRO HD2    H N N 207 
PRO HD3    H N N 208 
PRO HXT    H N N 209 
SER N      N N N 210 
SER CA     C N S 211 
SER C      C N N 212 
SER O      O N N 213 
SER CB     C N N 214 
SER OG     O N N 215 
SER OXT    O N N 216 
SER H      H N N 217 
SER H2     H N N 218 
SER HA     H N N 219 
SER HB2    H N N 220 
SER HB3    H N N 221 
SER HG     H N N 222 
SER HXT    H N N 223 
TRP N      N N N 224 
TRP CA     C N S 225 
TRP C      C N N 226 
TRP O      O N N 227 
TRP CB     C N N 228 
TRP CG     C Y N 229 
TRP CD1    C Y N 230 
TRP CD2    C Y N 231 
TRP NE1    N Y N 232 
TRP CE2    C Y N 233 
TRP CE3    C Y N 234 
TRP CZ2    C Y N 235 
TRP CZ3    C Y N 236 
TRP CH2    C Y N 237 
TRP OXT    O N N 238 
TRP H      H N N 239 
TRP H2     H N N 240 
TRP HA     H N N 241 
TRP HB2    H N N 242 
TRP HB3    H N N 243 
TRP HD1    H N N 244 
TRP HE1    H N N 245 
TRP HE3    H N N 246 
TRP HZ2    H N N 247 
TRP HZ3    H N N 248 
TRP HH2    H N N 249 
TRP HXT    H N N 250 
VAL N      N N N 251 
VAL CA     C N S 252 
VAL C      C N N 253 
VAL O      O N N 254 
VAL CB     C N N 255 
VAL CG1    C N N 256 
VAL CG2    C N N 257 
VAL OXT    O N N 258 
VAL H      H N N 259 
VAL H2     H N N 260 
VAL HA     H N N 261 
VAL HB     H N N 262 
VAL HG11   H N N 263 
VAL HG12   H N N 264 
VAL HG13   H N N 265 
VAL HG21   H N N 266 
VAL HG22   H N N 267 
VAL HG23   H N N 268 
VAL HXT    H N N 269 
# 
loop_
_chem_comp_bond.comp_id 
_chem_comp_bond.atom_id_1 
_chem_comp_bond.atom_id_2 
_chem_comp_bond.value_order 
_chem_comp_bond.pdbx_aromatic_flag 
_chem_comp_bond.pdbx_stereo_config 
_chem_comp_bond.pdbx_ordinal 
ACE C     O      doub N N 1   
ACE C     CH3    sing N N 2   
ACE C     H      sing N N 3   
ACE CH3   H1     sing N N 4   
ACE CH3   H2     sing N N 5   
ACE CH3   H3     sing N N 6   
ALA N     CA     sing N N 7   
ALA N     H      sing N N 8   
ALA N     H2     sing N N 9   
ALA CA    C      sing N N 10  
ALA CA    CB     sing N N 11  
ALA CA    HA     sing N N 12  
ALA C     O      doub N N 13  
ALA C     OXT    sing N N 14  
ALA CB    HB1    sing N N 15  
ALA CB    HB2    sing N N 16  
ALA CB    HB3    sing N N 17  
ALA OXT   HXT    sing N N 18  
ARG N     CA     sing N N 19  
ARG N     H      sing N N 20  
ARG N     H2     sing N N 21  
ARG CA    C      sing N N 22  
ARG CA    CB     sing N N 23  
ARG CA    HA     sing N N 24  
ARG C     O      doub N N 25  
ARG C     OXT    sing N N 26  
ARG CB    CG     sing N N 27  
ARG CB    HB2    sing N N 28  
ARG CB    HB3    sing N N 29  
ARG CG    CD     sing N N 30  
ARG CG    HG2    sing N N 31  
ARG CG    HG3    sing N N 32  
ARG CD    NE     sing N N 33  
ARG CD    HD2    sing N N 34  
ARG CD    HD3    sing N N 35  
ARG NE    CZ     sing N N 36  
ARG NE    HE     sing N N 37  
ARG CZ    NH1    sing N N 38  
ARG CZ    NH2    doub N N 39  
ARG NH1   HH11   sing N N 40  
ARG NH1   HH12   sing N N 41  
ARG NH2   HH21   sing N N 42  
ARG NH2   HH22   sing N N 43  
ARG OXT   HXT    sing N N 44  
ASP N     CA     sing N N 45  
ASP N     H      sing N N 46  
ASP N     H2     sing N N 47  
ASP CA    C      sing N N 48  
ASP CA    CB     sing N N 49  
ASP CA    HA     sing N N 50  
ASP C     O      doub N N 51  
ASP C     OXT    sing N N 52  
ASP CB    CG     sing N N 53  
ASP CB    HB2    sing N N 54  
ASP CB    HB3    sing N N 55  
ASP CG    OD1    doub N N 56  
ASP CG    OD2    sing N N 57  
ASP OD2   HD2    sing N N 58  
ASP OXT   HXT    sing N N 59  
BOG C1    O1     sing N N 60  
BOG C1    C2     sing N N 61  
BOG C1    O5     sing N N 62  
BOG C1    H1     sing N N 63  
BOG O1    "C1'"  sing N N 64  
BOG C2    O2     sing N N 65  
BOG C2    C3     sing N N 66  
BOG C2    H2     sing N N 67  
BOG O2    HO2    sing N N 68  
BOG C3    O3     sing N N 69  
BOG C3    C4     sing N N 70  
BOG C3    H3     sing N N 71  
BOG O3    HO3    sing N N 72  
BOG C4    O4     sing N N 73  
BOG C4    C5     sing N N 74  
BOG C4    H4     sing N N 75  
BOG O4    HO4    sing N N 76  
BOG C5    O5     sing N N 77  
BOG C5    C6     sing N N 78  
BOG C5    H5     sing N N 79  
BOG C6    O6     sing N N 80  
BOG C6    H61    sing N N 81  
BOG C6    H62    sing N N 82  
BOG O6    HO6    sing N N 83  
BOG "C1'" "C2'"  sing N N 84  
BOG "C1'" "H1'1" sing N N 85  
BOG "C1'" "H1'2" sing N N 86  
BOG "C2'" "C3'"  sing N N 87  
BOG "C2'" "H2'1" sing N N 88  
BOG "C2'" "H2'2" sing N N 89  
BOG "C3'" "C4'"  sing N N 90  
BOG "C3'" "H3'1" sing N N 91  
BOG "C3'" "H3'2" sing N N 92  
BOG "C4'" "C5'"  sing N N 93  
BOG "C4'" "H4'1" sing N N 94  
BOG "C4'" "H4'2" sing N N 95  
BOG "C5'" "C6'"  sing N N 96  
BOG "C5'" "H5'1" sing N N 97  
BOG "C5'" "H5'2" sing N N 98  
BOG "C6'" "C7'"  sing N N 99  
BOG "C6'" "H6'1" sing N N 100 
BOG "C6'" "H6'2" sing N N 101 
BOG "C7'" "C8'"  sing N N 102 
BOG "C7'" "H7'1" sing N N 103 
BOG "C7'" "H7'2" sing N N 104 
BOG "C8'" "H8'1" sing N N 105 
BOG "C8'" "H8'2" sing N N 106 
BOG "C8'" "H8'3" sing N N 107 
GLY N     CA     sing N N 108 
GLY N     H      sing N N 109 
GLY N     H2     sing N N 110 
GLY CA    C      sing N N 111 
GLY CA    HA2    sing N N 112 
GLY CA    HA3    sing N N 113 
GLY C     O      doub N N 114 
GLY C     OXT    sing N N 115 
GLY OXT   HXT    sing N N 116 
HIS N     CA     sing N N 117 
HIS N     H      sing N N 118 
HIS N     H2     sing N N 119 
HIS CA    C      sing N N 120 
HIS CA    CB     sing N N 121 
HIS CA    HA     sing N N 122 
HIS C     O      doub N N 123 
HIS C     OXT    sing N N 124 
HIS CB    CG     sing N N 125 
HIS CB    HB2    sing N N 126 
HIS CB    HB3    sing N N 127 
HIS CG    ND1    sing Y N 128 
HIS CG    CD2    doub Y N 129 
HIS ND1   CE1    doub Y N 130 
HIS ND1   HD1    sing N N 131 
HIS CD2   NE2    sing Y N 132 
HIS CD2   HD2    sing N N 133 
HIS CE1   NE2    sing Y N 134 
HIS CE1   HE1    sing N N 135 
HIS NE2   HE2    sing N N 136 
HIS OXT   HXT    sing N N 137 
HOH O     H1     sing N N 138 
HOH O     H2     sing N N 139 
ILE N     CA     sing N N 140 
ILE N     H      sing N N 141 
ILE N     H2     sing N N 142 
ILE CA    C      sing N N 143 
ILE CA    CB     sing N N 144 
ILE CA    HA     sing N N 145 
ILE C     O      doub N N 146 
ILE C     OXT    sing N N 147 
ILE CB    CG1    sing N N 148 
ILE CB    CG2    sing N N 149 
ILE CB    HB     sing N N 150 
ILE CG1   CD1    sing N N 151 
ILE CG1   HG12   sing N N 152 
ILE CG1   HG13   sing N N 153 
ILE CG2   HG21   sing N N 154 
ILE CG2   HG22   sing N N 155 
ILE CG2   HG23   sing N N 156 
ILE CD1   HD11   sing N N 157 
ILE CD1   HD12   sing N N 158 
ILE CD1   HD13   sing N N 159 
ILE OXT   HXT    sing N N 160 
LEU N     CA     sing N N 161 
LEU N     H      sing N N 162 
LEU N     H2     sing N N 163 
LEU CA    C      sing N N 164 
LEU CA    CB     sing N N 165 
LEU CA    HA     sing N N 166 
LEU C     O      doub N N 167 
LEU C     OXT    sing N N 168 
LEU CB    CG     sing N N 169 
LEU CB    HB2    sing N N 170 
LEU CB    HB3    sing N N 171 
LEU CG    CD1    sing N N 172 
LEU CG    CD2    sing N N 173 
LEU CG    HG     sing N N 174 
LEU CD1   HD11   sing N N 175 
LEU CD1   HD12   sing N N 176 
LEU CD1   HD13   sing N N 177 
LEU CD2   HD21   sing N N 178 
LEU CD2   HD22   sing N N 179 
LEU CD2   HD23   sing N N 180 
LEU OXT   HXT    sing N N 181 
NH2 N     HN1    sing N N 182 
NH2 N     HN2    sing N N 183 
PRO N     CA     sing N N 184 
PRO N     CD     sing N N 185 
PRO N     H      sing N N 186 
PRO CA    C      sing N N 187 
PRO CA    CB     sing N N 188 
PRO CA    HA     sing N N 189 
PRO C     O      doub N N 190 
PRO C     OXT    sing N N 191 
PRO CB    CG     sing N N 192 
PRO CB    HB2    sing N N 193 
PRO CB    HB3    sing N N 194 
PRO CG    CD     sing N N 195 
PRO CG    HG2    sing N N 196 
PRO CG    HG3    sing N N 197 
PRO CD    HD2    sing N N 198 
PRO CD    HD3    sing N N 199 
PRO OXT   HXT    sing N N 200 
SER N     CA     sing N N 201 
SER N     H      sing N N 202 
SER N     H2     sing N N 203 
SER CA    C      sing N N 204 
SER CA    CB     sing N N 205 
SER CA    HA     sing N N 206 
SER C     O      doub N N 207 
SER C     OXT    sing N N 208 
SER CB    OG     sing N N 209 
SER CB    HB2    sing N N 210 
SER CB    HB3    sing N N 211 
SER OG    HG     sing N N 212 
SER OXT   HXT    sing N N 213 
TRP N     CA     sing N N 214 
TRP N     H      sing N N 215 
TRP N     H2     sing N N 216 
TRP CA    C      sing N N 217 
TRP CA    CB     sing N N 218 
TRP CA    HA     sing N N 219 
TRP C     O      doub N N 220 
TRP C     OXT    sing N N 221 
TRP CB    CG     sing N N 222 
TRP CB    HB2    sing N N 223 
TRP CB    HB3    sing N N 224 
TRP CG    CD1    doub Y N 225 
TRP CG    CD2    sing Y N 226 
TRP CD1   NE1    sing Y N 227 
TRP CD1   HD1    sing N N 228 
TRP CD2   CE2    doub Y N 229 
TRP CD2   CE3    sing Y N 230 
TRP NE1   CE2    sing Y N 231 
TRP NE1   HE1    sing N N 232 
TRP CE2   CZ2    sing Y N 233 
TRP CE3   CZ3    doub Y N 234 
TRP CE3   HE3    sing N N 235 
TRP CZ2   CH2    doub Y N 236 
TRP CZ2   HZ2    sing N N 237 
TRP CZ3   CH2    sing Y N 238 
TRP CZ3   HZ3    sing N N 239 
TRP CH2   HH2    sing N N 240 
TRP OXT   HXT    sing N N 241 
VAL N     CA     sing N N 242 
VAL N     H      sing N N 243 
VAL N     H2     sing N N 244 
VAL CA    C      sing N N 245 
VAL CA    CB     sing N N 246 
VAL CA    HA     sing N N 247 
VAL C     O      doub N N 248 
VAL C     OXT    sing N N 249 
VAL CB    CG1    sing N N 250 
VAL CB    CG2    sing N N 251 
VAL CB    HB     sing N N 252 
VAL CG1   HG11   sing N N 253 
VAL CG1   HG12   sing N N 254 
VAL CG1   HG13   sing N N 255 
VAL CG2   HG21   sing N N 256 
VAL CG2   HG22   sing N N 257 
VAL CG2   HG23   sing N N 258 
VAL OXT   HXT    sing N N 259 
# 
_atom_sites.entry_id                    4RWC 
_atom_sites.fract_transf_matrix[1][1]   -0.04179436 
_atom_sites.fract_transf_matrix[1][2]   0.05043408 
_atom_sites.fract_transf_matrix[1][3]   0.01447320 
_atom_sites.fract_transf_matrix[2][1]   0.00057924 
_atom_sites.fract_transf_matrix[2][2]   -0.00166283 
_atom_sites.fract_transf_matrix[2][3]   0.03920236 
_atom_sites.fract_transf_matrix[3][1]   0.02470304 
_atom_sites.fract_transf_matrix[3][2]   0.02829198 
_atom_sites.fract_transf_matrix[3][3]   0.00193926 
_atom_sites.fract_transf_vector[1]      1.371627 
_atom_sites.fract_transf_vector[2]      -0.619615 
_atom_sites.fract_transf_vector[3]      0.322864 
# 
loop_
_atom_type.symbol 
C 
H 
N 
O 
# 
loop_
_atom_site.group_PDB 
_atom_site.id 
_atom_site.type_symbol 
_atom_site.label_atom_id 
_atom_site.label_alt_id 
_atom_site.label_comp_id 
_atom_site.label_asym_id 
_atom_site.label_entity_id 
_atom_site.label_seq_id 
_atom_site.pdbx_PDB_ins_code 
_atom_site.Cartn_x 
_atom_site.Cartn_y 
_atom_site.Cartn_z 
_atom_site.occupancy 
_atom_site.B_iso_or_equiv 
_atom_site.pdbx_formal_charge 
_atom_site.auth_seq_id 
_atom_site.auth_comp_id 
_atom_site.auth_asym_id 
_atom_site.auth_atom_id 
_atom_site.pdbx_PDB_model_num 
HETATM 1   C C      . ACE A 1 1  ? -7.182  -11.983 9.834   1.00   7.76  ? 24  ACE A C      1 
HETATM 2   O O      . ACE A 1 1  ? -6.823  -10.910 9.369   1.00   8.58  ? 24  ACE A O      1 
HETATM 3   C CH3    . ACE A 1 1  ? -8.174  -12.152 10.945  1.00   9.44  ? 24  ACE A CH3    1 
HETATM 4   H H1     . ACE A 1 1  ? -7.715  -12.644 11.763  1.00   9.16  ? 24  ACE A H1     1 
HETATM 5   H H2     . ACE A 1 1  ? -8.511  -11.198 11.259  1.00   9.09  ? 24  ACE A H2     1 
HETATM 6   H H3     . ACE A 1 1  ? -9.001  -12.720 10.606  1.00   9.17  ? 24  ACE A H3     1 
ATOM   7   N N      . PRO A 1 2  ? -6.695  -13.173 9.298   1.00   7.73  ? 25  PRO A N      1 
ATOM   8   C CA     A PRO A 1 2  ? -5.670  -13.085 8.271   0.50   7.03  ? 25  PRO A CA     1 
ATOM   9   C CA     B PRO A 1 2  ? -5.669  -13.123 8.258   0.50   8.23  ? 25  PRO A CA     1 
ATOM   10  C C      . PRO A 1 2  ? -6.102  -12.349 7.021   1.00   6.92  ? 25  PRO A C      1 
ATOM   11  O O      . PRO A 1 2  ? -5.267  -11.717 6.391   1.00   7.18  ? 25  PRO A O      1 
ATOM   12  C CB     A PRO A 1 2  ? -5.331  -14.545 7.991   0.50   7.22  ? 25  PRO A CB     1 
ATOM   13  C CB     B PRO A 1 2  ? -5.377  -14.592 7.942   0.50   10.87 ? 25  PRO A CB     1 
ATOM   14  C CG     A PRO A 1 2  ? -6.536  -15.299 8.445   0.50   6.68  ? 25  PRO A CG     1 
ATOM   15  C CG     B PRO A 1 2  ? -6.007  -15.397 9.014   0.50   12.44 ? 25  PRO A CG     1 
ATOM   16  C CD     A PRO A 1 2  ? -6.920  -14.572 9.696   0.50   7.38  ? 25  PRO A CD     1 
ATOM   17  C CD     B PRO A 1 2  ? -6.959  -14.542 9.787   0.50   9.71  ? 25  PRO A CD     1 
ATOM   18  H HA     A PRO A 1 2  ? -4.866  -12.649 8.627   0.50   6.84  ? 25  PRO A HA     1 
ATOM   19  H HA     B PRO A 1 2  ? -4.847  -12.717 8.609   0.50   7.90  ? 25  PRO A HA     1 
ATOM   20  H HB2    A PRO A 1 2  ? -5.178  -14.679 7.042   0.50   6.93  ? 25  PRO A HB2    1 
ATOM   21  H HB2    B PRO A 1 2  ? -5.760  -14.826 7.081   0.50   10.41 ? 25  PRO A HB2    1 
ATOM   22  H HB3    A PRO A 1 2  ? -4.551  -14.805 8.505   0.50   6.81  ? 25  PRO A HB3    1 
ATOM   23  H HB3    B PRO A 1 2  ? -4.418  -14.734 7.934   0.50   10.59 ? 25  PRO A HB3    1 
ATOM   24  H HG2    A PRO A 1 2  ? -7.237  -15.244 7.777   0.50   6.44  ? 25  PRO A HG2    1 
ATOM   25  H HG2    B PRO A 1 2  ? -6.483  -16.140 8.612   0.50   11.81 ? 25  PRO A HG2    1 
ATOM   26  H HG3    A PRO A 1 2  ? -6.302  -16.222 8.633   0.50   6.73  ? 25  PRO A HG3    1 
ATOM   27  H HG3    B PRO A 1 2  ? -5.315  -15.731 9.602   0.50   12.06 ? 25  PRO A HG3    1 
ATOM   28  H HD2    A PRO A 1 2  ? -7.853  -14.732 9.907   0.50   7.31  ? 25  PRO A HD2    1 
ATOM   29  H HD2    B PRO A 1 2  ? -7.872  -14.797 9.587   0.50   9.23  ? 25  PRO A HD2    1 
ATOM   30  H HD3    A PRO A 1 2  ? -6.336  -14.819 10.430  0.50   7.36  ? 25  PRO A HD3    1 
ATOM   31  H HD3    B PRO A 1 2  ? -6.771  -14.614 10.737  0.50   9.54  ? 25  PRO A HD3    1 
ATOM   32  N N      . LEU A 1 3  ? -7.384  -12.417 6.644   1.00   6.49  ? 26  LEU A N      1 
ATOM   33  C CA     . LEU A 1 3  ? -7.793  -11.687 5.442   1.00   6.42  ? 26  LEU A CA     1 
ATOM   34  C C      . LEU A 1 3  ? -7.709  -10.181 5.653   1.00   6.35  ? 26  LEU A C      1 
ATOM   35  O O      . LEU A 1 3  ? -7.386  -9.428  4.754   1.00   6.56  ? 26  LEU A O      1 
ATOM   36  C CB     . LEU A 1 3  ? -9.172  -12.101 4.964   1.00   6.52  ? 26  LEU A CB     1 
ATOM   37  C CG     . LEU A 1 3  ? -9.539  -11.617 3.564   1.00   6.80  ? 26  LEU A CG     1 
ATOM   38  C CD1    . LEU A 1 3  ? -8.683  -12.258 2.490   1.00   8.90  ? 26  LEU A CD1    1 
ATOM   39  C CD2    . LEU A 1 3  ? -11.003 -11.882 3.288   1.00   8.05  ? 26  LEU A CD2    1 
ATOM   40  H H      . LEU A 1 3  ? -8.006  -12.856 7.042   1.00   6.53  ? 26  LEU A H      1 
ATOM   41  H HA     . LEU A 1 3  ? -7.164  -11.909 4.726   1.00   6.54  ? 26  LEU A HA     1 
ATOM   42  H HB2    . LEU A 1 3  ? -9.226  -13.069 4.965   1.00   6.53  ? 26  LEU A HB2    1 
ATOM   43  H HB3    . LEU A 1 3  ? -9.829  -11.740 5.577   1.00   6.52  ? 26  LEU A HB3    1 
ATOM   44  H HG     . LEU A 1 3  ? -9.403  -10.659 3.511   1.00   7.03  ? 26  LEU A HG     1 
ATOM   45  H HD11   . LEU A 1 3  ? -7.791  -11.907 2.546   1.00   8.57  ? 26  LEU A HD11   1 
ATOM   46  H HD12   . LEU A 1 3  ? -9.056  -12.053 1.630   1.00   8.23  ? 26  LEU A HD12   1 
ATOM   47  H HD13   . LEU A 1 3  ? -8.671  -13.209 2.625   1.00   8.53  ? 26  LEU A HD13   1 
ATOM   48  H HD21   . LEU A 1 3  ? -11.159 -12.829 3.307   1.00   7.79  ? 26  LEU A HD21   1 
ATOM   49  H HD22   . LEU A 1 3  ? -11.227 -11.531 2.421   1.00   7.81  ? 26  LEU A HD22   1 
ATOM   50  H HD23   . LEU A 1 3  ? -11.533 -11.448 3.962   1.00   7.83  ? 26  LEU A HD23   1 
ATOM   51  N N      . VAL A 1 4  ? -8.034  -9.724  6.869   1.00   7.00  ? 27  VAL A N      1 
ATOM   52  C CA     . VAL A 1 4  ? -7.905  -8.312  7.226   1.00   7.76  ? 27  VAL A CA     1 
ATOM   53  C C      . VAL A 1 4  ? -6.460  -7.878  7.132   1.00   7.32  ? 27  VAL A C      1 
ATOM   54  O O      . VAL A 1 4  ? -6.144  -6.812  6.598   1.00   7.93  ? 27  VAL A O      1 
ATOM   55  C CB     . VAL A 1 4  ? -8.466  -8.031  8.654   1.00   9.14  ? 27  VAL A CB     1 
ATOM   56  C CG1    . VAL A 1 4  ? -8.143  -6.604  9.089   1.00   12.23 ? 27  VAL A CG1    1 
ATOM   57  C CG2    . VAL A 1 4  ? -9.951  -8.296  8.689   1.00   10.68 ? 27  VAL A CG2    1 
ATOM   58  H H      . VAL A 1 4  ? -8.326  -10.221 7.506   1.00   6.94  ? 27  VAL A H      1 
ATOM   59  H HA     . VAL A 1 4  ? -8.422  -7.775  6.591   1.00   7.65  ? 27  VAL A HA     1 
ATOM   60  H HB     . VAL A 1 4  ? -8.038  -8.638  9.291   1.00   9.41  ? 27  VAL A HB     1 
ATOM   61  H HG11   . VAL A 1 4  ? -7.274  -6.590  9.499   1.00   11.68 ? 27  VAL A HG11   1 
ATOM   62  H HG12   . VAL A 1 4  ? -8.803  -6.315  9.724   1.00   11.45 ? 27  VAL A HG12   1 
ATOM   63  H HG13   . VAL A 1 4  ? -8.154  -6.026  8.325   1.00   11.92 ? 27  VAL A HG13   1 
ATOM   64  H HG21   . VAL A 1 4  ? -10.407 -7.556  8.280   1.00   10.46 ? 27  VAL A HG21   1 
ATOM   65  H HG22   . VAL A 1 4  ? -10.227 -8.380  9.605   1.00   10.25 ? 27  VAL A HG22   1 
ATOM   66  H HG23   . VAL A 1 4  ? -10.150 -9.104  8.215   1.00   10.03 ? 27  VAL A HG23   1 
ATOM   67  N N      . VAL A 1 5  ? -5.566  -8.675  7.707   1.00   7.37  ? 28  VAL A N      1 
ATOM   68  C CA     . VAL A 1 5  ? -4.148  -8.351  7.658   1.00   7.70  ? 28  VAL A CA     1 
ATOM   69  C C      . VAL A 1 5  ? -3.671  -8.296  6.216   1.00   6.88  ? 28  VAL A C      1 
ATOM   70  O O      . VAL A 1 5  ? -2.987  -7.364  5.813   1.00   7.77  ? 28  VAL A O      1 
ATOM   71  C CB     . VAL A 1 5  ? -3.316  -9.331  8.521   1.00   9.35  ? 28  VAL A CB     1 
ATOM   72  C CG1    . VAL A 1 5  ? -1.837  -8.986  8.461   1.00   10.63 ? 28  VAL A CG1    1 
ATOM   73  C CG2    . VAL A 1 5  ? -3.773  -9.307  9.975   1.00   11.60 ? 28  VAL A CG2    1 
ATOM   74  H H      . VAL A 1 5  ? -5.758  -9.405  8.118   1.00   7.41  ? 28  VAL A H      1 
ATOM   75  H HA     . VAL A 1 5  ? -4.022  -7.457  8.040   1.00   7.58  ? 28  VAL A HA     1 
ATOM   76  H HB     . VAL A 1 5  ? -3.432  -10.242 8.178   1.00   9.43  ? 28  VAL A HB     1 
ATOM   77  H HG11   . VAL A 1 5  ? -1.484  -9.253  7.611   1.00   10.21 ? 28  VAL A HG11   1 
ATOM   78  H HG12   . VAL A 1 5  ? -1.372  -9.451  9.161   1.00   10.50 ? 28  VAL A HG12   1 
ATOM   79  H HG13   . VAL A 1 5  ? -1.734  -8.040  8.574   1.00   10.26 ? 28  VAL A HG13   1 
ATOM   80  H HG21   . VAL A 1 5  ? -3.832  -8.394  10.266  1.00   11.27 ? 28  VAL A HG21   1 
ATOM   81  H HG22   . VAL A 1 5  ? -3.137  -9.781  10.517  1.00   11.04 ? 28  VAL A HG22   1 
ATOM   82  H HG23   . VAL A 1 5  ? -4.630  -9.727  10.046  1.00   10.58 ? 28  VAL A HG23   1 
ATOM   83  N N      . ALA A 1 6  ? -4.050  -9.297  5.420   1.00   6.43  ? 29  ALA A N      1 
ATOM   84  C CA     . ALA A 1 6  ? -3.639  -9.344  4.026   1.00   6.75  ? 29  ALA A CA     1 
ATOM   85  C C      . ALA A 1 6  ? -4.128  -8.118  3.258   1.00   6.17  ? 29  ALA A C      1 
ATOM   86  O O      . ALA A 1 6  ? -3.348  -7.442  2.592   1.00   6.74  ? 29  ALA A O      1 
ATOM   87  C CB     . ALA A 1 6  ? -4.158  -10.611 3.348   1.00   7.08  ? 29  ALA A CB     1 
ATOM   88  H H      . ALA A 1 6  ? -4.542  -9.957  5.668   1.00   6.52  ? 29  ALA A H      1 
ATOM   89  H HA     . ALA A 1 6  ? -2.660  -9.357  3.983   1.00   6.45  ? 29  ALA A HA     1 
ATOM   90  H HB1    . ALA A 1 6  ? -3.948  -11.370 3.895   1.00   6.94  ? 29  ALA A HB1    1 
ATOM   91  H HB2    . ALA A 1 6  ? -3.735  -10.699 2.490   1.00   6.93  ? 29  ALA A HB2    1 
ATOM   92  H HB3    . ALA A 1 6  ? -5.109  -10.541 3.238   1.00   7.04  ? 29  ALA A HB3    1 
ATOM   93  N N      . ALA A 1 7  ? -5.426  -7.844  3.332   1.00   5.67  ? 30  ALA A N      1 
ATOM   94  C CA     . ALA A 1 7  ? -5.997  -6.761  2.548   1.00   6.01  ? 30  ALA A CA     1 
ATOM   95  C C      . ALA A 1 7  ? -5.405  -5.424  2.971   1.00   5.69  ? 30  ALA A C      1 
ATOM   96  O O      . ALA A 1 7  ? -5.154  -4.557  2.142   1.00   6.13  ? 30  ALA A O      1 
ATOM   97  C CB     . ALA A 1 7  ? -7.520  -6.743  2.674   1.00   7.04  ? 30  ALA A CB     1 
ATOM   98  H H      . ALA A 1 7  ? -5.989  -8.268  3.824   1.00   5.87  ? 30  ALA A H      1 
ATOM   99  H HA     . ALA A 1 7  ? -5.777  -6.901  1.603   1.00   5.99  ? 30  ALA A HA     1 
ATOM   100 H HB1    . ALA A 1 7  ? -7.860  -7.620  2.478   1.00   6.71  ? 30  ALA A HB1    1 
ATOM   101 H HB2    . ALA A 1 7  ? -7.877  -6.106  2.052   1.00   6.84  ? 30  ALA A HB2    1 
ATOM   102 H HB3    . ALA A 1 7  ? -7.755  -6.494  3.571   1.00   6.93  ? 30  ALA A HB3    1 
ATOM   103 N N      . SER A 1 8  ? -5.201  -5.251  4.267   1.00   5.75  ? 31  SER A N      1 
ATOM   104 C CA     . SER A 1 8  ? -4.679  -3.988  4.790   1.00   5.91  ? 31  SER A CA     1 
ATOM   105 C C      . SER A 1 8  ? -3.237  -3.767  4.348   1.00   5.79  ? 31  SER A C      1 
ATOM   106 O O      . SER A 1 8  ? -2.870  -2.660  3.964   1.00   6.32  ? 31  SER A O      1 
ATOM   107 C CB     . SER A 1 8  ? -4.804  -3.961  6.294   1.00   6.91  ? 31  SER A CB     1 
ATOM   108 O OG     . SER A 1 8  ? -6.148  -4.023  6.697   1.00   8.79  ? 31  SER A OG     1 
ATOM   109 H H      . SER A 1 8  ? -5.359  -5.844  4.871   1.00   5.81  ? 31  SER A H      1 
ATOM   110 H HA     . SER A 1 8  ? -5.218  -3.249  4.436   1.00   5.93  ? 31  SER A HA     1 
ATOM   111 H HB2    . SER A 1 8  ? -4.328  -4.721  6.665   1.00   6.98  ? 31  SER A HB2    1 
ATOM   112 H HB3    . SER A 1 8  ? -4.416  -3.136  6.626   1.00   6.72  ? 31  SER A HB3    1 
ATOM   113 H HG     . SER A 1 8  ? -6.199  -4.006  7.515   0.0000 8.79  ? 31  SER A HG     1 
ATOM   114 N N      . ILE A 1 9  ? -2.409  -4.810  4.402   1.00   5.74  ? 32  ILE A N      1 
ATOM   115 C CA     . ILE A 1 9  ? -1.038  -4.684  3.935   1.00   5.94  ? 32  ILE A CA     1 
ATOM   116 C C      . ILE A 1 9  ? -1.004  -4.384  2.450   1.00   5.68  ? 32  ILE A C      1 
ATOM   117 O O      . ILE A 1 9  ? -0.265  -3.493  2.011   1.00   6.44  ? 32  ILE A O      1 
ATOM   118 C CB     . ILE A 1 9  ? -0.202  -5.934  4.299   1.00   6.65  ? 32  ILE A CB     1 
ATOM   119 C CG1    . ILE A 1 9  ? -0.018  -6.031  5.815   1.00   7.84  ? 32  ILE A CG1    1 
ATOM   120 C CG2    . ILE A 1 9  ? 1.113   -5.937  3.541   1.00   8.28  ? 32  ILE A CG2    1 
ATOM   121 C CD1    . ILE A 1 9  ? 0.669   -7.315  6.236   1.00   10.11 ? 32  ILE A CD1    1 
ATOM   122 H H      . ILE A 1 9  ? -2.620  -5.589  4.699   1.00   5.84  ? 32  ILE A H      1 
ATOM   123 H HA     . ILE A 1 9  ? -0.624  -3.923  4.395   1.00   5.89  ? 32  ILE A HA     1 
ATOM   124 H HB     . ILE A 1 9  ? -0.701  -6.714  4.014   1.00   6.82  ? 32  ILE A HB     1 
ATOM   125 H HG12   . ILE A 1 9  ? 0.532   -5.288  6.112   1.00   7.82  ? 32  ILE A HG12   1 
ATOM   126 H HG13   . ILE A 1 9  ? -0.882  -5.993  6.251   1.00   7.87  ? 32  ILE A HG13   1 
ATOM   127 H HG21   . ILE A 1 9  ? 0.958   -6.225  2.639   1.00   8.10  ? 32  ILE A HG21   1 
ATOM   128 H HG22   . ILE A 1 9  ? 1.725   -6.541  3.965   1.00   7.87  ? 32  ILE A HG22   1 
ATOM   129 H HG23   . ILE A 1 9  ? 1.483   -5.051  3.546   1.00   7.75  ? 32  ILE A HG23   1 
ATOM   130 H HD11   . ILE A 1 9  ? 0.455   -8.009  5.609   1.00   9.44  ? 32  ILE A HD11   1 
ATOM   131 H HD12   . ILE A 1 9  ? 0.361   -7.560  7.111   1.00   9.50  ? 32  ILE A HD12   1 
ATOM   132 H HD13   . ILE A 1 9  ? 1.619   -7.170  6.252   1.00   9.46  ? 32  ILE A HD13   1 
ATOM   133 N N      . ILE A 1 10 ? -1.804  -5.096  1.657   1.00   5.91  ? 33  ILE A N      1 
ATOM   134 C CA     . ILE A 1 10 ? -1.844  -4.837  0.230   1.00   6.33  ? 33  ILE A CA     1 
ATOM   135 C C      . ILE A 1 10 ? -2.190  -3.375  -0.022  1.00   6.18  ? 33  ILE A C      1 
ATOM   136 O O      . ILE A 1 10 ? -1.551  -2.681  -0.817  1.00   6.71  ? 33  ILE A O      1 
ATOM   137 C CB     . ILE A 1 10 ? -2.860  -5.772  -0.469  1.00   6.60  ? 33  ILE A CB     1 
ATOM   138 C CG1    . ILE A 1 10 ? -2.359  -7.213  -0.402  1.00   8.17  ? 33  ILE A CG1    1 
ATOM   139 C CG2    . ILE A 1 10 ? -3.115  -5.341  -1.895  1.00   8.20  ? 33  ILE A CG2    1 
ATOM   140 C CD1    . ILE A 1 10 ? -3.428  -8.242  -0.695  1.00   9.85  ? 33  ILE A CD1    1 
ATOM   141 H H      . ILE A 1 10 ? -2.329  -5.720  1.930   1.00   6.02  ? 33  ILE A H      1 
ATOM   142 H HA     . ILE A 1 10 ? -0.957  -5.010  -0.152  1.00   6.17  ? 33  ILE A HA     1 
ATOM   143 H HB     . ILE A 1 10 ? -3.699  -5.719  0.015   1.00   6.88  ? 33  ILE A HB     1 
ATOM   144 H HG12   . ILE A 1 10 ? -1.658  -7.325  -1.063  1.00   7.96  ? 33  ILE A HG12   1 
ATOM   145 H HG13   . ILE A 1 10 ? -2.005  -7.397  0.478   1.00   7.96  ? 33  ILE A HG13   1 
ATOM   146 H HG21   . ILE A 1 10 ? -3.705  -4.584  -1.899  1.00   7.87  ? 33  ILE A HG21   1 
ATOM   147 H HG22   . ILE A 1 10 ? -3.522  -6.064  -2.376  1.00   7.68  ? 33  ILE A HG22   1 
ATOM   148 H HG23   . ILE A 1 10 ? -2.278  -5.111  -2.305  1.00   7.94  ? 33  ILE A HG23   1 
ATOM   149 H HD11   . ILE A 1 10 ? -4.248  -7.974  -0.273  1.00   9.50  ? 33  ILE A HD11   1 
ATOM   150 H HD12   . ILE A 1 10 ? -3.145  -9.091  -0.348  1.00   9.43  ? 33  ILE A HD12   1 
ATOM   151 H HD13   . ILE A 1 10 ? -3.552  -8.302  -1.644  1.00   9.53  ? 33  ILE A HD13   1 
ATOM   152 N N      . ALA A 1 11 ? -3.236  -2.890  0.640   1.00   5.65  ? 34  ALA A N      1 
ATOM   153 C CA     . ALA A 1 11 ? -3.691  -1.533  0.432   1.00   6.14  ? 34  ALA A CA     1 
ATOM   154 C C      . ALA A 1 11 ? -2.645  -0.506  0.816   1.00   5.52  ? 34  ALA A C      1 
ATOM   155 O O      . ALA A 1 11 ? -2.435  0.477   0.115   1.00   5.92  ? 34  ALA A O      1 
ATOM   156 C CB     . ALA A 1 11 ? -4.977  -1.291  1.196   1.00   7.16  ? 34  ALA A CB     1 
ATOM   157 H H      . ALA A 1 11 ? -3.695  -3.335  1.214   1.00   5.78  ? 34  ALA A H      1 
ATOM   158 H HA     . ALA A 1 11 ? -3.887  -1.411  -0.520  1.00   6.05  ? 34  ALA A HA     1 
ATOM   159 H HB1    . ALA A 1 11 ? -5.594  -2.001  1.006   1.00   6.79  ? 34  ALA A HB1    1 
ATOM   160 H HB2    . ALA A 1 11 ? -5.347  -0.452  0.917   1.00   6.91  ? 34  ALA A HB2    1 
ATOM   161 H HB3    . ALA A 1 11 ? -4.783  -1.269  2.136   1.00   7.07  ? 34  ALA A HB3    1 
ATOM   162 N N      . ILE A 1 12 ? -2.027  -0.709  1.975   1.00   5.47  ? 35  ILE A N      1 
ATOM   163 C CA     . ILE A 1 12 ? -1.030  0.222   2.458   1.00   5.56  ? 35  ILE A CA     1 
ATOM   164 C C      . ILE A 1 12 ? 0.173   0.271   1.545   1.00   5.56  ? 35  ILE A C      1 
ATOM   165 O O      . ILE A 1 12 ? 0.683   1.352   1.227   1.00   5.76  ? 35  ILE A O      1 
ATOM   166 C CB     . ILE A 1 12 ? -0.661  -0.111  3.919   1.00   5.96  ? 35  ILE A CB     1 
ATOM   167 C CG1    . ILE A 1 12 ? -1.827  0.248   4.826   1.00   6.75  ? 35  ILE A CG1    1 
ATOM   168 C CG2    . ILE A 1 12 ? 0.606   0.606   4.331   1.00   6.72  ? 35  ILE A CG2    1 
ATOM   169 C CD1    . ILE A 1 12 ? -1.718  -0.277  6.246   1.00   8.37  ? 35  ILE A CD1    1 
ATOM   170 H H      . ILE A 1 12 ? -2.174  -1.379  2.494   1.00   5.50  ? 35  ILE A H      1 
ATOM   171 H HA     . ILE A 1 12 ? -1.424  1.118   2.461   1.00   5.57  ? 35  ILE A HA     1 
ATOM   172 H HB     . ILE A 1 12 ? -0.502  -1.065  3.989   1.00   6.04  ? 35  ILE A HB     1 
ATOM   173 H HG12   . ILE A 1 12 ? -1.886  1.215   4.879   1.00   6.81  ? 35  ILE A HG12   1 
ATOM   174 H HG13   . ILE A 1 12 ? -2.646  -0.104  4.447   1.00   6.41  ? 35  ILE A HG13   1 
ATOM   175 H HG21   . ILE A 1 12 ? 1.365   0.144   3.967   1.00   6.65  ? 35  ILE A HG21   1 
ATOM   176 H HG22   . ILE A 1 12 ? 0.669   0.615   5.288   1.00   6.56  ? 35  ILE A HG22   1 
ATOM   177 H HG23   . ILE A 1 12 ? 0.579   1.508   4.003   1.00   6.50  ? 35  ILE A HG23   1 
ATOM   178 H HD11   . ILE A 1 12 ? -1.349  -1.164  6.221   1.00   8.01  ? 35  ILE A HD11   1 
ATOM   179 H HD12   . ILE A 1 12 ? -2.593  -0.300  6.638   1.00   7.92  ? 35  ILE A HD12   1 
ATOM   180 H HD13   . ILE A 1 12 ? -1.144  0.301   6.753   1.00   7.85  ? 35  ILE A HD13   1 
ATOM   181 N N      . LEU A 1 13 ? 0.632   -0.881  1.071   1.00   5.46  ? 36  LEU A N      1 
ATOM   182 C CA     A LEU A 1 13 ? 1.766   -0.897  0.155   0.50   5.80  ? 36  LEU A CA     1 
ATOM   183 C CA     B LEU A 1 13 ? 1.779   -0.896  0.165   0.50   6.17  ? 36  LEU A CA     1 
ATOM   184 C C      . LEU A 1 13 ? 1.446   -0.236  -1.171  1.00   5.60  ? 36  LEU A C      1 
ATOM   185 O O      . LEU A 1 13 ? 2.268   0.496   -1.715  1.00   6.23  ? 36  LEU A O      1 
ATOM   186 C CB     A LEU A 1 13 ? 2.251   -2.306  -0.074  0.50   5.35  ? 36  LEU A CB     1 
ATOM   187 C CB     B LEU A 1 13 ? 2.357   -2.306  -0.010  0.50   7.70  ? 36  LEU A CB     1 
ATOM   188 C CG     A LEU A 1 13 ? 2.804   -2.986  1.181   0.50   5.56  ? 36  LEU A CG     1 
ATOM   189 C CG     B LEU A 1 13 ? 3.447   -2.703  1.007   0.50   10.69 ? 36  LEU A CG     1 
ATOM   190 C CD1    A LEU A 1 13 ? 3.088   -4.422  0.762   0.50   7.72  ? 36  LEU A CD1    1 
ATOM   191 C CD1    B LEU A 1 13 ? 3.057   -2.480  2.433   0.50   11.63 ? 36  LEU A CD1    1 
ATOM   192 C CD2    A LEU A 1 13 ? 4.036   -2.241  1.751   0.50   6.52  ? 36  LEU A CD2    1 
ATOM   193 C CD2    B LEU A 1 13 ? 3.880   -4.146  0.860   0.50   11.34 ? 36  LEU A CD2    1 
ATOM   194 H H      . LEU A 1 13 ? 0.303   -1.654  1.256   1.00   5.60  ? 36  LEU A H      1 
ATOM   195 H HA     A LEU A 1 13 ? 2.505   -0.399  0.562   0.50   5.50  ? 36  LEU A HA     1 
ATOM   196 H HA     B LEU A 1 13 ? 2.491   -0.360  0.574   0.50   6.01  ? 36  LEU A HA     1 
ATOM   197 H HB2    A LEU A 1 13 ? 1.513   -2.843  -0.401  0.50   5.45  ? 36  LEU A HB2    1 
ATOM   198 H HB2    B LEU A 1 13 ? 1.639   -2.953  0.064   0.50   7.71  ? 36  LEU A HB2    1 
ATOM   199 H HB3    A LEU A 1 13 ? 2.961   -2.289  -0.735  0.50   5.40  ? 36  LEU A HB3    1 
ATOM   200 H HB3    B LEU A 1 13 ? 2.754   -2.368  -0.892  0.50   7.59  ? 36  LEU A HB3    1 
ATOM   201 H HG     A LEU A 1 13 ? 2.125   -3.001  1.870   0.50   5.68  ? 36  LEU A HG     1 
ATOM   202 H HG     B LEU A 1 13 ? 4.229   -2.154  0.837   0.50   10.41 ? 36  LEU A HG     1 
ATOM   203 H HD11   A LEU A 1 13 ? 2.407   -4.709  0.149   0.50   7.40  ? 36  LEU A HD11   1 
ATOM   204 H HD11   B LEU A 1 13 ? 2.840   -1.553  2.556   0.50   11.12 ? 36  LEU A HD11   1 
ATOM   205 H HD12   A LEU A 1 13 ? 3.083   -4.982  1.542   0.50   7.18  ? 36  LEU A HD12   1 
ATOM   206 H HD12   B LEU A 1 13 ? 3.795   -2.721  2.999   0.50   11.10 ? 36  LEU A HD12   1 
ATOM   207 H HD13   A LEU A 1 13 ? 3.948   -4.459  0.337   0.50   7.16  ? 36  LEU A HD13   1 
ATOM   208 H HD13   B LEU A 1 13 ? 2.295   -3.025  2.638   0.50   11.22 ? 36  LEU A HD13   1 
ATOM   209 H HD21   A LEU A 1 13 ? 4.832   -2.611  1.361   0.50   6.40  ? 36  LEU A HD21   1 
ATOM   210 H HD21   B LEU A 1 13 ? 3.119   -4.715  0.997   0.50   11.14 ? 36  LEU A HD21   1 
ATOM   211 H HD22   A LEU A 1 13 ? 4.055   -2.354  2.704   0.50   6.32  ? 36  LEU A HD22   1 
ATOM   212 H HD22   B LEU A 1 13 ? 4.553   -4.337  1.517   0.50   10.51 ? 36  LEU A HD22   1 
ATOM   213 H HD23   A LEU A 1 13 ? 3.966   -1.309  1.532   0.50   6.28  ? 36  LEU A HD23   1 
ATOM   214 H HD23   B LEU A 1 13 ? 4.234   -4.278  -0.021  0.50   11.19 ? 36  LEU A HD23   1 
ATOM   215 N N      . HIS A 1 14 ? 0.238   -0.467  -1.702  1.00   5.99  ? 37  HIS A N      1 
ATOM   216 C CA     . HIS A 1 14 ? -0.142  0.231   -2.915  1.00   6.66  ? 37  HIS A CA     1 
ATOM   217 C C      . HIS A 1 14 ? -0.173  1.744   -2.697  1.00   6.10  ? 37  HIS A C      1 
ATOM   218 O O      . HIS A 1 14 ? 0.200   2.499   -3.598  1.00   6.75  ? 37  HIS A O      1 
ATOM   219 C CB     . HIS A 1 14 ? -1.469  -0.270  -3.462  1.00   7.72  ? 37  HIS A CB     1 
ATOM   220 C CG     . HIS A 1 14 ? -1.334  -1.535  -4.240  1.00   10.01 ? 37  HIS A CG     1 
ATOM   221 N ND1    . HIS A 1 14 ? -0.598  -1.621  -5.397  1.00   18.39 ? 37  HIS A ND1    1 
ATOM   222 C CD2    . HIS A 1 14 ? -1.768  -2.774  -3.986  1.00   13.81 ? 37  HIS A CD2    1 
ATOM   223 C CE1    . HIS A 1 14 ? -0.639  -2.861  -5.849  1.00   19.48 ? 37  HIS A CE1    1 
ATOM   224 N NE2    . HIS A 1 14 ? -1.361  -3.577  -5.011  1.00   16.01 ? 37  HIS A NE2    1 
ATOM   225 H H      . HIS A 1 14 ? -0.349  -1.010  -1.386  1.00   5.97  ? 37  HIS A H      1 
ATOM   226 H HA     . HIS A 1 14 ? 0.538   0.054   -3.598  1.00   6.76  ? 37  HIS A HA     1 
ATOM   227 H HB2    . HIS A 1 14 ? -2.080  -0.432  -2.727  1.00   7.79  ? 37  HIS A HB2    1 
ATOM   228 H HB3    . HIS A 1 14 ? -1.840  0.401   -4.056  1.00   7.74  ? 37  HIS A HB3    1 
ATOM   229 H HD1    . HIS A 1 14 ? -0.197  -0.965  -5.782  1.00   15.74 ? 37  HIS A HD1    1 
ATOM   230 H HD2    . HIS A 1 14 ? -2.303  -3.028  -3.272  1.00   12.28 ? 37  HIS A HD2    1 
ATOM   231 H HE1    . HIS A 1 14 ? -0.234  -3.173  -6.626  1.00   17.61 ? 37  HIS A HE1    1 
ATOM   232 H HE2    . HIS A 1 14 ? -1.523  -4.419  -5.081  1.00   15.12 ? 37  HIS A HE2    1 
ATOM   233 N N      . LEU A 1 15 ? -0.624  2.193   -1.533  1.00   5.85  ? 38  LEU A N      1 
ATOM   234 C CA     . LEU A 1 15 ? -0.657  3.611   -1.240  1.00   5.91  ? 38  LEU A CA     1 
ATOM   235 C C      . LEU A 1 15 ? 0.760   4.180   -1.138  1.00   5.61  ? 38  LEU A C      1 
ATOM   236 O O      . LEU A 1 15 ? 1.035   5.266   -1.648  1.00   6.29  ? 38  LEU A O      1 
ATOM   237 C CB     . LEU A 1 15 ? -1.456  3.866   0.031   1.00   6.53  ? 38  LEU A CB     1 
ATOM   238 C CG     . LEU A 1 15 ? -1.561  5.322   0.436   1.00   7.63  ? 38  LEU A CG     1 
ATOM   239 C CD1    . LEU A 1 15 ? -2.194  6.178   -0.645  1.00   9.39  ? 38  LEU A CD1    1 
ATOM   240 C CD2    . LEU A 1 15 ? -2.327  5.415   1.752   1.00   9.48  ? 38  LEU A CD2    1 
ATOM   241 H H      . LEU A 1 15 ? -0.918  1.693   -0.900  1.00   5.87  ? 38  LEU A H      1 
ATOM   242 H HA     . LEU A 1 15 ? -1.110  4.073   -1.976  1.00   5.92  ? 38  LEU A HA     1 
ATOM   243 H HB2    . LEU A 1 15 ? -2.357  3.531   -0.098  1.00   6.42  ? 38  LEU A HB2    1 
ATOM   244 H HB3    . LEU A 1 15 ? -1.034  3.388   0.763   1.00   6.60  ? 38  LEU A HB3    1 
ATOM   245 H HG     . LEU A 1 15 ? -0.671  5.671   0.601   1.00   7.51  ? 38  LEU A HG     1 
ATOM   246 H HD11   . LEU A 1 15 ? -1.545  6.343   -1.332  1.00   8.73  ? 38  LEU A HD11   1 
ATOM   247 H HD12   . LEU A 1 15 ? -2.481  7.010   -0.259  1.00   8.94  ? 38  LEU A HD12   1 
ATOM   248 H HD13   . LEU A 1 15 ? -2.949  5.711   -1.011  1.00   9.05  ? 38  LEU A HD13   1 
ATOM   249 H HD21   . LEU A 1 15 ? -3.215  5.076   1.619   1.00   9.12  ? 38  LEU A HD21   1 
ATOM   250 H HD22   . LEU A 1 15 ? -2.365  6.335   2.022   1.00   9.04  ? 38  LEU A HD22   1 
ATOM   251 H HD23   . LEU A 1 15 ? -1.873  4.894   2.416   1.00   9.14  ? 38  LEU A HD23   1 
ATOM   252 N N      . ILE A 1 16 ? 1.672   3.472   -0.477  1.00   5.56  ? 39  ILE A N      1 
ATOM   253 C CA     . ILE A 1 16 ? 3.060   3.925   -0.394  1.00   5.92  ? 39  ILE A CA     1 
ATOM   254 C C      . ILE A 1 16 ? 3.635   4.086   -1.803  1.00   5.89  ? 39  ILE A C      1 
ATOM   255 O O      . ILE A 1 16 ? 4.287   5.091   -2.102  1.00   6.36  ? 39  ILE A O      1 
ATOM   256 C CB     . ILE A 1 16 ? 3.908   2.949   0.428   1.00   6.31  ? 39  ILE A CB     1 
ATOM   257 C CG1    . ILE A 1 16 ? 3.488   3.006   1.901   1.00   7.11  ? 39  ILE A CG1    1 
ATOM   258 C CG2    . ILE A 1 16 ? 5.394   3.289   0.297   1.00   7.15  ? 39  ILE A CG2    1 
ATOM   259 C CD1    . ILE A 1 16 ? 4.048   1.889   2.744   1.00   8.61  ? 39  ILE A CD1    1 
ATOM   260 H H      . ILE A 1 16 ? 1.510   2.729   -0.076  1.00   5.76  ? 39  ILE A H      1 
ATOM   261 H HA     . ILE A 1 16 ? 3.087   4.799   0.049   1.00   5.82  ? 39  ILE A HA     1 
ATOM   262 H HB     . ILE A 1 16 ? 3.762   2.051   0.093   1.00   6.39  ? 39  ILE A HB     1 
ATOM   263 H HG12   . ILE A 1 16 ? 3.805   3.841   2.279   1.00   7.15  ? 39  ILE A HG12   1 
ATOM   264 H HG13   . ILE A 1 16 ? 2.523   2.969   1.966   1.00   6.86  ? 39  ILE A HG13   1 
ATOM   265 H HG21   . ILE A 1 16 ? 5.733   2.914   -0.520  1.00   7.00  ? 39  ILE A HG21   1 
ATOM   266 H HG22   . ILE A 1 16 ? 5.873   2.915   1.040   1.00   7.04  ? 39  ILE A HG22   1 
ATOM   267 H HG23   . ILE A 1 16 ? 5.502   4.242   0.292   1.00   6.92  ? 39  ILE A HG23   1 
ATOM   268 H HD11   . ILE A 1 16 ? 4.128   1.097   2.207   1.00   8.16  ? 39  ILE A HD11   1 
ATOM   269 H HD12   . ILE A 1 16 ? 3.453   1.726   3.479   1.00   8.31  ? 39  ILE A HD12   1 
ATOM   270 H HD13   . ILE A 1 16 ? 4.911   2.149   3.074   1.00   8.18  ? 39  ILE A HD13   1 
ATOM   271 N N      . LEU A 1 17 ? 3.409   3.098   -2.657  1.00   6.06  ? 40  LEU A N      1 
ATOM   272 C CA     A LEU A 1 17 ? 3.949   3.157   -3.982  0.70   6.75  ? 40  LEU A CA     1 
ATOM   273 C CA     B LEU A 1 17 ? 3.865   3.121   -4.068  0.30   7.21  ? 40  LEU A CA     1 
ATOM   274 C C      . LEU A 1 17 ? 3.347   4.336   -4.786  1.00   6.38  ? 40  LEU A C      1 
ATOM   275 O O      . LEU A 1 17 ? 4.063   5.016   -5.514  1.00   7.18  ? 40  LEU A O      1 
ATOM   276 C CB     A LEU A 1 17 ? 3.742   1.799   -4.632  0.70   7.21  ? 40  LEU A CB     1 
ATOM   277 C CB     B LEU A 1 17 ? 3.332   1.924   -4.863  0.30   9.17  ? 40  LEU A CB     1 
ATOM   278 C CG     A LEU A 1 17 ? 4.217   1.666   -6.057  0.70   8.11  ? 40  LEU A CG     1 
ATOM   279 C CG     B LEU A 1 17 ? 4.137   0.649   -4.943  0.30   12.50 ? 40  LEU A CG     1 
ATOM   280 C CD1    A LEU A 1 17 ? 5.705   1.974   -6.137  0.70   9.63  ? 40  LEU A CD1    1 
ATOM   281 C CD1    B LEU A 1 17 ? 3.334   -0.403  -5.692  0.30   14.67 ? 40  LEU A CD1    1 
ATOM   282 C CD2    A LEU A 1 17 ? 3.885   0.264   -6.551  0.70   10.54 ? 40  LEU A CD2    1 
ATOM   283 C CD2    B LEU A 1 17 ? 5.484   0.864   -5.618  0.30   14.13 ? 40  LEU A CD2    1 
ATOM   284 H H      . LEU A 1 17 ? 2.967   2.386   -2.460  1.00   6.27  ? 40  LEU A H      1 
ATOM   285 H HA     A LEU A 1 17 ? 4.914   3.309   -3.915  0.70   6.71  ? 40  LEU A HA     1 
ATOM   286 H HA     B LEU A 1 17 ? 4.845   3.120   -4.105  0.30   7.02  ? 40  LEU A HA     1 
ATOM   287 H HB2    A LEU A 1 17 ? 4.211   1.135   -4.104  0.70   7.29  ? 40  LEU A HB2    1 
ATOM   288 H HB2    B LEU A 1 17 ? 2.470   1.678   -4.494  0.30   8.93  ? 40  LEU A HB2    1 
ATOM   289 H HB3    A LEU A 1 17 ? 2.792   1.600   -4.629  0.70   7.25  ? 40  LEU A HB3    1 
ATOM   290 H HB3    B LEU A 1 17 ? 3.202   2.210   -5.781  0.30   9.18  ? 40  LEU A HB3    1 
ATOM   291 H HG     A LEU A 1 17 ? 3.745   2.299   -6.619  0.70   8.31  ? 40  LEU A HG     1 
ATOM   292 H HG     B LEU A 1 17 ? 4.287   0.339   -4.044  0.30   12.13 ? 40  LEU A HG     1 
ATOM   293 H HD11   A LEU A 1 17 ? 5.831   2.925   -6.094  0.70   9.28  ? 40  LEU A HD11   1 
ATOM   294 H HD11   B LEU A 1 17 ? 2.489   -0.522  -5.253  0.30   14.23 ? 40  LEU A HD11   1 
ATOM   295 H HD12   A LEU A 1 17 ? 6.050   1.638   -6.967  0.70   9.36  ? 40  LEU A HD12   1 
ATOM   296 H HD12   B LEU A 1 17 ? 3.824   -1.230  -5.690  0.30   14.34 ? 40  LEU A HD12   1 
ATOM   297 H HD13   A LEU A 1 17 ? 6.156   1.551   -5.402  0.70   9.13  ? 40  LEU A HD13   1 
ATOM   298 H HD13   B LEU A 1 17 ? 3.198   -0.107  -6.594  0.30   14.96 ? 40  LEU A HD13   1 
ATOM   299 H HD21   A LEU A 1 17 ? 4.188   -0.378  -5.903  0.70   9.77  ? 40  LEU A HD21   1 
ATOM   300 H HD21   B LEU A 1 17 ? 5.380   1.507   -6.323  0.30   13.98 ? 40  LEU A HD21   1 
ATOM   301 H HD22   A LEU A 1 17 ? 4.325   0.111   -7.389  0.70   10.02 ? 40  LEU A HD22   1 
ATOM   302 H HD22   B LEU A 1 17 ? 5.789   0.028   -5.979  0.30   13.82 ? 40  LEU A HD22   1 
ATOM   303 H HD23   A LEU A 1 17 ? 2.936   0.193   -6.660  0.70   10.87 ? 40  LEU A HD23   1 
ATOM   304 H HD23   B LEU A 1 17 ? 6.111   1.189   -4.968  0.30   13.98 ? 40  LEU A HD23   1 
ATOM   305 N N      . TRP A 1 18 ? 2.059   4.582   -4.613  1.00   5.84  ? 41  TRP A N      1 
ATOM   306 C CA     . TRP A 1 18 ? 1.419   5.718   -5.256  1.00   6.31  ? 41  TRP A CA     1 
ATOM   307 C C      . TRP A 1 18 ? 2.035   7.042   -4.814  1.00   5.96  ? 41  TRP A C      1 
ATOM   308 O O      . TRP A 1 18 ? 2.321   7.910   -5.636  1.00   6.83  ? 41  TRP A O      1 
ATOM   309 C CB     . TRP A 1 18 ? -0.093  5.691   -4.980  1.00   6.79  ? 41  TRP A CB     1 
ATOM   310 C CG     . TRP A 1 18 ? -0.854  6.808   -5.608  1.00   7.18  ? 41  TRP A CG     1 
ATOM   311 C CD1    . TRP A 1 18 ? -1.280  6.862   -6.902  1.00   8.27  ? 41  TRP A CD1    1 
ATOM   312 C CD2    . TRP A 1 18 ? -1.314  8.001   -4.977  1.00   7.22  ? 41  TRP A CD2    1 
ATOM   313 N NE1    . TRP A 1 18 ? -1.975  8.018   -7.113  1.00   8.73  ? 41  TRP A NE1    1 
ATOM   314 C CE2    . TRP A 1 18 ? -2.012  8.735   -5.949  1.00   7.88  ? 41  TRP A CE2    1 
ATOM   315 C CE3    . TRP A 1 18 ? -1.190  8.524   -3.694  1.00   8.36  ? 41  TRP A CE3    1 
ATOM   316 C CZ2    . TRP A 1 18 ? -2.595  9.953   -5.677  1.00   9.51  ? 41  TRP A CZ2    1 
ATOM   317 C CZ3    . TRP A 1 18 ? -1.764  9.738   -3.420  1.00   10.09 ? 41  TRP A CZ3    1 
ATOM   318 C CH2    . TRP A 1 18 ? -2.439  10.445  -4.409  1.00   10.05 ? 41  TRP A CH2    1 
ATOM   319 H H      . TRP A 1 18 ? 1.529   4.105   -4.131  1.00   5.97  ? 41  TRP A H      1 
ATOM   320 H HA     . TRP A 1 18 ? 1.544   5.642   -6.225  1.00   6.25  ? 41  TRP A HA     1 
ATOM   321 H HB2    . TRP A 1 18 ? -0.457  4.858   -5.321  1.00   6.72  ? 41  TRP A HB2    1 
ATOM   322 H HB3    . TRP A 1 18 ? -0.235  5.741   -4.022  1.00   6.69  ? 41  TRP A HB3    1 
ATOM   323 H HD1    . TRP A 1 18 ? -1.135  6.201   -7.540  1.00   8.04  ? 41  TRP A HD1    1 
ATOM   324 H HE1    . TRP A 1 18 ? -2.335  8.254   -7.857  1.00   8.33  ? 41  TRP A HE1    1 
ATOM   325 H HE3    . TRP A 1 18 ? -0.741  8.051   -3.032  1.00   8.06  ? 41  TRP A HE3    1 
ATOM   326 H HZ2    . TRP A 1 18 ? -3.038  10.438  -6.335  1.00   9.07  ? 41  TRP A HZ2    1 
ATOM   327 H HZ3    . TRP A 1 18 ? -1.694  10.096  -2.565  1.00   9.64  ? 41  TRP A HZ3    1 
ATOM   328 H HH2    . TRP A 1 18 ? -2.822  11.265  -4.194  1.00   9.65  ? 41  TRP A HH2    1 
ATOM   329 N N      . ILE A 1 19 ? 2.246   7.209   -3.505  1.00   5.88  ? 42  ILE A N      1 
ATOM   330 C CA     . ILE A 1 19 ? 2.849   8.432   -2.998  1.00   6.59  ? 42  ILE A CA     1 
ATOM   331 C C      . ILE A 1 19 ? 4.250   8.582   -3.573  1.00   6.84  ? 42  ILE A C      1 
ATOM   332 O O      . ILE A 1 19 ? 4.628   9.651   -4.050  1.00   8.10  ? 42  ILE A O      1 
ATOM   333 C CB     . ILE A 1 19 ? 2.843   8.467   -1.465  1.00   6.81  ? 42  ILE A CB     1 
ATOM   334 C CG1    . ILE A 1 19 ? 1.398   8.518   -0.943  1.00   7.14  ? 42  ILE A CG1    1 
ATOM   335 C CG2    . ILE A 1 19 ? 3.657   9.647   -0.967  1.00   8.05  ? 42  ILE A CG2    1 
ATOM   336 C CD1    . ILE A 1 19 ? 1.253   8.332   0.552   1.00   8.10  ? 42  ILE A CD1    1 
ATOM   337 H H      . ILE A 1 19 ? 2.054   6.624   -2.904  1.00   6.05  ? 42  ILE A H      1 
ATOM   338 H HA     . ILE A 1 19 ? 2.319   9.195   -3.308  1.00   6.52  ? 42  ILE A HA     1 
ATOM   339 H HB     . ILE A 1 19 ? 3.258   7.652   -1.138  1.00   7.00  ? 42  ILE A HB     1 
ATOM   340 H HG12   . ILE A 1 19 ? 1.023   9.385   -1.164  1.00   6.99  ? 42  ILE A HG12   1 
ATOM   341 H HG13   . ILE A 1 19 ? 0.876   7.825   -1.371  1.00   7.11  ? 42  ILE A HG13   1 
ATOM   342 H HG21   . ILE A 1 19 ? 4.589   9.424   -0.998  1.00   7.83  ? 42  ILE A HG21   1 
ATOM   343 H HG22   . ILE A 1 19 ? 3.405   9.847   -0.064  1.00   7.83  ? 42  ILE A HG22   1 
ATOM   344 H HG23   . ILE A 1 19 ? 3.482   10.408  -1.526  1.00   7.73  ? 42  ILE A HG23   1 
ATOM   345 H HD11   . ILE A 1 19 ? 1.935   7.729   0.859   1.00   7.95  ? 42  ILE A HD11   1 
ATOM   346 H HD12   . ILE A 1 19 ? 0.385   7.967   0.739   1.00   7.82  ? 42  ILE A HD12   1 
ATOM   347 H HD13   . ILE A 1 19 ? 1.350   9.184   0.984   1.00   7.96  ? 42  ILE A HD13   1 
ATOM   348 N N      . LEU A 1 20 ? 5.040   7.515   -3.532  1.00   6.75  ? 43  LEU A N      1 
ATOM   349 C CA     A LEU A 1 20 ? 6.383   7.561   -4.055  0.50   7.73  ? 43  LEU A CA     1 
ATOM   350 C CA     B LEU A 1 20 ? 6.397   7.515   -4.096  0.50   8.07  ? 43  LEU A CA     1 
ATOM   351 C C      . LEU A 1 20 ? 6.357   7.971   -5.531  1.00   8.39  ? 43  LEU A C      1 
ATOM   352 O O      . LEU A 1 20 ? 7.153   8.813   -5.955  1.00   9.94  ? 43  LEU A O      1 
ATOM   353 C CB     A LEU A 1 20 ? 7.047   6.198   -3.849  0.50   7.92  ? 43  LEU A CB     1 
ATOM   354 C CB     B LEU A 1 20 ? 7.009   6.107   -4.080  0.50   10.30 ? 43  LEU A CB     1 
ATOM   355 C CG     A LEU A 1 20 ? 8.417   6.019   -4.468  0.50   8.68  ? 43  LEU A CG     1 
ATOM   356 C CG     B LEU A 1 20 ? 7.636   5.627   -2.782  0.50   11.82 ? 43  LEU A CG     1 
ATOM   357 C CD1    A LEU A 1 20 ? 9.453   6.895   -3.787  0.50   10.46 ? 43  LEU A CD1    1 
ATOM   358 C CD1    B LEU A 1 20 ? 7.894   4.128   -2.852  0.50   14.59 ? 43  LEU A CD1    1 
ATOM   359 C CD2    A LEU A 1 20 ? 8.802   4.553   -4.439  0.50   10.00 ? 43  LEU A CD2    1 
ATOM   360 C CD2    B LEU A 1 20 ? 8.921   6.391   -2.507  0.50   13.43 ? 43  LEU A CD2    1 
ATOM   361 H H      . LEU A 1 20 ? 4.811   6.763   -3.184  1.00   6.95  ? 43  LEU A H      1 
ATOM   362 H HA     A LEU A 1 20 ? 6.900   8.231   -3.561  0.50   7.31  ? 43  LEU A HA     1 
ATOM   363 H HA     B LEU A 1 20 ? 6.973   8.120   -3.585  0.50   7.75  ? 43  LEU A HA     1 
ATOM   364 H HB2    A LEU A 1 20 ? 7.138   6.045   -2.896  0.50   7.85  ? 43  LEU A HB2    1 
ATOM   365 H HB2    B LEU A 1 20 ? 6.317   5.469   -4.312  0.50   9.83  ? 43  LEU A HB2    1 
ATOM   366 H HB3    A LEU A 1 20 ? 6.471   5.517   -4.230  0.50   8.00  ? 43  LEU A HB3    1 
ATOM   367 H HB3    B LEU A 1 20 ? 7.707   6.072   -4.752  0.50   9.92  ? 43  LEU A HB3    1 
ATOM   368 H HG     A LEU A 1 20 ? 8.383   6.282   -5.400  0.50   8.81  ? 43  LEU A HG     1 
ATOM   369 H HG     B LEU A 1 20 ? 7.022   5.793   -2.051  0.50   12.04 ? 43  LEU A HG     1 
ATOM   370 H HD11   A LEU A 1 20 ? 9.196   7.815   -3.886  0.50   10.17 ? 43  LEU A HD11   1 
ATOM   371 H HD11   B LEU A 1 20 ? 7.504   3.782   -3.659  0.50   14.16 ? 43  LEU A HD11   1 
ATOM   372 H HD12   A LEU A 1 20 ? 10.307  6.747   -4.199  0.50   10.02 ? 43  LEU A HD12   1 
ATOM   373 H HD12   B LEU A 1 20 ? 7.493   3.705   -2.089  0.50   14.06 ? 43  LEU A HD12   1 
ATOM   374 H HD13   A LEU A 1 20 ? 9.494   6.665   -2.856  0.50   10.14 ? 43  LEU A HD13   1 
ATOM   375 H HD13   B LEU A 1 20 ? 8.841   3.974   -2.857  0.50   13.84 ? 43  LEU A HD13   1 
ATOM   376 H HD21   A LEU A 1 20 ? 8.811   4.251   -3.527  0.50   9.89  ? 43  LEU A HD21   1 
ATOM   377 H HD21   B LEU A 1 20 ? 9.653   5.929   -2.921  0.50   13.13 ? 43  LEU A HD21   1 
ATOM   378 H HD22   A LEU A 1 20 ? 9.673   4.451   -4.826  0.50   9.65  ? 43  LEU A HD22   1 
ATOM   379 H HD22   B LEU A 1 20 ? 9.059   6.439   -1.559  0.50   13.22 ? 43  LEU A HD22   1 
ATOM   380 H HD23   A LEU A 1 20 ? 8.157   4.051   -4.943  0.50   9.51  ? 43  LEU A HD23   1 
ATOM   381 H HD23   B LEU A 1 20 ? 8.842   7.276   -2.871  0.50   13.18 ? 43  LEU A HD23   1 
ATOM   382 N N      . ASP A 1 21 ? 5.449   7.393   -6.306  1.00   7.78  ? 44  ASP A N      1 
ATOM   383 C CA     . ASP A 1 21 ? 5.367   7.706   -7.708  1.00   8.90  ? 44  ASP A CA     1 
ATOM   384 C C      . ASP A 1 21 ? 4.935   9.138   -7.974  1.00   8.96  ? 44  ASP A C      1 
ATOM   385 O O      . ASP A 1 21 ? 5.364   9.748   -8.957  1.00   11.03 ? 44  ASP A O      1 
ATOM   386 C CB     . ASP A 1 21 ? 4.399   6.754   -8.389  1.00   9.98  ? 44  ASP A CB     1 
ATOM   387 C CG     . ASP A 1 21 ? 4.961   5.345   -8.602  1.00   12.95 ? 44  ASP A CG     1 
ATOM   388 O OD1    . ASP A 1 21 ? 6.201   5.171   -8.581  1.00   15.04 ? 44  ASP A OD1    1 
ATOM   389 O OD2    . ASP A 1 21 ? 4.142   4.410   -8.826  1.00   13.85 ? 44  ASP A OD2    1 
ATOM   390 H H      . ASP A 1 21 ? 4.873   6.815   -6.033  1.00   8.08  ? 44  ASP A H      1 
ATOM   391 H HA     . ASP A 1 21 ? 6.252   7.589   -8.112  1.00   9.06  ? 44  ASP A HA     1 
ATOM   392 H HB2    . ASP A 1 21 ? 3.595   6.677   -7.852  1.00   10.11 ? 44  ASP A HB2    1 
ATOM   393 H HB3    . ASP A 1 21 ? 4.173   7.109   -9.263  1.00   10.09 ? 44  ASP A HB3    1 
ATOM   394 N N      . ARG A 1 22 ? 4.078   9.683   -7.130  1.00   8.76  ? 45  ARG A N      1 
ATOM   395 C CA     . ARG A 1 22 ? 3.643   11.060  -7.303  1.00   9.97  ? 45  ARG A CA     1 
ATOM   396 C C      . ARG A 1 22 ? 4.734   12.063  -6.957  1.00   12.12 ? 45  ARG A C      1 
ATOM   397 O O      . ARG A 1 22 ? 4.704   13.180  -7.431  1.00   16.10 ? 45  ARG A O      1 
ATOM   398 C CB     . ARG A 1 22 ? 2.372   11.344  -6.494  1.00   11.23 ? 45  ARG A CB     1 
ATOM   399 C CG     . ARG A 1 22 ? 1.154   10.647  -7.080  1.00   12.39 ? 45  ARG A CG     1 
ATOM   400 C CD     . ARG A 1 22 ? 0.932   10.966  -8.543  0.80   11.92 ? 45  ARG A CD     1 
ATOM   401 N NE     . ARG A 1 22 ? -0.363  10.483  -8.978  0.80   11.86 ? 45  ARG A NE     1 
ATOM   402 C CZ     . ARG A 1 22 ? -1.511  11.146  -8.928  0.80   12.61 ? 45  ARG A CZ     1 
ATOM   403 N NH1    . ARG A 1 22 ? -1.573  12.395  -8.463  0.80   13.51 ? 45  ARG A NH1    1 
ATOM   404 N NH2    . ARG A 1 22 ? -2.629  10.529  -9.318  0.80   12.91 ? 45  ARG A NH2    1 
ATOM   405 H H      . ARG A 1 22 ? 3.732   9.281   -6.453  1.00   9.03  ? 45  ARG A H      1 
ATOM   406 H HA     . ARG A 1 22 ? 3.435   11.206  -8.246  1.00   10.18 ? 45  ARG A HA     1 
ATOM   407 H HB2    . ARG A 1 22 ? 2.493   11.032  -5.584  1.00   11.16 ? 45  ARG A HB2    1 
ATOM   408 H HB3    . ARG A 1 22 ? 2.199   12.298  -6.497  1.00   11.01 ? 45  ARG A HB3    1 
ATOM   409 H HG2    . ARG A 1 22 ? 1.268   9.689   -7.003  1.00   11.76 ? 45  ARG A HG2    1 
ATOM   410 H HG3    . ARG A 1 22 ? 0.365   10.926  -6.589  1.00   11.91 ? 45  ARG A HG3    1 
ATOM   411 H HD2    . ARG A 1 22 ? 0.994   11.922  -8.689  0.80   12.15 ? 45  ARG A HD2    1 
ATOM   412 H HD3    . ARG A 1 22 ? 1.596   10.504  -9.077  0.80   11.91 ? 45  ARG A HD3    1 
ATOM   413 H HE     . ARG A 1 22 ? -0.381  9.587   -9.384  0.80   11.96 ? 45  ARG A HE     1 
ATOM   414 H HH11   . ARG A 1 22 ? -0.868  12.802  -8.189  0.80   13.08 ? 45  ARG A HH11   1 
ATOM   415 H HH12   . ARG A 1 22 ? -2.329  12.805  -8.441  0.80   13.15 ? 45  ARG A HH12   1 
ATOM   416 H HH21   . ARG A 1 22 ? -2.598  9.727   -9.627  0.80   12.67 ? 45  ARG A HH21   1 
ATOM   417 H HH22   . ARG A 1 22 ? -3.379  10.951  -9.308  0.80   12.83 ? 45  ARG A HH22   1 
ATOM   418 N N      A LEU A 1 23 ? 5.596   11.770  -6.000  0.50   14.30 ? 46  LEU A N      1 
ATOM   419 N N      B LEU A 1 23 ? 5.772   11.603  -6.270  0.50   12.67 ? 46  LEU A N      1 
ATOM   420 C CA     A LEU A 1 23 ? 6.450   12.844  -5.493  0.50   16.04 ? 46  LEU A CA     1 
ATOM   421 C CA     B LEU A 1 23 ? 6.973   12.394  -6.088  0.50   14.43 ? 46  LEU A CA     1 
ATOM   422 C C      A LEU A 1 23 ? 7.705   12.956  -6.333  0.50   17.88 ? 46  LEU A C      1 
ATOM   423 C C      B LEU A 1 23 ? 7.764   12.395  -7.377  0.50   16.94 ? 46  LEU A C      1 
ATOM   424 O O      A LEU A 1 23 ? 8.272   14.044  -6.437  0.50   22.85 ? 46  LEU A O      1 
ATOM   425 O O      B LEU A 1 23 ? 8.632   13.227  -7.559  0.50   20.54 ? 46  LEU A O      1 
ATOM   426 C CB     A LEU A 1 23 ? 6.744   12.680  -4.012  0.50   16.46 ? 46  LEU A CB     1 
ATOM   427 C CB     B LEU A 1 23 ? 7.826   11.841  -4.958  0.50   15.40 ? 46  LEU A CB     1 
ATOM   428 C CG     A LEU A 1 23 ? 7.525   11.467  -3.551  0.50   13.52 ? 46  LEU A CG     1 
ATOM   429 C CG     B LEU A 1 23 ? 7.131   11.646  -3.613  0.50   20.47 ? 46  LEU A CG     1 
ATOM   430 C CD1    A LEU A 1 23 ? 9.035   11.596  -3.669  0.50   18.29 ? 46  LEU A CD1    1 
ATOM   431 C CD1    B LEU A 1 23 ? 8.000   10.809  -2.682  0.50   28.48 ? 46  LEU A CD1    1 
ATOM   432 C CD2    A LEU A 1 23 ? 7.094   11.307  -2.109  0.50   14.64 ? 46  LEU A CD2    1 
ATOM   433 C CD2    B LEU A 1 23 ? 6.789   12.978  -2.978  0.50   26.51 ? 46  LEU A CD2    1 
ATOM   434 H H      A LEU A 1 23 ? 5.712   11.000  -5.636  0.50   13.34 ? 46  LEU A H      1 
ATOM   435 H H      B LEU A 1 23 ? 5.806   10.837  -5.882  0.50   11.83 ? 46  LEU A H      1 
ATOM   436 H HA     A LEU A 1 23 ? 5.977   13.697  -5.575  0.50   15.79 ? 46  LEU A HA     1 
ATOM   437 H HA     B LEU A 1 23 ? 6.736   13.319  -5.867  0.50   14.49 ? 46  LEU A HA     1 
ATOM   438 H HB2    A LEU A 1 23 ? 7.243   13.459  -3.723  0.50   16.03 ? 46  LEU A HB2    1 
ATOM   439 H HB2    B LEU A 1 23 ? 8.180   10.981  -5.232  0.50   15.26 ? 46  LEU A HB2    1 
ATOM   440 H HB3    A LEU A 1 23 ? 5.895   12.659  -3.543  0.50   16.04 ? 46  LEU A HB3    1 
ATOM   441 H HB3    B LEU A 1 23 ? 8.563   12.454  -4.810  0.50   15.91 ? 46  LEU A HB3    1 
ATOM   442 H HG     A LEU A 1 23 ? 7.237   10.685  -4.048  0.50   13.83 ? 46  LEU A HG     1 
ATOM   443 H HG     B LEU A 1 23 ? 6.302   11.170  -3.757  0.50   19.60 ? 46  LEU A HG     1 
ATOM   444 H HD11   A LEU A 1 23 ? 9.265   11.737  -4.591  0.50   16.99 ? 46  LEU A HD11   1 
ATOM   445 H HD11   B LEU A 1 23 ? 8.089   9.925   -3.049  0.50   26.77 ? 46  LEU A HD11   1 
ATOM   446 H HD12   A LEU A 1 23 ? 9.443   10.788  -3.351  0.50   17.23 ? 46  LEU A HD12   1 
ATOM   447 H HD12   B LEU A 1 23 ? 7.581   10.765  -1.819  0.50   27.24 ? 46  LEU A HD12   1 
ATOM   448 H HD13   A LEU A 1 23 ? 9.327   12.342  -3.140  0.50   17.55 ? 46  LEU A HD13   1 
ATOM   449 H HD13   B LEU A 1 23 ? 8.863   11.221  -2.607  0.50   27.14 ? 46  LEU A HD13   1 
ATOM   450 H HD21   A LEU A 1 23 ? 7.344   12.094  -1.620  0.50   14.41 ? 46  LEU A HD21   1 
ATOM   451 H HD21   B LEU A 1 23 ? 7.561   13.309  -2.514  0.50   25.64 ? 46  LEU A HD21   1 
ATOM   452 H HD22   A LEU A 1 23 ? 7.531   10.538  -1.737  0.50   14.40 ? 46  LEU A HD22   1 
ATOM   453 H HD22   B LEU A 1 23 ? 6.065   12.851  -2.361  0.50   25.36 ? 46  LEU A HD22   1 
ATOM   454 H HD23   A LEU A 1 23 ? 6.142   11.191  -2.079  0.50   13.89 ? 46  LEU A HD23   1 
ATOM   455 H HD23   B LEU A 1 23 ? 6.529   13.594  -3.666  0.50   25.71 ? 46  LEU A HD23   1 
HETATM 456 N N      A NH2 A 1 24 ? 7.935   11.853  -7.142  0.50   21.88 ? 47  NH2 A N      1 
HETATM 457 N N      B NH2 A 1 24 ? 7.705   11.411  -8.204  0.50   20.14 ? 47  NH2 A N      1 
HETATM 458 C C1     . BOG B 2 .  ? -10.558 -15.898 11.030  1.00   7.94  ? 101 BOG A C1     1 
HETATM 459 O O1     . BOG B 2 .  ? -9.679  -16.497 10.129  1.00   8.92  ? 101 BOG A O1     1 
HETATM 460 C C2     . BOG B 2 .  ? -9.832  -15.634 12.319  1.00   8.36  ? 101 BOG A C2     1 
HETATM 461 O O2     . BOG B 2 .  ? -9.416  -16.866 12.915  1.00   10.30 ? 101 BOG A O2     1 
HETATM 462 C C3     . BOG B 2 .  ? -10.769 -14.904 13.261  1.00   8.40  ? 101 BOG A C3     1 
HETATM 463 O O3     . BOG B 2 .  ? -10.101 -14.537 14.463  1.00   10.82 ? 101 BOG A O3     1 
HETATM 464 C C4     . BOG B 2 .  ? -11.344 -13.662 12.610  1.00   7.73  ? 101 BOG A C4     1 
HETATM 465 O O4     . BOG B 2 .  ? -12.391 -13.125 13.418  1.00   9.42  ? 101 BOG A O4     1 
HETATM 466 C C5     . BOG B 2 .  ? -11.957 -14.013 11.270  1.00   7.40  ? 101 BOG A C5     1 
HETATM 467 O O5     . BOG B 2 .  ? -10.972 -14.660 10.456  1.00   7.53  ? 101 BOG A O5     1 
HETATM 468 C C6     . BOG B 2 .  ? -12.530 -12.826 10.517  1.00   8.36  ? 101 BOG A C6     1 
HETATM 469 O O6     . BOG B 2 .  ? -11.567 -11.822 10.232  1.00   8.27  ? 101 BOG A O6     1 
HETATM 470 C "C1'"  . BOG B 2 .  ? -10.332 -17.297 9.179   1.00   9.48  ? 101 BOG A "C1'"  1 
HETATM 471 C "C2'"  . BOG B 2 .  ? -9.308  -17.805 8.189   1.00   10.25 ? 101 BOG A "C2'"  1 
HETATM 472 C "C3'"  . BOG B 2 .  ? -9.773  -18.982 7.371   1.00   11.47 ? 101 BOG A "C3'"  1 
HETATM 473 C "C4'"  . BOG B 2 .  ? -10.983 -18.662 6.547   1.00   11.61 ? 101 BOG A "C4'"  1 
HETATM 474 C "C5'"  . BOG B 2 .  ? -11.360 -19.782 5.621   1.00   14.35 ? 101 BOG A "C5'"  1 
HETATM 475 C "C6'"  . BOG B 2 .  ? -12.588 -19.461 4.836   1.00   19.19 ? 101 BOG A "C6'"  1 
HETATM 476 C "C7'"  . BOG B 2 .  ? -12.907 -20.547 3.886   1.00   25.82 ? 101 BOG A "C7'"  1 
HETATM 477 C "C8'"  . BOG B 2 .  ? -14.027 -20.009 3.045   1.00   31.25 ? 101 BOG A "C8'"  1 
HETATM 478 H H1     . BOG B 2 .  ? -11.422 -16.546 11.229  1.00   7.98  ? 101 BOG A H1     1 
HETATM 479 H H2     . BOG B 2 .  ? -8.958  -14.998 12.115  1.00   8.51  ? 101 BOG A H2     1 
HETATM 480 H HO2    . BOG B 2 .  ? -8.833  -17.335 12.304  0.0000 10.41 ? 101 BOG A HO2    1 
HETATM 481 H H3     . BOG B 2 .  ? -11.601 -15.580 13.503  1.00   8.46  ? 101 BOG A H3     1 
HETATM 482 H HO3    . BOG B 2 .  ? -9.744  -15.337 14.873  0.0000 10.67 ? 101 BOG A HO3    1 
HETATM 483 H H4     . BOG B 2 .  ? -10.546 -12.920 12.466  1.00   8.02  ? 101 BOG A H4     1 
HETATM 484 H HO4    . BOG B 2 .  ? -12.032 -12.899 14.289  0.0000 9.36  ? 101 BOG A HO4    1 
HETATM 485 H H5     . BOG B 2 .  ? -12.781 -14.708 11.455  1.00   7.61  ? 101 BOG A H5     1 
HETATM 486 H H61    . BOG B 2 .  ? -13.343 -12.386 11.099  1.00   8.23  ? 101 BOG A H61    1 
HETATM 487 H H62    . BOG B 2 .  ? -12.958 -13.179 9.577   1.00   8.13  ? 101 BOG A H62    1 
HETATM 488 H HO6    . BOG B 2 .  ? -10.712 -12.095 10.592  0.0000 8.20  ? 101 BOG A HO6    1 
HETATM 489 H "H1'1" . BOG B 2 .  ? -11.095 -16.712 8.660   1.00   9.71  ? 101 BOG A "H1'1" 1 
HETATM 490 H "H1'2" . BOG B 2 .  ? -10.820 -18.142 9.670   1.00   9.46  ? 101 BOG A "H1'2" 1 
HETATM 491 H "H2'1" . BOG B 2 .  ? -8.381  -18.044 8.707   1.00   10.15 ? 101 BOG A "H2'1" 1 
HETATM 492 H "H2'2" . BOG B 2 .  ? -9.076  -16.990 7.500   1.00   10.18 ? 101 BOG A "H2'2" 1 
HETATM 493 H "H3'1" . BOG B 2 .  ? -10.018 -19.814 8.034   1.00   11.33 ? 101 BOG A "H3'1" 1 
HETATM 494 H "H3'2" . BOG B 2 .  ? -8.964  -19.307 6.713   1.00   11.26 ? 101 BOG A "H3'2" 1 
HETATM 495 H "H4'1" . BOG B 2 .  ? -10.792 -17.761 5.962   1.00   11.83 ? 101 BOG A "H4'1" 1 
HETATM 496 H "H4'2" . BOG B 2 .  ? -11.828 -18.456 7.206   1.00   11.67 ? 101 BOG A "H4'2" 1 
HETATM 497 H "H5'1" . BOG B 2 .  ? -11.529 -20.691 6.200   1.00   14.41 ? 101 BOG A "H5'1" 1 
HETATM 498 H "H5'2" . BOG B 2 .  ? -10.532 -19.974 4.934   1.00   14.60 ? 101 BOG A "H5'2" 1 
HETATM 499 H "H6'1" . BOG B 2 .  ? -12.433 -18.525 4.295   1.00   19.22 ? 101 BOG A "H6'1" 1 
HETATM 500 H "H6'2" . BOG B 2 .  ? -13.426 -19.317 5.521   1.00   19.25 ? 101 BOG A "H6'2" 1 
HETATM 501 H "H7'1" . BOG B 2 .  ? -13.212 -21.447 4.410   1.00   25.30 ? 101 BOG A "H7'1" 1 
HETATM 502 H "H7'2" . BOG B 2 .  ? -12.035 -20.775 3.271   1.00   24.63 ? 101 BOG A "H7'2" 1 
HETATM 503 H "H8'1" . BOG B 2 .  ? -14.380 -20.772 2.401   1.00   28.78 ? 101 BOG A "H8'1" 1 
HETATM 504 H "H8'2" . BOG B 2 .  ? -14.819 -19.683 3.668   1.00   28.11 ? 101 BOG A "H8'2" 1 
HETATM 505 H "H8'3" . BOG B 2 .  ? -13.678 -19.196 2.462   1.00   30.18 ? 101 BOG A "H8'3" 1 
HETATM 506 C "C1'"  . BOG C 2 .  ? 1.531   -8.763  11.199  1.00   66.64 ? 102 BOG A "C1'"  1 
HETATM 507 C "C2'"  . BOG C 2 .  ? 2.565   -7.644  11.126  1.00   63.57 ? 102 BOG A "C2'"  1 
HETATM 508 C "C3'"  . BOG C 2 .  ? 2.644   -7.042  9.726   1.00   54.84 ? 102 BOG A "C3'"  1 
HETATM 509 C "C4'"  . BOG C 2 .  ? 4.010   -6.411  9.469   1.00   53.70 ? 102 BOG A "C4'"  1 
HETATM 510 C "C5'"  . BOG C 2 .  ? 3.943   -5.240  8.501   1.00   47.59 ? 102 BOG A "C5'"  1 
HETATM 511 C "C6'"  . BOG C 2 .  ? 4.331   -5.621  7.076   1.00   53.68 ? 102 BOG A "C6'"  1 
HETATM 512 C "C7'"  . BOG C 2 .  ? 5.781   -5.223  6.834   1.00   60.60 ? 102 BOG A "C7'"  1 
HETATM 513 C "C8'"  . BOG C 2 .  ? 6.566   -6.299  6.124   1.00   71.48 ? 102 BOG A "C8'"  1 
HETATM 514 H "H1'2" . BOG C 2 .  ? 2.020   -9.692  11.498  1.00   60.62 ? 102 BOG A "H1'2" 1 
HETATM 515 H "H2'1" . BOG C 2 .  ? 3.544   -8.039  11.405  1.00   61.54 ? 102 BOG A "H2'1" 1 
HETATM 516 H "H2'2" . BOG C 2 .  ? 2.304   -6.862  11.842  1.00   57.38 ? 102 BOG A "H2'2" 1 
HETATM 517 H "H3'1" . BOG C 2 .  ? 1.856   -6.293  9.619   1.00   54.04 ? 102 BOG A "H3'1" 1 
HETATM 518 H "H3'2" . BOG C 2 .  ? 2.462   -7.824  8.985   1.00   53.38 ? 102 BOG A "H3'2" 1 
HETATM 519 H "H4'1" . BOG C 2 .  ? 4.690   -7.172  9.080   1.00   52.40 ? 102 BOG A "H4'1" 1 
HETATM 520 H "H4'2" . BOG C 2 .  ? 4.424   -6.060  10.416  1.00   51.39 ? 102 BOG A "H4'2" 1 
HETATM 521 H "H5'1" . BOG C 2 .  ? 4.590   -4.439  8.866   1.00   49.30 ? 102 BOG A "H5'1" 1 
HETATM 522 H "H5'2" . BOG C 2 .  ? 2.929   -4.838  8.485   1.00   49.90 ? 102 BOG A "H5'2" 1 
HETATM 523 H "H6'1" . BOG C 2 .  ? 3.686   -5.091  6.371   1.00   54.50 ? 102 BOG A "H6'1" 1 
HETATM 524 H "H6'2" . BOG C 2 .  ? 4.191   -6.692  6.920   1.00   52.71 ? 102 BOG A "H6'2" 1 
HETATM 525 H "H7'1" . BOG C 2 .  ? 6.277   -5.006  7.782   1.00   59.55 ? 102 BOG A "H7'1" 1 
HETATM 526 H "H7'2" . BOG C 2 .  ? 5.801   -4.309  6.238   1.00   58.79 ? 102 BOG A "H7'2" 1 
HETATM 527 H "H8'1" . BOG C 2 .  ? 7.602   -6.114  6.227   1.00   73.04 ? 102 BOG A "H8'1" 1 
HETATM 528 H "H8'2" . BOG C 2 .  ? 6.333   -7.244  6.538   1.00   70.95 ? 102 BOG A "H8'2" 1 
HETATM 529 H "H8'3" . BOG C 2 .  ? 6.313   -6.293  5.096   1.00   68.53 ? 102 BOG A "H8'3" 1 
HETATM 530 C "C1'"  . BOG D 2 .  ? -7.132  -4.327  12.146  1.00   72.57 ? 103 BOG A "C1'"  1 
HETATM 531 C "C2'"  . BOG D 2 .  ? -7.244  -2.997  11.391  1.00   83.12 ? 103 BOG A "C2'"  1 
HETATM 532 C "C3'"  . BOG D 2 .  ? -8.371  -3.013  10.349  1.00   67.41 ? 103 BOG A "C3'"  1 
HETATM 533 C "C4'"  . BOG D 2 .  ? -8.591  -1.656  9.663   1.00   56.00 ? 103 BOG A "C4'"  1 
HETATM 534 C "C5'"  . BOG D 2 .  ? -7.677  -1.466  8.453   1.00   43.66 ? 103 BOG A "C5'"  1 
HETATM 535 C "C6'"  . BOG D 2 .  ? -8.293  -0.634  7.335   1.00   39.29 ? 103 BOG A "C6'"  1 
HETATM 536 C "C7'"  . BOG D 2 .  ? -7.265  0.313   6.717   1.00   36.83 ? 103 BOG A "C7'"  1 
HETATM 537 C "C8'"  . BOG D 2 .  ? -6.212  -0.351  5.846   1.00   24.90 ? 103 BOG A "C8'"  1 
HETATM 538 H "H2'1" . BOG D 2 .  ? -6.297  -2.785  10.891  1.00   76.89 ? 103 BOG A "H2'1" 1 
HETATM 539 H "H2'2" . BOG D 2 .  ? -7.428  -2.192  12.107  1.00   77.74 ? 103 BOG A "H2'2" 1 
HETATM 540 H "H3'1" . BOG D 2 .  ? -9.300  -3.308  10.844  1.00   68.26 ? 103 BOG A "H3'1" 1 
HETATM 541 H "H3'2" . BOG D 2 .  ? -8.152  -3.774  9.598   1.00   59.84 ? 103 BOG A "H3'2" 1 
HETATM 542 H "H4'1" . BOG D 2 .  ? -8.407  -0.855  10.382  1.00   55.32 ? 103 BOG A "H4'1" 1 
HETATM 543 H "H4'2" . BOG D 2 .  ? -9.634  -1.584  9.346   1.00   53.23 ? 103 BOG A "H4'2" 1 
HETATM 544 H "H5'1" . BOG D 2 .  ? -7.419  -2.443  8.047   1.00   36.98 ? 103 BOG A "H5'1" 1 
HETATM 545 H "H5'2" . BOG D 2 .  ? -6.748  -1.000  8.788   1.00   43.85 ? 103 BOG A "H5'2" 1 
HETATM 546 H "H6'1" . BOG D 2 .  ? -9.127  -0.047  7.728   1.00   40.51 ? 103 BOG A "H6'1" 1 
HETATM 547 H "H6'2" . BOG D 2 .  ? -8.688  -1.298  6.563   1.00   39.73 ? 103 BOG A "H6'2" 1 
HETATM 548 H "H7'1" . BOG D 2 .  ? -6.764  0.865   7.515   1.00   36.48 ? 103 BOG A "H7'1" 1 
HETATM 549 H "H7'2" . BOG D 2 .  ? -7.797  1.049   6.111   1.00   35.62 ? 103 BOG A "H7'2" 1 
HETATM 550 H "H8'1" . BOG D 2 .  ? -5.913  0.318   5.082   1.00   25.40 ? 103 BOG A "H8'1" 1 
HETATM 551 H "H8'2" . BOG D 2 .  ? -5.373  -0.606  6.440   1.00   24.79 ? 103 BOG A "H8'2" 1 
HETATM 552 H "H8'3" . BOG D 2 .  ? -6.614  -1.228  5.410   1.00   24.64 ? 103 BOG A "H8'3" 1 
HETATM 553 O O      . HOH E 3 .  ? -4.270  1.851   -1.618  1.00   9.00  ? 201 HOH A O      1 
HETATM 554 O O      . HOH E 3 .  ? 7.203   3.074   -10.004 1.00   14.51 ? 202 HOH A O      1 
HETATM 555 O O      . HOH E 3 .  ? 1.405   4.739   -8.874  1.00   21.32 ? 203 HOH A O      1 
HETATM 556 O O      . HOH E 3 .  ? 0.357   1.691   -6.336  1.00   25.38 ? 204 HOH A O      1 
HETATM 557 O O      . HOH E 3 .  ? -0.494  3.338   -7.707  1.00   20.10 ? 205 HOH A O      1 
HETATM 558 O O      . HOH E 3 .  ? 9.559   8.267   -7.419  1.00   30.04 ? 206 HOH A O      1 
HETATM 559 O O      . HOH E 3 .  ? 0.794   -0.755  -7.659  1.00   36.54 ? 207 HOH A O      1 
HETATM 560 O O      . HOH E 3 .  ? 8.967   5.657   -8.188  1.00   36.12 ? 208 HOH A O      1 
HETATM 561 O O      . HOH E 3 .  ? 2.647   -2.900  -7.635  1.00   23.76 ? 209 HOH A O      1 
HETATM 562 O O      . HOH E 3 .  ? 1.637   -5.246  -7.884  1.00   27.94 ? 210 HOH A O      1 
HETATM 563 O O      . HOH E 3 .  ? -1.324  -1.798  -9.334  1.00   34.84 ? 211 HOH A O      1 
HETATM 564 O O      . HOH E 3 .  ? 3.809   -6.482  -9.271  1.00   30.25 ? 212 HOH A O      1 
HETATM 565 O O      . HOH E 3 .  ? -2.469  0.182   -7.939  1.00   40.06 ? 213 HOH A O      1 
HETATM 566 O O      . HOH E 3 .  ? -4.408  0.479   -6.268  1.00   22.51 ? 214 HOH A O      1 
HETATM 567 O O      . HOH E 3 .  ? -5.885  4.141   -1.911  1.00   8.22  ? 215 HOH A O      1 
HETATM 568 O O      . HOH E 3 .  ? -4.541  -2.526  -7.483  1.00   56.96 ? 216 HOH A O      1 
HETATM 569 O O      . HOH E 3 .  ? -4.642  -12.565 11.820  1.00   31.15 ? 217 HOH A O      1 
HETATM 570 O O      . HOH E 3 .  ? -2.806  -13.273 10.480  1.00   29.80 ? 218 HOH A O      1 
HETATM 571 O O      . HOH E 3 .  ? -0.815  -11.510 11.608  1.00   49.64 ? 219 HOH A O      1 
HETATM 572 O O      . HOH E 3 .  ? -1.027  -9.054  12.679  1.00   65.29 ? 220 HOH A O      1 
HETATM 573 O O      . HOH E 3 .  ? -6.815  -8.905  12.017  1.00   47.46 ? 221 HOH A O      1 
HETATM 574 O O      . HOH E 3 .  ? -9.048  -10.967 14.188  1.00   55.94 ? 222 HOH A O      1 
HETATM 575 O O      . HOH E 3 .  ? -5.548  -14.531 17.503  1.00   45.41 ? 223 HOH A O      1 
HETATM 576 O O      . HOH E 3 .  ? -3.780  -15.167 15.056  1.00   59.07 ? 224 HOH A O      1 
HETATM 577 O O      . HOH E 3 .  ? -9.115  -4.606  6.458   1.00   62.53 ? 225 HOH A O      1 
HETATM 578 O O      . HOH E 3 .  ? 0.567   14.721  -8.608  1.00   62.73 ? 226 HOH A O      1 
HETATM 579 O O      . HOH E 3 .  ? -0.444  14.126  -6.549  1.00   64.08 ? 227 HOH A O      1 
HETATM 580 O O      . HOH E 3 .  ? 4.959   -11.260 -7.466  1.00   54.48 ? 228 HOH A O      1 
# 
loop_
_atom_site_anisotrop.id 
_atom_site_anisotrop.type_symbol 
_atom_site_anisotrop.pdbx_label_atom_id 
_atom_site_anisotrop.pdbx_label_alt_id 
_atom_site_anisotrop.pdbx_label_comp_id 
_atom_site_anisotrop.pdbx_label_asym_id 
_atom_site_anisotrop.pdbx_label_seq_id 
_atom_site_anisotrop.pdbx_PDB_ins_code 
_atom_site_anisotrop.U[1][1] 
_atom_site_anisotrop.U[2][2] 
_atom_site_anisotrop.U[3][3] 
_atom_site_anisotrop.U[1][2] 
_atom_site_anisotrop.U[1][3] 
_atom_site_anisotrop.U[2][3] 
_atom_site_anisotrop.pdbx_auth_seq_id 
_atom_site_anisotrop.pdbx_auth_comp_id 
_atom_site_anisotrop.pdbx_auth_asym_id 
_atom_site_anisotrop.pdbx_auth_atom_id 
1   C C      . ACE A 1  ? 0.0785 0.1536 0.0625 -0.0059 -0.0296 -0.0370 24  ACE A C      
2   O O      . ACE A 1  ? 0.0906 0.1451 0.0903 -0.0147 -0.0282 -0.0306 24  ACE A O      
3   C CH3    . ACE A 1  ? 0.0984 0.1830 0.0772 -0.0022 -0.0085 -0.0394 24  ACE A CH3    
4   H H1     . ACE A 1  ? 0.0923 0.1723 0.0833 -0.0051 -0.0117 -0.0389 24  ACE A H1     
5   H H2     . ACE A 1  ? 0.0924 0.1769 0.0760 -0.0044 -0.0150 -0.0356 24  ACE A H2     
6   H H3     . ACE A 1  ? 0.0978 0.1720 0.0786 0.0000  -0.0115 -0.0331 24  ACE A H3     
7   N N      . PRO A 2  ? 0.0696 0.1435 0.0806 -0.0076 -0.0285 -0.0204 25  PRO A N      
8   C CA     A PRO A 2  ? 0.0535 0.1279 0.0855 0.0043  -0.0306 -0.0218 25  PRO A CA     
9   C CA     B PRO A 2  ? 0.0617 0.1590 0.0920 -0.0041 -0.0284 -0.0063 25  PRO A CA     
10  C C      . PRO A 2  ? 0.0565 0.1294 0.0769 -0.0018 -0.0230 -0.0245 25  PRO A C      
11  O O      . PRO A 2  ? 0.0584 0.1300 0.0841 -0.0065 -0.0211 -0.0231 25  PRO A O      
12  C CB     A PRO A 2  ? 0.0708 0.1299 0.0735 0.0175  -0.0272 -0.0147 25  PRO A CB     
13  C CB     B PRO A 2  ? 0.1153 0.1699 0.1276 0.0219  -0.0232 -0.0023 25  PRO A CB     
14  C CG     A PRO A 2  ? 0.0752 0.1078 0.0708 0.0083  -0.0342 -0.0240 25  PRO A CG     
15  C CG     B PRO A 2  ? 0.1192 0.1860 0.1672 0.0043  0.0060  -0.0040 25  PRO A CG     
16  C CD     A PRO A 2  ? 0.0742 0.1315 0.0744 0.0063  -0.0196 -0.0244 25  PRO A CD     
17  C CD     B PRO A 2  ? 0.0887 0.1589 0.1212 -0.0120 -0.0159 0.0040  25  PRO A CD     
18  H HA     A PRO A 2  ? 0.0589 0.1202 0.0807 -0.0031 -0.0254 -0.0195 25  PRO A HA     
19  H HA     B PRO A 2  ? 0.0683 0.1401 0.0915 -0.0067 -0.0246 -0.0127 25  PRO A HA     
20  H HB2    A PRO A 2  ? 0.0670 0.1220 0.0741 0.0127  -0.0286 -0.0187 25  PRO A HB2    
21  H HB2    B PRO A 2  ? 0.1010 0.1670 0.1274 0.0103  -0.0165 -0.0031 25  PRO A HB2    
22  H HB3    A PRO A 2  ? 0.0671 0.1154 0.0759 0.0170  -0.0257 -0.0183 25  PRO A HB3    
23  H HB3    B PRO A 2  ? 0.1114 0.1656 0.1254 0.0102  -0.0186 -0.0038 25  PRO A HB3    
24  H HG2    A PRO A 2  ? 0.0728 0.1068 0.0649 0.0115  -0.0289 -0.0157 25  PRO A HG2    
25  H HG2    B PRO A 2  ? 0.1156 0.1835 0.1496 0.0088  -0.0024 0.0023  25  PRO A HG2    
26  H HG3    A PRO A 2  ? 0.0741 0.1107 0.0707 0.0112  -0.0288 -0.0201 25  PRO A HG3    
27  H HG3    B PRO A 2  ? 0.1237 0.1791 0.1555 -0.0006 0.0039  -0.0053 25  PRO A HG3    
28  H HD2    A PRO A 2  ? 0.0735 0.1286 0.0757 0.0026  -0.0238 -0.0260 25  PRO A HD2    
29  H HD2    B PRO A 2  ? 0.0892 0.1502 0.1113 -0.0094 -0.0145 -0.0081 25  PRO A HD2    
30  H HD3    A PRO A 2  ? 0.0740 0.1273 0.0782 0.0037  -0.0229 -0.0251 25  PRO A HD3    
31  H HD3    B PRO A 2  ? 0.0874 0.1566 0.1183 -0.0079 -0.0143 -0.0089 25  PRO A HD3    
32  N N      . LEU A 3  ? 0.0541 0.1141 0.0785 -0.0023 -0.0205 -0.0244 26  LEU A N      
33  C CA     . LEU A 3  ? 0.0555 0.1202 0.0680 -0.0022 -0.0216 -0.0241 26  LEU A CA     
34  C C      . LEU A 3  ? 0.0467 0.1193 0.0750 0.0013  -0.0207 -0.0249 26  LEU A C      
35  O O      . LEU A 3  ? 0.0521 0.1178 0.0790 -0.0039 -0.0256 -0.0231 26  LEU A O      
36  C CB     . LEU A 3  ? 0.0537 0.1217 0.0721 0.0042  -0.0227 -0.0252 26  LEU A CB     
37  C CG     . LEU A 3  ? 0.0618 0.1239 0.0728 0.0032  -0.0346 -0.0374 26  LEU A CG     
38  C CD1    . LEU A 3  ? 0.0982 0.1681 0.0717 0.0298  -0.0292 -0.0369 26  LEU A CD1    
39  C CD2    . LEU A 3  ? 0.0691 0.1449 0.0920 -0.0046 -0.0416 -0.0338 26  LEU A CD2    
40  H H      . LEU A 3  ? 0.0539 0.1187 0.0755 -0.0030 -0.0212 -0.0238 26  LEU A H      
41  H HA     . LEU A 3  ? 0.0551 0.1215 0.0717 0.0014  -0.0213 -0.0253 26  LEU A HA     
42  H HB2    . LEU A 3  ? 0.0552 0.1217 0.0713 0.0022  -0.0249 -0.0279 26  LEU A HB2    
43  H HB3    . LEU A 3  ? 0.0541 0.1220 0.0716 0.0031  -0.0244 -0.0289 26  LEU A HB3    
44  H HG     . LEU A 3  ? 0.0656 0.1253 0.0761 0.0043  -0.0314 -0.0329 26  LEU A HG     
45  H HD11   . LEU A 3  ? 0.1028 0.1502 0.0727 0.0238  -0.0294 -0.0361 26  LEU A HD11   
46  H HD12   . LEU A 3  ? 0.0861 0.1515 0.0748 0.0179  -0.0319 -0.0363 26  LEU A HD12   
47  H HD13   . LEU A 3  ? 0.0869 0.1642 0.0728 0.0194  -0.0309 -0.0388 26  LEU A HD13   
48  H HD21   . LEU A 3  ? 0.0664 0.1429 0.0867 -0.0014 -0.0396 -0.0346 26  LEU A HD21   
49  H HD22   . LEU A 3  ? 0.0672 0.1393 0.0899 -0.0016 -0.0385 -0.0359 26  LEU A HD22   
50  H HD23   . LEU A 3  ? 0.0681 0.1393 0.0901 -0.0036 -0.0422 -0.0315 26  LEU A HD23   
51  N N      . VAL A 4  ? 0.0684 0.1188 0.0788 -0.0041 -0.0110 -0.0244 27  VAL A N      
52  C CA     . VAL A 4  ? 0.0842 0.1211 0.0894 0.0074  -0.0107 -0.0327 27  VAL A CA     
53  C C      . VAL A 4  ? 0.0896 0.1139 0.0745 -0.0037 -0.0183 -0.0383 27  VAL A C      
54  O O      . VAL A 4  ? 0.1034 0.1155 0.0821 -0.0079 -0.0187 -0.0344 27  VAL A O      
55  C CB     . VAL A 4  ? 0.0919 0.1537 0.1016 0.0082  -0.0103 -0.0528 27  VAL A CB     
56  C CG1    . VAL A 4  ? 0.1577 0.1805 0.1263 -0.0041 0.0039  -0.0684 27  VAL A CG1    
57  C CG2    . VAL A 4  ? 0.0967 0.2065 0.1024 0.0070  -0.0239 -0.0643 27  VAL A CG2    
58  H H      . VAL A 4  ? 0.0658 0.1208 0.0771 -0.0017 -0.0119 -0.0247 27  VAL A H      
59  H HA     . VAL A 4  ? 0.0811 0.1235 0.0858 0.0032  -0.0133 -0.0341 27  VAL A HA     
60  H HB     . VAL A 4  ? 0.0994 0.1569 0.1011 0.0059  -0.0124 -0.0499 27  VAL A HB     
61  H HG11   . VAL A 4  ? 0.1527 0.1670 0.1238 0.0009  0.0064  -0.0601 27  VAL A HG11   
62  H HG12   . VAL A 4  ? 0.1380 0.1719 0.1249 0.0005  -0.0057 -0.0600 27  VAL A HG12   
63  H HG13   . VAL A 4  ? 0.1398 0.1797 0.1332 0.0010  -0.0028 -0.0628 27  VAL A HG13   
64  H HG21   . VAL A 4  ? 0.0981 0.1934 0.1059 0.0029  -0.0155 -0.0621 27  VAL A HG21   
65  H HG22   . VAL A 4  ? 0.0945 0.1883 0.1066 0.0065  -0.0188 -0.0590 27  VAL A HG22   
66  H HG23   . VAL A 4  ? 0.0913 0.1862 0.1032 0.0071  -0.0160 -0.0502 27  VAL A HG23   
67  N N      . VAL A 5  ? 0.0880 0.1247 0.0671 -0.0131 -0.0273 -0.0285 28  VAL A N      
68  C CA     . VAL A 5  ? 0.0860 0.1304 0.0759 -0.0175 -0.0387 -0.0397 28  VAL A CA     
69  C C      . VAL A 5  ? 0.0583 0.1180 0.0850 -0.0089 -0.0343 -0.0295 28  VAL A C      
70  O O      . VAL A 5  ? 0.0762 0.1233 0.0957 -0.0188 -0.0334 -0.0203 28  VAL A O      
71  C CB     . VAL A 5  ? 0.1052 0.1641 0.0856 -0.0146 -0.0611 -0.0318 28  VAL A CB     
72  C CG1    . VAL A 5  ? 0.1120 0.1822 0.1097 -0.0125 -0.0479 -0.0364 28  VAL A CG1    
73  C CG2    . VAL A 5  ? 0.1249 0.2223 0.0936 -0.0287 -0.0505 -0.0219 28  VAL A CG2    
74  H H      . VAL A 5  ? 0.0871 0.1226 0.0719 -0.0126 -0.0280 -0.0298 28  VAL A H      
75  H HA     . VAL A 5  ? 0.0839 0.1258 0.0780 -0.0151 -0.0376 -0.0353 28  VAL A HA     
76  H HB     . VAL A 5  ? 0.1045 0.1654 0.0884 -0.0180 -0.0522 -0.0337 28  VAL A HB     
77  H HG11   . VAL A 5  ? 0.1071 0.1748 0.1060 -0.0135 -0.0516 -0.0339 28  VAL A HG11   
78  H HG12   . VAL A 5  ? 0.1110 0.1806 0.1070 -0.0157 -0.0488 -0.0369 28  VAL A HG12   
79  H HG13   . VAL A 5  ? 0.1072 0.1809 0.1015 -0.0129 -0.0508 -0.0343 28  VAL A HG13   
80  H HG21   . VAL A 5  ? 0.1167 0.2178 0.0937 -0.0237 -0.0524 -0.0201 28  VAL A HG21   
81  H HG22   . VAL A 5  ? 0.1204 0.2015 0.0976 -0.0248 -0.0469 -0.0301 28  VAL A HG22   
82  H HG23   . VAL A 5  ? 0.1204 0.1917 0.0898 -0.0182 -0.0496 -0.0266 28  VAL A HG23   
83  N N      . ALA A 6  ? 0.0585 0.1065 0.0790 -0.0083 -0.0215 -0.0265 29  ALA A N      
84  C CA     . ALA A 6  ? 0.0580 0.1132 0.0853 -0.0020 -0.0177 -0.0252 29  ALA A CA     
85  C C      . ALA A 6  ? 0.0517 0.1077 0.0749 -0.0003 -0.0161 -0.0342 29  ALA A C      
86  O O      . ALA A 6  ? 0.0539 0.1120 0.0903 -0.0005 -0.0167 -0.0241 29  ALA A O      
87  C CB     . ALA A 6  ? 0.0816 0.1060 0.0811 0.0105  -0.0112 -0.0311 29  ALA A CB     
88  H H      . ALA A 6  ? 0.0597 0.1074 0.0806 -0.0093 -0.0224 -0.0265 29  ALA A H      
89  H HA     . ALA A 6  ? 0.0581 0.1053 0.0816 0.0002  -0.0168 -0.0284 29  ALA A HA     
90  H HB1    . ALA A 6  ? 0.0747 0.1068 0.0821 0.0058  -0.0129 -0.0292 29  ALA A HB1    
91  H HB2    . ALA A 6  ? 0.0748 0.1072 0.0814 0.0064  -0.0121 -0.0295 29  ALA A HB2    
92  H HB3    . ALA A 6  ? 0.0806 0.1053 0.0814 0.0057  -0.0122 -0.0298 29  ALA A HB3    
93  N N      . ALA A 7  ? 0.0493 0.0988 0.0673 -0.0036 -0.0197 -0.0352 30  ALA A N      
94  C CA     . ALA A 7  ? 0.0508 0.1058 0.0715 -0.0025 -0.0278 -0.0329 30  ALA A CA     
95  C C      . ALA A 7  ? 0.0418 0.1069 0.0675 0.0039  -0.0235 -0.0322 30  ALA A C      
96  O O      . ALA A 7  ? 0.0482 0.1113 0.0731 0.0012  -0.0276 -0.0295 30  ALA A O      
97  C CB     . ALA A 7  ? 0.0495 0.1126 0.1052 -0.0071 -0.0304 -0.0316 30  ALA A CB     
98  H H      . ALA A 7  ? 0.0486 0.1022 0.0719 -0.0044 -0.0201 -0.0324 30  ALA A H      
99  H HA     . ALA A 7  ? 0.0484 0.1056 0.0736 -0.0021 -0.0244 -0.0331 30  ALA A HA     
100 H HB1    . ALA A 7  ? 0.0490 0.1118 0.0943 -0.0061 -0.0292 -0.0312 30  ALA A HB1    
101 H HB2    . ALA A 7  ? 0.0501 0.1127 0.0968 -0.0071 -0.0287 -0.0335 30  ALA A HB2    
102 H HB3    . ALA A 7  ? 0.0501 0.1113 0.1017 -0.0065 -0.0320 -0.0290 30  ALA A HB3    
103 N N      . SER A 8  ? 0.0524 0.0984 0.0677 0.0039  -0.0280 -0.0353 31  SER A N      
104 C CA     . SER A 8  ? 0.0555 0.1034 0.0654 0.0040  -0.0258 -0.0406 31  SER A CA     
105 C C      . SER A 8  ? 0.0573 0.1010 0.0614 0.0010  -0.0233 -0.0388 31  SER A C      
106 O O      . SER A 8  ? 0.0620 0.1025 0.0754 -0.0007 -0.0264 -0.0309 31  SER A O      
107 C CB     . SER A 8  ? 0.0816 0.1125 0.0683 -0.0059 -0.0201 -0.0536 31  SER A CB     
108 O OG     . SER A 8  ? 0.0872 0.1480 0.0985 -0.0039 -0.0045 -0.0503 31  SER A OG     
109 H H      . SER A 8  ? 0.0524 0.1014 0.0667 0.0023  -0.0253 -0.0357 31  SER A H      
110 H HA     . SER A 8  ? 0.0571 0.1020 0.0659 0.0029  -0.0253 -0.0396 31  SER A HA     
111 H HB2    . SER A 8  ? 0.0741 0.1172 0.0739 -0.0047 -0.0185 -0.0497 31  SER A HB2    
112 H HB3    . SER A 8  ? 0.0703 0.1115 0.0733 -0.0075 -0.0190 -0.0488 31  SER A HB3    
113 H HG     . SER A 8  ? 0.1113 0.1113 0.1113 0.0000  0.0000  0.0000  31  SER A HG     
114 N N      . ILE A 9  ? 0.0523 0.1001 0.0657 -0.0033 -0.0257 -0.0313 32  ILE A N      
115 C CA     . ILE A 9  ? 0.0496 0.1027 0.0734 -0.0010 -0.0285 -0.0324 32  ILE A CA     
116 C C      . ILE A 9  ? 0.0427 0.0991 0.0738 0.0052  -0.0269 -0.0302 32  ILE A C      
117 O O      . ILE A 9  ? 0.0519 0.1101 0.0825 -0.0080 -0.0338 -0.0221 32  ILE A O      
118 C CB     . ILE A 9  ? 0.0526 0.1066 0.0934 -0.0017 -0.0372 -0.0275 32  ILE A CB     
119 C CG1    . ILE A 9  ? 0.0683 0.1284 0.1010 -0.0064 -0.0536 -0.0222 32  ILE A CG1    
120 C CG2    . ILE A 9  ? 0.0567 0.1256 0.1320 0.0014  -0.0265 -0.0066 32  ILE A CG2    
121 C CD1    . ILE A 9  ? 0.0920 0.1542 0.1376 -0.0043 -0.0577 0.0037  32  ILE A CD1    
122 H H      . ILE A 9  ? 0.0528 0.0994 0.0694 -0.0027 -0.0280 -0.0310 32  ILE A H      
123 H HA     . ILE A 9  ? 0.0472 0.1005 0.0759 -0.0031 -0.0278 -0.0294 32  ILE A HA     
124 H HB     . ILE A 9  ? 0.0532 0.1086 0.0970 -0.0054 -0.0369 -0.0247 32  ILE A HB     
125 H HG12   . ILE A 9  ? 0.0666 0.1240 0.1063 -0.0073 -0.0491 -0.0185 32  ILE A HG12   
126 H HG13   . ILE A 9  ? 0.0712 0.1237 0.1037 -0.0055 -0.0491 -0.0198 32  ILE A HG13   
127 H HG21   . ILE A 9  ? 0.0553 0.1201 0.1324 0.0014  -0.0272 -0.0095 32  ILE A HG21   
128 H HG22   . ILE A 9  ? 0.0577 0.1215 0.1195 -0.0006 -0.0310 -0.0142 32  ILE A HG22   
129 H HG23   . ILE A 9  ? 0.0569 0.1233 0.1141 0.0029  -0.0302 -0.0156 32  ILE A HG23   
130 H HD11   . ILE A 9  ? 0.0787 0.1497 0.1300 -0.0011 -0.0500 0.0045  32  ILE A HD11   
131 H HD12   . ILE A 9  ? 0.0832 0.1445 0.1331 -0.0033 -0.0571 -0.0053 32  ILE A HD12   
132 H HD13   . ILE A 9  ? 0.0910 0.1430 0.1253 -0.0024 -0.0538 -0.0040 32  ILE A HD13   
133 N N      . ILE A 10 ? 0.0454 0.1061 0.0729 -0.0023 -0.0242 -0.0356 33  ILE A N      
134 C CA     . ILE A 10 ? 0.0577 0.1120 0.0705 -0.0037 -0.0162 -0.0433 33  ILE A CA     
135 C C      . ILE A 10 ? 0.0567 0.1132 0.0648 -0.0029 -0.0257 -0.0378 33  ILE A C      
136 O O      . ILE A 10 ? 0.0661 0.1190 0.0696 -0.0079 -0.0235 -0.0326 33  ILE A O      
137 C CB     . ILE A 10 ? 0.0695 0.1160 0.0652 -0.0044 -0.0196 -0.0505 33  ILE A CB     
138 C CG1    . ILE A 10 ? 0.0957 0.1174 0.0971 0.0004  -0.0143 -0.0579 33  ILE A CG1    
139 C CG2    . ILE A 10 ? 0.0999 0.1362 0.0755 -0.0116 -0.0324 -0.0532 33  ILE A CG2    
140 C CD1    . ILE A 10 ? 0.1152 0.1251 0.1338 -0.0078 -0.0298 -0.0586 33  ILE A CD1    
141 H H      . ILE A 10 ? 0.0503 0.1047 0.0735 -0.0030 -0.0221 -0.0371 33  ILE A H      
142 H HA     . ILE A 10 ? 0.0549 0.1107 0.0688 -0.0024 -0.0201 -0.0418 33  ILE A HA     
143 H HB     . ILE A 10 ? 0.0700 0.1179 0.0733 -0.0042 -0.0174 -0.0499 33  ILE A HB     
144 H HG12   . ILE A 10 ? 0.0891 0.1183 0.0950 -0.0026 -0.0180 -0.0548 33  ILE A HG12   
145 H HG13   . ILE A 10 ? 0.0854 0.1168 0.1000 -0.0033 -0.0158 -0.0533 33  ILE A HG13   
146 H HG21   . ILE A 10 ? 0.0914 0.1337 0.0736 -0.0146 -0.0277 -0.0503 33  ILE A HG21   
147 H HG22   . ILE A 10 ? 0.0853 0.1261 0.0800 -0.0141 -0.0242 -0.0465 33  ILE A HG22   
148 H HG23   . ILE A 10 ? 0.0974 0.1279 0.0761 -0.0080 -0.0316 -0.0511 33  ILE A HG23   
149 H HD11   . ILE A 10 ? 0.1154 0.1230 0.1223 -0.0082 -0.0295 -0.0553 33  ILE A HD11   
150 H HD12   . ILE A 10 ? 0.1094 0.1258 0.1231 -0.0069 -0.0248 -0.0587 33  ILE A HD12   
151 H HD13   . ILE A 10 ? 0.1084 0.1229 0.1308 -0.0061 -0.0235 -0.0561 33  ILE A HD13   
152 N N      . ALA A 11 ? 0.0505 0.1028 0.0614 -0.0013 -0.0250 -0.0281 34  ALA A N      
153 C CA     . ALA A 11 ? 0.0533 0.1055 0.0743 0.0013  -0.0329 -0.0301 34  ALA A CA     
154 C C      . ALA A 11 ? 0.0469 0.0991 0.0637 0.0064  -0.0258 -0.0309 34  ALA A C      
155 O O      . ALA A 11 ? 0.0551 0.1040 0.0658 0.0054  -0.0329 -0.0237 34  ALA A O      
156 C CB     . ALA A 11 ? 0.0494 0.1111 0.1117 -0.0017 -0.0311 -0.0332 34  ALA A CB     
157 H H      . ALA A 11 ? 0.0499 0.1041 0.0654 -0.0034 -0.0243 -0.0290 34  ALA A H      
158 H HA     . ALA A 11 ? 0.0515 0.1050 0.0730 0.0008  -0.0295 -0.0303 34  ALA A HA     
159 H HB1    . ALA A 11 ? 0.0502 0.1086 0.0992 -0.0015 -0.0298 -0.0312 34  ALA A HB1    
160 H HB2    . ALA A 11 ? 0.0509 0.1111 0.1004 -0.0020 -0.0303 -0.0327 34  ALA A HB2    
161 H HB3    . ALA A 11 ? 0.0509 0.1087 0.1090 -0.0008 -0.0282 -0.0316 34  ALA A HB3    
162 N N      . ILE A 12 ? 0.0481 0.0979 0.0616 0.0006  -0.0253 -0.0250 35  ILE A N      
163 C CA     . ILE A 12 ? 0.0510 0.0969 0.0631 0.0026  -0.0262 -0.0306 35  ILE A CA     
164 C C      . ILE A 12 ? 0.0529 0.0973 0.0609 0.0051  -0.0278 -0.0282 35  ILE A C      
165 O O      . ILE A 12 ? 0.0590 0.1000 0.0596 -0.0038 -0.0251 -0.0304 35  ILE A O      
166 C CB     . ILE A 12 ? 0.0585 0.1033 0.0646 -0.0016 -0.0275 -0.0344 35  ILE A CB     
167 C CG1    . ILE A 12 ? 0.0659 0.1246 0.0656 -0.0072 -0.0206 -0.0368 35  ILE A CG1    
168 C CG2    . ILE A 12 ? 0.0692 0.1182 0.0677 -0.0131 -0.0335 -0.0286 35  ILE A CG2    
169 C CD1    . ILE A 12 ? 0.0833 0.1603 0.0743 -0.0117 -0.0201 -0.0302 35  ILE A CD1    
170 H H      . ILE A 12 ? 0.0503 0.0969 0.0618 0.0004  -0.0250 -0.0265 35  ILE A H      
171 H HA     . ILE A 12 ? 0.0518 0.0971 0.0628 0.0028  -0.0265 -0.0298 35  ILE A HA     
172 H HB     . ILE A 12 ? 0.0604 0.1038 0.0650 -0.0033 -0.0268 -0.0323 35  ILE A HB     
173 H HG12   . ILE A 12 ? 0.0673 0.1238 0.0673 -0.0079 -0.0215 -0.0339 35  ILE A HG12   
174 H HG13   . ILE A 12 ? 0.0670 0.1083 0.0681 -0.0109 -0.0186 -0.0304 35  ILE A HG13   
175 H HG21   . ILE A 12 ? 0.0701 0.1144 0.0679 -0.0116 -0.0341 -0.0287 35  ILE A HG21   
176 H HG22   . ILE A 12 ? 0.0663 0.1158 0.0672 -0.0095 -0.0303 -0.0303 35  ILE A HG22   
177 H HG23   . ILE A 12 ? 0.0647 0.1154 0.0670 -0.0085 -0.0311 -0.0315 35  ILE A HG23   
178 H HD11   . ILE A 12 ? 0.0775 0.1552 0.0716 -0.0150 -0.0199 -0.0308 35  ILE A HD11   
179 H HD12   . ILE A 12 ? 0.0815 0.1464 0.0729 -0.0112 -0.0216 -0.0313 35  ILE A HD12   
180 H HD13   . ILE A 12 ? 0.0776 0.1452 0.0754 -0.0111 -0.0148 -0.0256 35  ILE A HD13   
181 N N      . LEU A 13 ? 0.0536 0.0944 0.0595 -0.0012 -0.0246 -0.0285 36  LEU A N      
182 C CA     A LEU A 13 ? 0.0489 0.0991 0.0721 -0.0011 -0.0195 -0.0223 36  LEU A CA     
183 C CA     B LEU A 13 ? 0.0598 0.1060 0.0684 -0.0013 -0.0180 -0.0263 36  LEU A CA     
184 C C      . LEU A 13 ? 0.0522 0.0965 0.0638 -0.0001 -0.0177 -0.0348 36  LEU A C      
185 O O      . LEU A 13 ? 0.0564 0.1061 0.0739 0.0026  -0.0149 -0.0236 36  LEU A O      
186 C CB     A LEU A 13 ? 0.0468 0.1044 0.0520 0.0047  -0.0127 -0.0152 36  LEU A CB     
187 C CB     B LEU A 13 ? 0.1079 0.1155 0.0688 0.0090  -0.0183 -0.0454 36  LEU A CB     
188 C CG     A LEU A 13 ? 0.0365 0.1201 0.0543 0.0085  -0.0113 -0.0092 36  LEU A CG     
189 C CG     B LEU A 13 ? 0.1616 0.1537 0.0906 0.0319  -0.0464 -0.0367 36  LEU A CG     
190 C CD1    A LEU A 13 ? 0.0687 0.1242 0.1003 0.0274  0.0009  -0.0012 36  LEU A CD1    
191 C CD1    B LEU A 13 ? 0.1441 0.2004 0.0972 0.0453  -0.0473 -0.0372 36  LEU A CD1    
192 C CD2    A LEU A 13 ? 0.0453 0.1315 0.0707 0.0064  -0.0297 -0.0002 36  LEU A CD2    
193 C CD2    B LEU A 13 ? 0.1513 0.1679 0.1113 0.0446  -0.0736 -0.0677 36  LEU A CD2    
194 H H      . LEU A 13 ? 0.0531 0.0967 0.0627 -0.0004 -0.0212 -0.0250 36  LEU A H      
195 H HA     A LEU A 13 ? 0.0510 0.0928 0.0651 -0.0022 -0.0159 -0.0220 36  LEU A HA     
196 H HA     B LEU A 13 ? 0.0636 0.0975 0.0674 -0.0014 -0.0161 -0.0278 36  LEU A HA     
197 H HB2    A LEU A 13 ? 0.0460 0.1032 0.0577 0.0035  -0.0119 -0.0141 36  LEU A HB2    
198 H HB2    B LEU A 13 ? 0.1016 0.1194 0.0719 0.0104  -0.0223 -0.0376 36  LEU A HB2    
199 H HB3    A LEU A 13 ? 0.0435 0.1052 0.0562 0.0042  -0.0126 -0.0154 36  LEU A HB3    
200 H HB3    B LEU A 13 ? 0.0996 0.1193 0.0693 0.0099  -0.0193 -0.0384 36  LEU A HB3    
201 H HG     A LEU A 13 ? 0.0399 0.1172 0.0586 0.0087  -0.0082 -0.0097 36  LEU A HG     
202 H HG     B LEU A 13 ? 0.1496 0.1563 0.0893 0.0353  -0.0457 -0.0452 36  LEU A HG     
203 H HD11   A LEU A 13 ? 0.0678 0.1224 0.0908 0.0237  0.0056  -0.0011 36  LEU A HD11   
204 H HD11   B LEU A 13 ? 0.1394 0.1915 0.0916 0.0330  -0.0458 -0.0333 36  LEU A HD11   
205 H HD12   A LEU A 13 ? 0.0595 0.1237 0.0897 0.0204  -0.0017 -0.0078 36  LEU A HD12   
206 H HD12   B LEU A 13 ? 0.1452 0.1806 0.0958 0.0435  -0.0461 -0.0349 36  LEU A HD12   
207 H HD13   A LEU A 13 ? 0.0652 0.1204 0.0862 0.0207  -0.0050 -0.0049 36  LEU A HD13   
208 H HD13   B LEU A 13 ? 0.1479 0.1826 0.0956 0.0438  -0.0483 -0.0363 36  LEU A HD13   
209 H HD21   A LEU A 13 ? 0.0476 0.1285 0.0671 0.0043  -0.0267 -0.0017 36  LEU A HD21   
210 H HD21   B LEU A 13 ? 0.1572 0.1611 0.1048 0.0463  -0.0652 -0.0561 36  LEU A HD21   
211 H HD22   A LEU A 13 ? 0.0429 0.1276 0.0696 0.0065  -0.0242 -0.0033 36  LEU A HD22   
212 H HD22   B LEU A 13 ? 0.1506 0.1494 0.0989 0.0514  -0.0603 -0.0534 36  LEU A HD22   
213 H HD23   A LEU A 13 ? 0.0429 0.1295 0.0661 0.0063  -0.0241 -0.0035 36  LEU A HD23   
214 H HD23   B LEU A 13 ? 0.1550 0.1593 0.1108 0.0442  -0.0677 -0.0541 36  LEU A HD23   
215 N N      . HIS A 14 ? 0.0590 0.1075 0.0611 -0.0050 -0.0253 -0.0240 37  HIS A N      
216 C CA     . HIS A 14 ? 0.0769 0.1170 0.0589 -0.0030 -0.0302 -0.0233 37  HIS A CA     
217 C C      . HIS A 14 ? 0.0568 0.1155 0.0593 0.0020  -0.0288 -0.0237 37  HIS A C      
218 O O      . HIS A 14 ? 0.0744 0.1189 0.0631 -0.0011 -0.0237 -0.0190 37  HIS A O      
219 C CB     . HIS A 14 ? 0.0950 0.1351 0.0629 -0.0104 -0.0436 -0.0269 37  HIS A CB     
220 C CG     . HIS A 14 ? 0.1652 0.1600 0.0551 -0.0200 -0.0486 -0.0344 37  HIS A CG     
221 N ND1    . HIS A 14 ? 0.3241 0.2426 0.1317 -0.0678 0.0399  -0.0941 37  HIS A ND1    
222 C CD2    . HIS A 14 ? 0.2659 0.1531 0.1055 -0.0223 -0.0377 -0.0412 37  HIS A CD2    
223 C CE1    . HIS A 14 ? 0.3720 0.2425 0.1257 -0.0291 0.0154  -0.1087 37  HIS A CE1    
224 N NE2    . HIS A 14 ? 0.3168 0.1413 0.1500 -0.0208 -0.0522 -0.0784 37  HIS A NE2    
225 H H      . HIS A 14 ? 0.0604 0.1052 0.0612 -0.0053 -0.0249 -0.0258 37  HIS A H      
226 H HA     . HIS A 14 ? 0.0761 0.1189 0.0619 -0.0045 -0.0291 -0.0253 37  HIS A HA     
227 H HB2    . HIS A 14 ? 0.1011 0.1326 0.0621 -0.0097 -0.0411 -0.0274 37  HIS A HB2    
228 H HB3    . HIS A 14 ? 0.1001 0.1331 0.0609 -0.0094 -0.0403 -0.0270 37  HIS A HB3    
229 H HD1    . HIS A 14 ? 0.2755 0.2178 0.1045 -0.0363 -0.0003 -0.0790 37  HIS A HD1    
230 H HD2    . HIS A 14 ? 0.2146 0.1469 0.1049 -0.0155 -0.0483 -0.0501 37  HIS A HD2    
231 H HE1    . HIS A 14 ? 0.3338 0.2074 0.1277 -0.0279 0.0074  -0.1006 37  HIS A HE1    
232 H HE2    . HIS A 14 ? 0.2969 0.1461 0.1314 -0.0328 -0.0355 -0.0751 37  HIS A HE2    
233 N N      . LEU A 15 ? 0.0616 0.1043 0.0561 0.0058  -0.0231 -0.0181 38  LEU A N      
234 C CA     . LEU A 15 ? 0.0617 0.1031 0.0597 0.0028  -0.0256 -0.0186 38  LEU A CA     
235 C C      . LEU A 15 ? 0.0606 0.1018 0.0506 0.0092  -0.0148 -0.0291 38  LEU A C      
236 O O      . LEU A 15 ? 0.0582 0.1076 0.0728 0.0049  -0.0180 -0.0172 38  LEU A O      
237 C CB     . LEU A 15 ? 0.0561 0.1131 0.0789 0.0009  -0.0178 -0.0299 38  LEU A CB     
238 C CG     . LEU A 15 ? 0.0648 0.1170 0.1081 -0.0009 -0.0116 -0.0395 38  LEU A CG     
239 C CD1    . LEU A 15 ? 0.0952 0.1286 0.1329 0.0177  -0.0075 -0.0261 38  LEU A CD1    
240 C CD2    . LEU A 15 ? 0.0923 0.1407 0.1270 0.0039  0.0027  -0.0547 38  LEU A CD2    
241 H H      . LEU A 15 ? 0.0595 0.1052 0.0582 0.0027  -0.0231 -0.0186 38  LEU A H      
242 H HA     . LEU A 15 ? 0.0600 0.1044 0.0606 0.0070  -0.0241 -0.0199 38  LEU A HA     
243 H HB2    . LEU A 15 ? 0.0593 0.1041 0.0804 -0.0016 -0.0182 -0.0289 38  LEU A HB2    
244 H HB3    . LEU A 15 ? 0.0602 0.1098 0.0806 0.0009  -0.0183 -0.0292 38  LEU A HB3    
245 H HG     . LEU A 15 ? 0.0653 0.1139 0.1062 -0.0012 -0.0111 -0.0373 38  LEU A HG     
246 H HD11   . LEU A 15 ? 0.0883 0.1219 0.1215 0.0118  -0.0158 -0.0299 38  LEU A HD11   
247 H HD12   . LEU A 15 ? 0.0875 0.1279 0.1240 0.0098  -0.0097 -0.0295 38  LEU A HD12   
248 H HD13   . LEU A 15 ? 0.0951 0.1254 0.1234 0.0162  -0.0043 -0.0262 38  LEU A HD13   
249 H HD21   . LEU A 15 ? 0.0933 0.1311 0.1219 0.0037  0.0002  -0.0491 38  LEU A HD21   
250 H HD22   . LEU A 15 ? 0.0851 0.1362 0.1221 0.0019  -0.0017 -0.0477 38  LEU A HD22   
251 H HD23   . LEU A 15 ? 0.0864 0.1351 0.1259 -0.0013 0.0020  -0.0532 38  LEU A HD23   
252 N N      . ILE A 16 ? 0.0556 0.0983 0.0574 -0.0008 -0.0217 -0.0340 39  ILE A N      
253 C CA     . ILE A 16 ? 0.0587 0.0979 0.0682 -0.0018 -0.0209 -0.0298 39  ILE A CA     
254 C C      . ILE A 16 ? 0.0519 0.1088 0.0629 0.0092  -0.0301 -0.0264 39  ILE A C      
255 O O      . ILE A 16 ? 0.0592 0.1192 0.0631 -0.0039 -0.0252 -0.0220 39  ILE A O      
256 C CB     . ILE A 16 ? 0.0652 0.1064 0.0679 -0.0038 -0.0328 -0.0311 39  ILE A CB     
257 C CG1    . ILE A 16 ? 0.0732 0.1288 0.0682 -0.0201 -0.0362 -0.0231 39  ILE A CG1    
258 C CG2    . ILE A 16 ? 0.0637 0.1198 0.0878 -0.0004 -0.0322 -0.0255 39  ILE A CG2    
259 C CD1    . ILE A 16 ? 0.1108 0.1427 0.0736 -0.0306 -0.0526 -0.0161 39  ILE A CD1    
260 H H      . ILE A 16 ? 0.0586 0.1006 0.0595 -0.0002 -0.0220 -0.0308 39  ILE A H      
261 H HA     . ILE A 16 ? 0.0568 0.0995 0.0647 0.0000  -0.0247 -0.0303 39  ILE A HA     
262 H HB     . ILE A 16 ? 0.0655 0.1065 0.0708 -0.0077 -0.0313 -0.0297 39  ILE A HB     
263 H HG12   . ILE A 16 ? 0.0760 0.1253 0.0702 -0.0169 -0.0374 -0.0228 39  ILE A HG12   
264 H HG13   . ILE A 16 ? 0.0730 0.1197 0.0679 -0.0153 -0.0361 -0.0250 39  ILE A HG13   
265 H HG21   . ILE A 16 ? 0.0643 0.1167 0.0848 -0.0025 -0.0340 -0.0251 39  ILE A HG21   
266 H HG22   . ILE A 16 ? 0.0671 0.1179 0.0824 -0.0044 -0.0323 -0.0271 39  ILE A HG22   
267 H HG23   . ILE A 16 ? 0.0633 0.1193 0.0801 -0.0015 -0.0320 -0.0271 39  ILE A HG23   
268 H HD11   . ILE A 16 ? 0.0939 0.1394 0.0765 -0.0242 -0.0466 -0.0143 39  ILE A HD11   
269 H HD12   . ILE A 16 ? 0.1002 0.1368 0.0786 -0.0249 -0.0509 -0.0185 39  ILE A HD12   
270 H HD13   . ILE A 16 ? 0.1012 0.1340 0.0753 -0.0245 -0.0445 -0.0169 39  ILE A HD13   
271 N N      . LEU A 17 ? 0.0625 0.1172 0.0504 0.0036  -0.0217 -0.0260 40  LEU A N      
272 C CA     A LEU A 17 ? 0.0782 0.1279 0.0503 0.0101  -0.0193 -0.0306 40  LEU A CA     
273 C CA     B LEU A 17 ? 0.0739 0.1377 0.0623 0.0091  -0.0062 -0.0193 40  LEU A CA     
274 C C      . LEU A 17 ? 0.0709 0.1253 0.0459 0.0037  -0.0152 -0.0336 40  LEU A C      
275 O O      . LEU A 17 ? 0.0765 0.1350 0.0610 0.0018  -0.0118 -0.0230 40  LEU A O      
276 C CB     A LEU A 17 ? 0.0920 0.1246 0.0572 0.0367  -0.0226 -0.0326 40  LEU A CB     
277 C CB     B LEU A 17 ? 0.0915 0.1550 0.1019 -0.0011 -0.0044 -0.0356 40  LEU A CB     
278 C CG     A LEU A 17 ? 0.1214 0.1344 0.0522 0.0410  -0.0256 -0.0326 40  LEU A CG     
279 C CG     B LEU A 17 ? 0.1276 0.1810 0.1661 0.0249  0.0080  -0.0311 40  LEU A CG     
280 C CD1    A LEU A 17 ? 0.1208 0.1729 0.0719 0.0583  -0.0037 -0.0176 40  LEU A CD1    
281 C CD1    B LEU A 17 ? 0.1417 0.1893 0.2263 0.0077  0.0169  -0.0488 40  LEU A CD1    
282 C CD2    A LEU A 17 ? 0.1987 0.1403 0.0614 0.0334  -0.0125 -0.0287 40  LEU A CD2    
283 C CD2    B LEU A 17 ? 0.1302 0.2026 0.2038 0.0358  0.0254  -0.0400 40  LEU A CD2    
284 H H      . LEU A 17 ? 0.0648 0.1161 0.0570 0.0050  -0.0193 -0.0261 40  LEU A H      
285 H HA     A LEU A 17 ? 0.0772 0.1248 0.0528 0.0133  -0.0196 -0.0296 40  LEU A HA     
286 H HA     B LEU A 17 ? 0.0734 0.1303 0.0631 0.0052  -0.0113 -0.0264 40  LEU A HA     
287 H HB2    A LEU A 17 ? 0.0965 0.1259 0.0545 0.0330  -0.0238 -0.0293 40  LEU A HB2    
288 H HB2    B LEU A 17 ? 0.0897 0.1509 0.0985 0.0058  -0.0047 -0.0292 40  LEU A HB2    
289 H HB3    A LEU A 17 ? 0.0952 0.1252 0.0548 0.0294  -0.0224 -0.0312 40  LEU A HB3    
290 H HB3    B LEU A 17 ? 0.0914 0.1534 0.1040 0.0063  -0.0029 -0.0319 40  LEU A HB3    
291 H HG     A LEU A 17 ? 0.1223 0.1367 0.0568 0.0422  -0.0210 -0.0271 40  LEU A HG     
292 H HG     B LEU A 17 ? 0.1203 0.1783 0.1623 0.0167  0.0087  -0.0360 40  LEU A HG     
293 H HD11   A LEU A 17 ? 0.1145 0.1723 0.0655 0.0477  -0.0118 -0.0236 40  LEU A HD11   
294 H HD11   B LEU A 17 ? 0.1409 0.1890 0.2108 0.0123  0.0126  -0.0432 40  LEU A HD11   
295 H HD12   A LEU A 17 ? 0.1225 0.1591 0.0737 0.0490  -0.0089 -0.0265 40  LEU A HD12   
296 H HD12   B LEU A 17 ? 0.1424 0.1917 0.2104 0.0101  0.0133  -0.0432 40  LEU A HD12   
297 H HD13   A LEU A 17 ? 0.1173 0.1575 0.0720 0.0476  -0.0119 -0.0248 40  LEU A HD13   
298 H HD13   B LEU A 17 ? 0.1440 0.1962 0.2280 0.0133  0.0134  -0.0451 40  LEU A HD13   
299 H HD21   A LEU A 17 ? 0.1663 0.1389 0.0658 0.0356  -0.0156 -0.0327 40  LEU A HD21   
300 H HD21   B LEU A 17 ? 0.1316 0.2011 0.1982 0.0312  0.0207  -0.0422 40  LEU A HD21   
301 H HD22   A LEU A 17 ? 0.1709 0.1396 0.0701 0.0371  -0.0136 -0.0328 40  LEU A HD22   
302 H HD22   B LEU A 17 ? 0.1353 0.1967 0.1930 0.0302  0.0198  -0.0384 40  LEU A HD22   
303 H HD23   A LEU A 17 ? 0.1943 0.1435 0.0750 0.0384  -0.0142 -0.0307 40  LEU A HD23   
304 H HD23   B LEU A 17 ? 0.1356 0.1980 0.1975 0.0338  0.0242  -0.0359 40  LEU A HD23   
305 N N      . TRP A 18 ? 0.0669 0.1117 0.0431 0.0001  -0.0199 -0.0237 41  TRP A N      
306 C CA     . TRP A 18 ? 0.0667 0.1204 0.0525 0.0010  -0.0298 -0.0241 41  TRP A CA     
307 C C      . TRP A 18 ? 0.0542 0.1175 0.0545 0.0035  -0.0261 -0.0254 41  TRP A C      
308 O O      . TRP A 18 ? 0.0722 0.1292 0.0579 -0.0035 -0.0269 -0.0149 41  TRP A O      
309 C CB     . TRP A 18 ? 0.0643 0.1284 0.0651 -0.0045 -0.0360 -0.0219 41  TRP A CB     
310 C CG     . TRP A 18 ? 0.0570 0.1275 0.0879 -0.0091 -0.0421 -0.0134 41  TRP A CG     
311 C CD1    . TRP A 18 ? 0.0752 0.1542 0.0847 -0.0059 -0.0381 -0.0116 41  TRP A CD1    
312 C CD2    . TRP A 18 ? 0.0568 0.1385 0.0790 -0.0064 -0.0343 -0.0135 41  TRP A CD2    
313 N NE1    . TRP A 18 ? 0.0877 0.1702 0.0735 0.0045  -0.0436 0.0048  41  TRP A NE1    
314 C CE2    . TRP A 18 ? 0.0623 0.1457 0.0912 -0.0010 -0.0304 -0.0050 41  TRP A CE2    
315 C CE3    . TRP A 18 ? 0.0774 0.1528 0.0874 0.0115  -0.0493 -0.0268 41  TRP A CE3    
316 C CZ2    . TRP A 18 ? 0.0831 0.1602 0.1178 0.0169  -0.0254 -0.0003 41  TRP A CZ2    
317 C CZ3    . TRP A 18 ? 0.0877 0.1579 0.1375 0.0104  -0.0463 -0.0433 41  TRP A CZ3    
318 C CH2    . TRP A 18 ? 0.0892 0.1473 0.1452 0.0259  -0.0256 -0.0279 41  TRP A CH2    
319 H H      . TRP A 18 ? 0.0650 0.1156 0.0459 -0.0009 -0.0194 -0.0238 41  TRP A H      
320 H HA     . TRP A 18 ? 0.0643 0.1200 0.0531 0.0001  -0.0274 -0.0235 41  TRP A HA     
321 H HB2    . TRP A 18 ? 0.0618 0.1263 0.0672 -0.0048 -0.0352 -0.0196 41  TRP A HB2    
322 H HB3    . TRP A 18 ? 0.0626 0.1258 0.0655 -0.0042 -0.0351 -0.0207 41  TRP A HB3    
323 H HD1    . TRP A 18 ? 0.0721 0.1498 0.0833 -0.0042 -0.0401 -0.0086 41  TRP A HD1    
324 H HE1    . TRP A 18 ? 0.0779 0.1644 0.0741 0.0023  -0.0442 0.0009  41  TRP A HE1    
325 H HE3    . TRP A 18 ? 0.0713 0.1454 0.0894 0.0090  -0.0448 -0.0244 41  TRP A HE3    
326 H HZ2    . TRP A 18 ? 0.0772 0.1519 0.1154 0.0143  -0.0276 -0.0072 41  TRP A HZ2    
327 H HZ3    . TRP A 18 ? 0.0843 0.1543 0.1274 0.0141  -0.0410 -0.0321 41  TRP A HZ3    
328 H HH2    . TRP A 18 ? 0.0878 0.1441 0.1347 0.0226  -0.0299 -0.0265 41  TRP A HH2    
329 N N      . ILE A 19 ? 0.0629 0.1076 0.0528 0.0012  -0.0277 -0.0248 42  ILE A N      
330 C CA     . ILE A 19 ? 0.0778 0.1078 0.0643 -0.0046 -0.0315 -0.0287 42  ILE A CA     
331 C C      . ILE A 19 ? 0.0792 0.1216 0.0589 -0.0108 -0.0341 -0.0267 42  ILE A C      
332 O O      . ILE A 19 ? 0.0925 0.1297 0.0854 -0.0203 -0.0258 -0.0140 42  ILE A O      
333 C CB     . ILE A 19 ? 0.0781 0.1178 0.0626 0.0043  -0.0353 -0.0383 42  ILE A CB     
334 C CG1    . ILE A 19 ? 0.0848 0.1135 0.0729 0.0111  -0.0289 -0.0251 42  ILE A CG1    
335 C CG2    . ILE A 19 ? 0.0990 0.1306 0.0759 -0.0078 -0.0444 -0.0384 42  ILE A CG2    
336 C CD1    . ILE A 19 ? 0.0848 0.1503 0.0724 0.0056  -0.0225 -0.0321 42  ILE A CD1    
337 H H      . ILE A 19 ? 0.0660 0.1088 0.0547 0.0004  -0.0275 -0.0241 42  ILE A H      
338 H HA     . ILE A 19 ? 0.0736 0.1127 0.0612 -0.0029 -0.0312 -0.0282 42  ILE A HA     
339 H HB     . ILE A 19 ? 0.0817 0.1171 0.0670 0.0020  -0.0338 -0.0336 42  ILE A HB     
340 H HG12   . ILE A 19 ? 0.0811 0.1145 0.0698 0.0112  -0.0292 -0.0272 42  ILE A HG12   
341 H HG13   . ILE A 19 ? 0.0791 0.1203 0.0707 0.0078  -0.0269 -0.0255 42  ILE A HG13   
342 H HG21   . ILE A 19 ? 0.0997 0.1250 0.0725 -0.0052 -0.0405 -0.0378 42  ILE A HG21   
343 H HG22   . ILE A 19 ? 0.0918 0.1269 0.0785 -0.0029 -0.0400 -0.0366 42  ILE A HG22   
344 H HG23   . ILE A 19 ? 0.0914 0.1281 0.0739 -0.0047 -0.0393 -0.0397 42  ILE A HG23   
345 H HD11   . ILE A 19 ? 0.0879 0.1401 0.0738 0.0034  -0.0228 -0.0311 42  ILE A HD11   
346 H HD12   . ILE A 19 ? 0.0857 0.1378 0.0734 0.0062  -0.0246 -0.0296 42  ILE A HD12   
347 H HD13   . ILE A 19 ? 0.0842 0.1432 0.0749 0.0061  -0.0242 -0.0266 42  ILE A HD13   
348 N N      . LEU A 20 ? 0.0657 0.1339 0.0567 -0.0125 -0.0323 -0.0135 43  LEU A N      
349 C CA     A LEU A 20 ? 0.0569 0.1514 0.0853 -0.0135 -0.0389 -0.0213 43  LEU A CA     
350 C CA     B LEU A 20 ? 0.0597 0.1572 0.0895 -0.0181 -0.0362 -0.0189 43  LEU A CA     
351 C C      . LEU A 20 ? 0.0603 0.1667 0.0915 -0.0069 -0.0185 -0.0131 43  LEU A C      
352 O O      . LEU A 20 ? 0.0918 0.1832 0.1026 -0.0310 -0.0173 -0.0091 43  LEU A O      
353 C CB     A LEU A 20 ? 0.0475 0.1705 0.0828 -0.0018 -0.0354 -0.0076 43  LEU A CB     
354 C CB     B LEU A 20 ? 0.0897 0.1688 0.1326 -0.0057 -0.0230 -0.0160 43  LEU A CB     
355 C CG     A LEU A 20 ? 0.0507 0.1714 0.1076 0.0036  -0.0236 -0.0008 43  LEU A CG     
356 C CG     B LEU A 20 ? 0.1118 0.1970 0.1404 -0.0012 -0.0373 -0.0186 43  LEU A CG     
357 C CD1    A LEU A 20 ? 0.0593 0.2011 0.1369 -0.0128 -0.0269 -0.0066 43  LEU A CD1    
358 C CD1    B LEU A 20 ? 0.1402 0.2046 0.2093 0.0158  -0.0296 -0.0011 43  LEU A CD1    
359 C CD2    A LEU A 20 ? 0.0616 0.1763 0.1420 0.0146  -0.0258 -0.0270 43  LEU A CD2    
360 C CD2    B LEU A 20 ? 0.1079 0.2226 0.1796 0.0032  -0.0570 -0.0261 43  LEU A CD2    
361 H H      . LEU A 20 ? 0.0642 0.1320 0.0676 -0.0134 -0.0327 -0.0156 43  LEU A H      
362 H HA     A LEU A 20 ? 0.0520 0.1468 0.0786 -0.0158 -0.0330 -0.0156 43  LEU A HA     
363 H HA     B LEU A 20 ? 0.0595 0.1470 0.0878 -0.0197 -0.0298 -0.0158 43  LEU A HA     
364 H HB2    A LEU A 20 ? 0.0502 0.1652 0.0826 -0.0037 -0.0335 -0.0082 43  LEU A HB2    
365 H HB2    B LEU A 20 ? 0.0884 0.1697 0.1154 -0.0041 -0.0266 -0.0154 43  LEU A HB2    
366 H HB3    A LEU A 20 ? 0.0511 0.1645 0.0884 -0.0038 -0.0315 -0.0073 43  LEU A HB3    
367 H HB3    B LEU A 20 ? 0.0862 0.1703 0.1205 -0.0079 -0.0301 -0.0166 43  LEU A HB3    
368 H HG     A LEU A 20 ? 0.0538 0.1756 0.1053 0.0008  -0.0268 -0.0058 43  LEU A HG     
369 H HG     B LEU A 20 ? 0.1081 0.1960 0.1532 0.0020  -0.0324 -0.0181 43  LEU A HG     
370 H HD11   A LEU A 20 ? 0.0577 0.2005 0.1282 -0.0103 -0.0257 -0.0064 43  LEU A HD11   
371 H HD11   B LEU A 20 ? 0.1368 0.2047 0.1963 0.0137  -0.0211 0.0028  43  LEU A HD11   
372 H HD12   A LEU A 20 ? 0.0614 0.1900 0.1291 -0.0077 -0.0283 -0.0060 43  LEU A HD12   
373 H HD12   B LEU A 20 ? 0.1345 0.2039 0.1954 0.0122  -0.0342 -0.0102 43  LEU A HD12   
374 H HD13   A LEU A 20 ? 0.0569 0.1923 0.1359 -0.0078 -0.0256 -0.0076 43  LEU A HD13   
375 H HD13   B LEU A 20 ? 0.1377 0.2013 0.1867 0.0088  -0.0305 -0.0061 43  LEU A HD13   
376 H HD21   A LEU A 20 ? 0.0590 0.1736 0.1431 0.0105  -0.0236 -0.0223 43  LEU A HD21   
377 H HD21   B LEU A 20 ? 0.1130 0.2168 0.1689 -0.0016 -0.0507 -0.0243 43  LEU A HD21   
378 H HD22   A LEU A 20 ? 0.0628 0.1700 0.1337 0.0109  -0.0244 -0.0204 43  LEU A HD22   
379 H HD22   B LEU A 20 ? 0.1101 0.2154 0.1765 0.0005  -0.0492 -0.0243 43  LEU A HD22   
380 H HD23   A LEU A 20 ? 0.0586 0.1686 0.1340 0.0087  -0.0209 -0.0157 43  LEU A HD23   
381 H HD23   B LEU A 20 ? 0.1102 0.2209 0.1694 -0.0003 -0.0497 -0.0270 43  LEU A HD23   
382 N N      . ASP A 21 ? 0.0862 0.1513 0.0578 -0.0099 -0.0128 -0.0153 44  ASP A N      
383 C CA     . ASP A 21 ? 0.1188 0.1582 0.0613 -0.0188 -0.0110 -0.0144 44  ASP A CA     
384 C C      . ASP A 21 ? 0.1187 0.1569 0.0646 -0.0183 -0.0130 -0.0160 44  ASP A C      
385 O O      . ASP A 21 ? 0.1690 0.1739 0.0760 -0.0235 0.0017  -0.0056 44  ASP A O      
386 C CB     . ASP A 21 ? 0.1533 0.1778 0.0483 -0.0295 -0.0177 -0.0137 44  ASP A CB     
387 C CG     . ASP A 21 ? 0.2031 0.1929 0.0959 -0.0216 -0.0136 0.0053  44  ASP A CG     
388 O OD1    . ASP A 21 ? 0.2148 0.2152 0.1416 0.0197  -0.0064 -0.0288 44  ASP A OD1    
389 O OD2    . ASP A 21 ? 0.2423 0.2057 0.0783 -0.0395 -0.0148 -0.0270 44  ASP A OD2    
390 H H      . ASP A 21 ? 0.0864 0.1544 0.0661 -0.0139 -0.0166 -0.0144 44  ASP A H      
391 H HA     . ASP A 21 ? 0.1173 0.1623 0.0643 -0.0166 -0.0126 -0.0144 44  ASP A HA     
392 H HB2    . ASP A 21 ? 0.1488 0.1734 0.0617 -0.0240 -0.0162 -0.0090 44  ASP A HB2    
393 H HB3    . ASP A 21 ? 0.1501 0.1718 0.0613 -0.0230 -0.0212 -0.0038 44  ASP A HB3    
394 N N      . ARG A 22 ? 0.1051 0.1529 0.0748 -0.0068 -0.0192 -0.0107 45  ARG A N      
395 C CA     . ARG A 22 ? 0.1191 0.1586 0.1009 -0.0074 -0.0375 0.0027  45  ARG A CA     
396 C C      . ARG A 22 ? 0.1407 0.1812 0.1383 -0.0310 -0.0511 0.0204  45  ARG A C      
397 O O      . ARG A 22 ? 0.1859 0.1813 0.2442 -0.0344 -0.0676 0.0565  45  ARG A O      
398 C CB     . ARG A 22 ? 0.1289 0.1682 0.1296 0.0167  -0.0364 -0.0012 45  ARG A CB     
399 C CG     . ARG A 22 ? 0.1359 0.2020 0.1328 0.0129  -0.0341 -0.0105 45  ARG A CG     
400 C CD     . ARG A 22 ? 0.1241 0.2014 0.1273 -0.0095 -0.0565 -0.0283 45  ARG A CD     
401 N NE     . ARG A 22 ? 0.1244 0.2022 0.1237 -0.0191 -0.0441 -0.0106 45  ARG A NE     
402 C CZ     . ARG A 22 ? 0.1226 0.2163 0.1400 -0.0152 -0.0261 0.0017  45  ARG A CZ     
403 N NH1    . ARG A 22 ? 0.1421 0.2081 0.1631 -0.0009 -0.0561 -0.0031 45  ARG A NH1    
404 N NH2    . ARG A 22 ? 0.1246 0.2538 0.1119 -0.0088 -0.0426 -0.0112 45  ARG A NH2    
405 H H      . ARG A 22 ? 0.1104 0.1542 0.0784 -0.0096 -0.0199 -0.0071 45  ARG A H      
406 H HA     . ARG A 22 ? 0.1229 0.1647 0.0990 -0.0084 -0.0353 0.0001  45  ARG A HA     
407 H HB2    . ARG A 22 ? 0.1272 0.1708 0.1258 0.0083  -0.0346 -0.0040 45  ARG A HB2    
408 H HB3    . ARG A 22 ? 0.1285 0.1658 0.1239 0.0087  -0.0363 -0.0017 45  ARG A HB3    
409 H HG2    . ARG A 22 ? 0.1251 0.1982 0.1234 0.0059  -0.0387 -0.0139 45  ARG A HG2    
410 H HG3    . ARG A 22 ? 0.1298 0.1932 0.1293 0.0084  -0.0394 -0.0134 45  ARG A HG3    
411 H HD2    . ARG A 22 ? 0.1275 0.2038 0.1302 -0.0071 -0.0476 -0.0181 45  ARG A HD2    
412 H HD3    . ARG A 22 ? 0.1276 0.1982 0.1265 -0.0080 -0.0484 -0.0171 45  ARG A HD3    
413 H HE     . ARG A 22 ? 0.1234 0.2049 0.1261 -0.0151 -0.0427 -0.0137 45  ARG A HE     
414 H HH11   . ARG A 22 ? 0.1390 0.2039 0.1539 -0.0062 -0.0429 -0.0001 45  ARG A HH11   
415 H HH12   . ARG A 22 ? 0.1378 0.2073 0.1543 -0.0050 -0.0452 -0.0014 45  ARG A HH12   
416 H HH21   . ARG A 22 ? 0.1186 0.2439 0.1187 -0.0106 -0.0383 -0.0023 45  ARG A HH21   
417 H HH22   . ARG A 22 ? 0.1249 0.2417 0.1208 -0.0116 -0.0377 -0.0061 45  ARG A HH22   
418 N N      A LEU A 23 ? 0.1940 0.1719 0.1773 -0.0532 -0.1049 0.0139  46  LEU A N      
419 N N      B LEU A 23 ? 0.1739 0.1945 0.1129 -0.0330 -0.0813 -0.0005 46  LEU A N      
420 C CA     A LEU A 23 ? 0.1909 0.2144 0.2040 -0.0767 -0.1004 0.0046  46  LEU A CA     
421 C CA     B LEU A 23 ? 0.1594 0.2369 0.1517 -0.0322 -0.0801 -0.0275 46  LEU A CA     
422 C C      A LEU A 23 ? 0.1886 0.3159 0.1749 -0.1126 -0.1165 -0.0289 46  LEU A C      
423 C C      B LEU A 23 ? 0.1658 0.3001 0.1776 -0.0901 -0.0603 -0.0521 46  LEU A C      
424 O O      A LEU A 23 ? 0.2624 0.3637 0.2421 -0.1722 -0.0753 -0.0194 46  LEU A O      
425 O O      B LEU A 23 ? 0.2596 0.3470 0.1738 -0.1442 -0.0089 -0.0272 46  LEU A O      
426 C CB     A LEU A 23 ? 0.1852 0.2421 0.1980 -0.0430 -0.1018 -0.0312 46  LEU A CB     
427 C CB     B LEU A 23 ? 0.2285 0.2258 0.1307 -0.0321 -0.1132 -0.0579 46  LEU A CB     
428 C CG     A LEU A 23 ? 0.1410 0.2310 0.1415 -0.0625 -0.0842 -0.0306 46  LEU A CG     
429 C CG     B LEU A 23 ? 0.3559 0.2909 0.1307 -0.0926 -0.1038 -0.0574 46  LEU A CG     
430 C CD1    A LEU A 23 ? 0.1493 0.3397 0.2057 -0.0229 -0.0113 -0.0491 46  LEU A CD1    
431 C CD1    B LEU A 23 ? 0.4172 0.4789 0.1860 -0.0124 -0.2166 -0.1292 46  LEU A CD1    
432 C CD2    A LEU A 23 ? 0.1271 0.3032 0.1258 -0.0325 -0.0858 -0.0592 46  LEU A CD2    
433 C CD2    B LEU A 23 ? 0.4640 0.3389 0.2044 -0.0670 -0.0557 -0.1079 46  LEU A CD2    
434 H H      A LEU A 23 ? 0.1718 0.1739 0.1609 -0.0456 -0.0814 0.0126  46  LEU A H      
435 H H      B LEU A 23 ? 0.1449 0.1895 0.1149 -0.0260 -0.0605 -0.0043 46  LEU A H      
436 H HA     A LEU A 23 ? 0.1862 0.2236 0.1899 -0.0679 -0.0993 -0.0024 46  LEU A HA     
437 H HA     B LEU A 23 ? 0.1728 0.2307 0.1469 -0.0417 -0.0803 -0.0259 46  LEU A HA     
438 H HB2    A LEU A 23 ? 0.1817 0.2415 0.1857 -0.0483 -0.0952 -0.0216 46  LEU A HB2    
439 H HB2    B LEU A 23 ? 0.2207 0.2252 0.1338 -0.0366 -0.0942 -0.0508 46  LEU A HB2    
440 H HB3    A LEU A 23 ? 0.1870 0.2343 0.1879 -0.0530 -0.1011 -0.0239 46  LEU A HB3    
441 H HB3    B LEU A 23 ? 0.2329 0.2347 0.1366 -0.0440 -0.0994 -0.0497 46  LEU A HB3    
442 H HG     A LEU A 23 ? 0.1367 0.2401 0.1486 -0.0557 -0.0746 -0.0464 46  LEU A HG     
443 H HG     B LEU A 23 ? 0.3173 0.2835 0.1438 -0.0551 -0.1046 -0.0696 46  LEU A HG     
444 H HD11   A LEU A 23 ? 0.1455 0.3062 0.1934 -0.0384 -0.0402 -0.0447 46  LEU A HD11   
445 H HD11   B LEU A 23 ? 0.3956 0.4425 0.1787 -0.0416 -0.1747 -0.0905 46  LEU A HD11   
446 H HD12   A LEU A 23 ? 0.1469 0.3220 0.1854 -0.0461 -0.0333 -0.0484 46  LEU A HD12   
447 H HD12   B LEU A 23 ? 0.4052 0.4168 0.2130 -0.0396 -0.1891 -0.1032 46  LEU A HD12   
448 H HD13   A LEU A 23 ? 0.1474 0.3253 0.1940 -0.0313 -0.0303 -0.0266 46  LEU A HD13   
449 H HD13   B LEU A 23 ? 0.4239 0.4318 0.1755 -0.0229 -0.1734 -0.0989 46  LEU A HD13   
450 H HD21   A LEU A 23 ? 0.1289 0.2854 0.1330 -0.0429 -0.0798 -0.0448 46  LEU A HD21   
451 H HD21   B LEU A 23 ? 0.4546 0.3245 0.1950 -0.0673 -0.0540 -0.0858 46  LEU A HD21   
452 H HD22   A LEU A 23 ? 0.1322 0.2836 0.1313 -0.0465 -0.0799 -0.0539 46  LEU A HD22   
453 H HD22   B LEU A 23 ? 0.4439 0.3250 0.1944 -0.0737 -0.0734 -0.0946 46  LEU A HD22   
454 H HD23   A LEU A 23 ? 0.1306 0.2670 0.1302 -0.0438 -0.0829 -0.0514 46  LEU A HD23   
455 H HD23   B LEU A 23 ? 0.4373 0.3347 0.2047 -0.0794 -0.0604 -0.1056 46  LEU A HD23   
456 N N      A NH2 A 24 ? 0.1628 0.3933 0.2749 -0.0950 -0.0625 -0.0605 47  NH2 A N      
457 N N      B NH2 A 24 ? 0.1692 0.4326 0.1632 -0.0744 -0.0321 -0.1303 47  NH2 A N      
458 C C1     . BOG B .  ? 0.0840 0.1333 0.0843 -0.0074 -0.0138 -0.0299 101 BOG A C1     
459 O O1     . BOG B .  ? 0.0902 0.1508 0.0978 -0.0141 -0.0087 -0.0455 101 BOG A O1     
460 C C2     . BOG B .  ? 0.0870 0.1467 0.0840 0.0072  -0.0199 -0.0195 101 BOG A C2     
461 O O2     . BOG B .  ? 0.1169 0.1621 0.1125 0.0228  -0.0203 -0.0056 101 BOG A O2     
462 C C3     . BOG B .  ? 0.0876 0.1588 0.0727 0.0111  -0.0243 -0.0210 101 BOG A C3     
463 O O3     . BOG B .  ? 0.1222 0.2171 0.0714 0.0275  -0.0368 -0.0326 101 BOG A O3     
464 C C4     . BOG B .  ? 0.0831 0.1489 0.0616 0.0094  -0.0226 -0.0291 101 BOG A C4     
465 O O4     . BOG B .  ? 0.0937 0.1897 0.0745 0.0154  -0.0079 -0.0269 101 BOG A O4     
466 C C5     . BOG B .  ? 0.0755 0.1464 0.0590 -0.0011 -0.0179 -0.0270 101 BOG A C5     
467 O O5     . BOG B .  ? 0.0806 0.1427 0.0627 -0.0047 -0.0186 -0.0248 101 BOG A O5     
468 C C6     . BOG B .  ? 0.0709 0.1609 0.0857 -0.0006 -0.0284 -0.0152 101 BOG A C6     
469 O O6     . BOG B .  ? 0.0809 0.1541 0.0790 -0.0026 -0.0297 -0.0155 101 BOG A O6     
470 C "C1'"  . BOG B .  ? 0.0911 0.1636 0.1053 -0.0137 -0.0057 -0.0527 101 BOG A "C1'"  
471 C "C2'"  . BOG B .  ? 0.0966 0.1746 0.1182 0.0084  -0.0042 -0.0447 101 BOG A "C2'"  
472 C "C3'"  . BOG B .  ? 0.1012 0.1898 0.1446 0.0143  -0.0167 -0.0610 101 BOG A "C3'"  
473 C "C4'"  . BOG B .  ? 0.1245 0.1996 0.1168 0.0392  -0.0244 -0.0716 101 BOG A "C4'"  
474 C "C5'"  . BOG B .  ? 0.1431 0.2427 0.1592 0.0399  -0.0390 -0.1087 101 BOG A "C5'"  
475 C "C6'"  . BOG B .  ? 0.1501 0.3321 0.2469 0.0713  -0.0710 -0.1485 101 BOG A "C6'"  
476 C "C7'"  . BOG B .  ? 0.2556 0.5026 0.2227 0.1061  -0.0858 -0.2253 101 BOG A "C7'"  
477 C "C8'"  . BOG B .  ? 0.2260 0.6953 0.2658 0.1531  -0.1161 -0.2699 101 BOG A "C8'"  
478 H H1     . BOG B .  ? 0.0812 0.1399 0.0820 -0.0079 -0.0143 -0.0303 101 BOG A H1     
479 H H2     . BOG B .  ? 0.0893 0.1470 0.0869 0.0056  -0.0194 -0.0195 101 BOG A H2     
480 H HO2    . BOG B .  ? 0.1318 0.1318 0.1318 0.0000  0.0000  0.0000  101 BOG A HO2    
481 H H3     . BOG B .  ? 0.0886 0.1609 0.0719 0.0097  -0.0242 -0.0234 101 BOG A H3     
482 H HO3    . BOG B .  ? 0.1351 0.1351 0.1351 0.0000  0.0000  0.0000  101 BOG A HO3    
483 H H4     . BOG B .  ? 0.0831 0.1557 0.0659 0.0072  -0.0199 -0.0263 101 BOG A H4     
484 H HO4    . BOG B .  ? 0.1185 0.1185 0.1185 0.0000  0.0000  0.0000  101 BOG A HO4    
485 H H5     . BOG B .  ? 0.0761 0.1463 0.0667 -0.0018 -0.0202 -0.0253 101 BOG A H5     
486 H H61    . BOG B .  ? 0.0773 0.1566 0.0786 -0.0021 -0.0265 -0.0168 101 BOG A H61    
487 H H62    . BOG B .  ? 0.0749 0.1545 0.0795 -0.0016 -0.0222 -0.0142 101 BOG A H62    
488 H HO6    . BOG B .  ? 0.1039 0.1039 0.1039 0.0000  0.0000  0.0000  101 BOG A HO6    
489 H "H1'1" . BOG B .  ? 0.0962 0.1647 0.1079 -0.0085 -0.0052 -0.0513 101 BOG A "H1'1" 
490 H "H1'2" . BOG B .  ? 0.0919 0.1615 0.1059 -0.0090 -0.0063 -0.0488 101 BOG A "H1'2" 
491 H "H2'1" . BOG B .  ? 0.0962 0.1700 0.1194 0.0036  -0.0072 -0.0481 101 BOG A "H2'1" 
492 H "H2'2" . BOG B .  ? 0.0959 0.1713 0.1193 0.0029  -0.0065 -0.0479 101 BOG A "H2'2" 
493 H "H3'1" . BOG B .  ? 0.1055 0.1905 0.1342 0.0188  -0.0164 -0.0614 101 BOG A "H3'1" 
494 H "H3'2" . BOG B .  ? 0.1065 0.1876 0.1336 0.0179  -0.0184 -0.0578 101 BOG A "H3'2" 
495 H "H4'1" . BOG B .  ? 0.1210 0.1992 0.1292 0.0312  -0.0239 -0.0722 101 BOG A "H4'1" 
496 H "H4'2" . BOG B .  ? 0.1163 0.1996 0.1275 0.0293  -0.0227 -0.0722 101 BOG A "H4'2" 
497 H "H5'1" . BOG B .  ? 0.1387 0.2455 0.1631 0.0453  -0.0402 -0.1042 101 BOG A "H5'1" 
498 H "H5'2" . BOG B .  ? 0.1385 0.2519 0.1642 0.0473  -0.0408 -0.1058 101 BOG A "H5'2" 
499 H "H6'1" . BOG B .  ? 0.1701 0.3448 0.2155 0.0700  -0.0661 -0.1506 101 BOG A "H6'1" 
500 H "H6'2" . BOG B .  ? 0.1702 0.3429 0.2181 0.0679  -0.0692 -0.1491 101 BOG A "H6'2" 
501 H "H7'1" . BOG B .  ? 0.2195 0.4975 0.2442 0.1074  -0.0904 -0.2156 101 BOG A "H7'1" 
502 H "H7'2" . BOG B .  ? 0.2211 0.4733 0.2412 0.0971  -0.0936 -0.1986 101 BOG A "H7'2" 
503 H "H8'1" . BOG B .  ? 0.2043 0.6265 0.2625 0.1188  -0.0842 -0.2214 101 BOG A "H8'1" 
504 H "H8'2" . BOG B .  ? 0.2154 0.6000 0.2527 0.1181  -0.1031 -0.2286 101 BOG A "H8'2" 
505 H "H8'3" . BOG B .  ? 0.2263 0.6471 0.2730 0.1423  -0.1120 -0.2697 101 BOG A "H8'3" 
506 C "C1'"  . BOG C .  ? 1.0966 0.7507 0.6844 0.3829  -0.1945 -0.3435 102 BOG A "C1'"  
507 C "C2'"  . BOG C .  ? 0.9451 0.8975 0.5727 0.3730  -0.2333 -0.4666 102 BOG A "C2'"  
508 C "C3'"  . BOG C .  ? 0.7508 0.6638 0.6689 0.3577  -0.5295 -0.3331 102 BOG A "C3'"  
509 C "C4'"  . BOG C .  ? 0.7630 0.5299 0.7475 0.3332  -0.3834 -0.2565 102 BOG A "C4'"  
510 C "C5'"  . BOG C .  ? 0.6579 0.2933 0.8568 0.2085  -0.4406 -0.2655 102 BOG A "C5'"  
511 C "C6'"  . BOG C .  ? 0.6806 0.4226 0.9364 0.0674  -0.3744 -0.4110 102 BOG A "C6'"  
512 C "C7'"  . BOG C .  ? 0.8838 0.4935 0.9250 -0.0765 -0.3909 -0.2570 102 BOG A "C7'"  
513 C "C8'"  . BOG C .  ? 1.3516 0.6399 0.7242 -0.1108 -0.3971 -0.4403 102 BOG A "C8'"  
514 H "H1'2" . BOG C .  ? 0.7753 0.8841 0.6437 0.5127  -0.1719 -0.4734 102 BOG A "H1'2" 
515 H "H2'1" . BOG C .  ? 0.9969 0.7170 0.6241 0.3945  -0.2509 -0.4064 102 BOG A "H2'1" 
516 H "H2'2" . BOG C .  ? 0.8906 0.7720 0.5173 0.3937  -0.2999 -0.3820 102 BOG A "H2'2" 
517 H "H3'1" . BOG C .  ? 0.7283 0.6367 0.6883 0.3578  -0.4084 -0.3524 102 BOG A "H3'1" 
518 H "H3'2" . BOG C .  ? 0.7122 0.6480 0.6678 0.3084  -0.3501 -0.3519 102 BOG A "H3'2" 
519 H "H4'1" . BOG C .  ? 0.7735 0.4983 0.7191 0.2662  -0.3656 -0.3166 102 BOG A "H4'1" 
520 H "H4'2" . BOG C .  ? 0.7774 0.5282 0.6466 0.3133  -0.3206 -0.1995 102 BOG A "H4'2" 
521 H "H5'1" . BOG C .  ? 0.6552 0.3635 0.8545 0.1492  -0.3928 -0.2767 102 BOG A "H5'1" 
522 H "H5'2" . BOG C .  ? 0.6285 0.4305 0.8366 0.1966  -0.4155 -0.2951 102 BOG A "H5'2" 
523 H "H6'1" . BOG C .  ? 0.7353 0.4318 0.9035 0.0427  -0.3664 -0.3640 102 BOG A "H6'1" 
524 H "H6'2" . BOG C .  ? 0.7001 0.4166 0.8859 0.0327  -0.3841 -0.3466 102 BOG A "H6'2" 
525 H "H7'1" . BOG C .  ? 0.9128 0.4988 0.8509 -0.0014 -0.3339 -0.3013 102 BOG A "H7'1" 
526 H "H7'2" . BOG C .  ? 0.9074 0.4748 0.8513 -0.0326 -0.3804 -0.3011 102 BOG A "H7'2" 
527 H "H8'1" . BOG C .  ? 1.3115 0.6666 0.7969 -0.0610 -0.3766 -0.3617 102 BOG A "H8'1" 
528 H "H8'2" . BOG C .  ? 1.2242 0.6624 0.8092 -0.0525 -0.3773 -0.3680 102 BOG A "H8'2" 
529 H "H8'3" . BOG C .  ? 1.2070 0.6288 0.7679 -0.0827 -0.4358 -0.3594 102 BOG A "H8'3" 
530 C "C1'"  . BOG D .  ? 0.5330 0.9574 1.2666 -0.3490 -0.0180 -0.5010 103 BOG A "C1'"  
531 C "C2'"  . BOG D .  ? 0.9142 0.9926 1.2514 -0.0219 0.0626  -0.5386 103 BOG A "C2'"  
532 C "C3'"  . BOG D .  ? 0.9384 0.5463 1.0763 0.0947  0.0847  -0.4783 103 BOG A "C3'"  
533 C "C4'"  . BOG D .  ? 0.6071 0.7059 0.8145 0.1111  0.0104  -0.3510 103 BOG A "C4'"  
534 C "C5'"  . BOG D .  ? 0.6080 0.4469 0.6039 0.1794  -0.1017 -0.2943 103 BOG A "C5'"  
535 C "C6'"  . BOG D .  ? 0.3733 0.3767 0.7428 0.0593  -0.0757 -0.1498 103 BOG A "C6'"  
536 C "C7'"  . BOG D .  ? 0.4958 0.3205 0.5829 0.1021  -0.0348 -0.0934 103 BOG A "C7'"  
537 C "C8'"  . BOG D .  ? 0.5204 0.1871 0.2383 0.0972  -0.1479 -0.0626 103 BOG A "C8'"  
538 H "H2'1" . BOG D .  ? 0.9041 0.8042 1.2128 -0.0963 0.0107  -0.5457 103 BOG A "H2'1" 
539 H "H2'2" . BOG D .  ? 0.8668 0.8690 1.2179 -0.1008 0.0267  -0.4852 103 BOG A "H2'2" 
540 H "H3'1" . BOG D .  ? 0.8916 0.6735 1.0283 0.0746  0.0389  -0.4704 103 BOG A "H3'1" 
541 H "H3'2" . BOG D .  ? 0.7665 0.6039 0.9030 0.0110  0.0913  -0.4397 103 BOG A "H3'2" 
542 H "H4'1" . BOG D .  ? 0.6342 0.6196 0.8481 0.0768  0.0174  -0.3141 103 BOG A "H4'1" 
543 H "H4'2" . BOG D .  ? 0.6279 0.5896 0.8046 0.1034  -0.0168 -0.3370 103 BOG A "H4'2" 
544 H "H5'1" . BOG D .  ? 0.4548 0.3901 0.5600 0.0819  -0.0354 -0.2485 103 BOG A "H5'1" 
545 H "H5'2" . BOG D .  ? 0.5692 0.4460 0.6507 0.1432  -0.0448 -0.2383 103 BOG A "H5'2" 
546 H "H6'1" . BOG D .  ? 0.4662 0.3949 0.6779 0.0976  -0.0611 -0.1783 103 BOG A "H6'1" 
547 H "H6'2" . BOG D .  ? 0.4579 0.3748 0.6766 0.0953  -0.0650 -0.1503 103 BOG A "H6'2" 
548 H "H7'1" . BOG D .  ? 0.4937 0.3108 0.5813 0.1011  -0.0518 -0.0794 103 BOG A "H7'1" 
549 H "H7'2" . BOG D .  ? 0.4895 0.3125 0.5513 0.0805  -0.0619 -0.1099 103 BOG A "H7'2" 
550 H "H8'1" . BOG D .  ? 0.4828 0.1986 0.2837 0.0826  -0.1152 -0.0568 103 BOG A "H8'1" 
551 H "H8'2" . BOG D .  ? 0.4657 0.1967 0.2792 0.0942  -0.1230 -0.0599 103 BOG A "H8'2" 
552 H "H8'3" . BOG D .  ? 0.4425 0.1904 0.3030 0.0536  -0.1036 -0.0461 103 BOG A "H8'3" 
553 O O      . HOH E .  ? 0.0843 0.1692 0.0883 0.0337  -0.0119 -0.0149 201 HOH A O      
554 O O      . HOH E .  ? 0.1871 0.1785 0.1854 -0.0104 0.0129  -0.0251 202 HOH A O      
555 O O      . HOH E .  ? 0.2150 0.4083 0.1868 -0.1083 0.0350  -0.1191 203 HOH A O      
556 O O      . HOH E .  ? 0.3330 0.4290 0.2023 0.1692  -0.0736 -0.1440 204 HOH A O      
557 O O      . HOH E .  ? 0.1713 0.2971 0.2952 0.0109  0.0565  -0.0216 205 HOH A O      
558 O O      . HOH E .  ? 0.3681 0.5181 0.2552 0.0278  0.0498  -0.0441 206 HOH A O      
559 O O      . HOH E .  ? 0.2964 0.4837 0.6080 0.0415  -0.0600 0.0057  207 HOH A O      
560 O O      . HOH E .  ? 0.5964 0.5009 0.2748 0.0034  0.1265  -0.0333 208 HOH A O      
561 O O      . HOH E .  ? 0.1411 0.2940 0.4675 0.0039  -0.0550 0.0225  209 HOH A O      
562 O O      . HOH E .  ? 0.3947 0.4333 0.2334 -0.0134 -0.0436 -0.0559 210 HOH A O      
563 O O      . HOH E .  ? 0.4549 0.3910 0.4777 -0.0481 -0.2734 0.1754  211 HOH A O      
564 O O      . HOH E .  ? 0.3947 0.4987 0.2559 -0.1126 -0.0335 -0.0432 212 HOH A O      
565 O O      . HOH E .  ? 0.6404 0.3785 0.5030 0.1908  0.1135  0.1447  213 HOH A O      
566 O O      . HOH E .  ? 0.4098 0.2378 0.2074 -0.0470 0.0265  -0.0872 214 HOH A O      
567 O O      . HOH E .  ? 0.0701 0.1555 0.0865 -0.0021 -0.0153 -0.0177 215 HOH A O      
568 O O      . HOH E .  ? 0.7482 0.7602 0.6556 0.0024  -0.3471 0.1486  216 HOH A O      
569 O O      . HOH E .  ? 0.3638 0.4758 0.3437 -0.0778 -0.1340 0.0190  217 HOH A O      
570 O O      . HOH E .  ? 0.5401 0.2925 0.2993 0.0885  -0.1274 -0.0776 218 HOH A O      
571 O O      . HOH E .  ? 0.7021 0.7735 0.4102 0.1006  -0.1766 0.0324  219 HOH A O      
572 O O      . HOH E .  ? 1.3449 0.6216 0.5142 -0.1819 -0.4994 -0.1257 220 HOH A O      
573 O O      . HOH E .  ? 0.3581 0.8510 0.5939 -0.1676 -0.0699 0.0792  221 HOH A O      
574 O O      . HOH E .  ? 0.5899 1.0219 0.5137 0.3004  -0.2014 -0.4370 222 HOH A O      
575 O O      . HOH E .  ? 0.6159 0.7162 0.3931 -0.2206 -0.0397 -0.1708 223 HOH A O      
576 O O      . HOH E .  ? 1.0801 0.3807 0.7834 -0.0496 -0.3704 0.0123  224 HOH A O      
577 O O      . HOH E .  ? 0.4204 1.1580 0.7972 -0.0054 -0.0894 -0.0983 225 HOH A O      
578 O O      . HOH E .  ? 0.5064 0.7078 1.1691 -0.2326 -0.4676 0.3743  226 HOH A O      
579 O O      . HOH E .  ? 0.8666 0.8072 0.7608 -0.0165 0.1202  0.0672  227 HOH A O      
580 O O      . HOH E .  ? 0.7303 0.8271 0.5125 0.0557  0.0911  -0.1032 228 HOH A O      
# 
